data_2O3D
#
_entry.id   2O3D
#
_entity_poly.entity_id   1
_entity_poly.type   'polypeptide(L)'
_entity_poly.pdbx_seq_one_letter_code
;MAPRGRYGPPSRRSENRVVVSGLPPSGSWQDLKDHMREAGDVCYADVYRDGTGVVEFVRKEDMTYAVRKLDNTKFRSHEG
ETAYIRVKVDGPRSPSYGRSRSRSRSRSRSLEH
;
_entity_poly.pdbx_strand_id   A
#
# COMPACT_ATOMS: atom_id res chain seq x y z
N MET A 1 -11.95 -6.88 -12.29
CA MET A 1 -10.61 -7.51 -12.25
C MET A 1 -9.66 -6.89 -13.27
N ALA A 2 -10.23 -6.33 -14.33
CA ALA A 2 -9.44 -5.70 -15.39
C ALA A 2 -9.62 -4.18 -15.36
N PRO A 3 -8.53 -3.43 -15.11
CA PRO A 3 -8.58 -1.96 -15.07
C PRO A 3 -8.81 -1.34 -16.44
N ARG A 4 -8.64 -0.02 -16.53
CA ARG A 4 -8.82 0.69 -17.79
C ARG A 4 -8.31 2.12 -17.68
N GLY A 5 -8.29 2.83 -18.81
CA GLY A 5 -7.83 4.20 -18.81
C GLY A 5 -8.78 5.13 -19.53
N ARG A 6 -10.08 4.82 -19.46
CA ARG A 6 -11.09 5.63 -20.12
C ARG A 6 -12.42 5.55 -19.38
N TYR A 7 -12.70 6.57 -18.56
CA TYR A 7 -13.94 6.61 -17.80
C TYR A 7 -14.08 7.96 -17.09
N GLY A 8 -12.98 8.45 -16.54
CA GLY A 8 -13.02 9.72 -15.84
C GLY A 8 -11.64 10.37 -15.79
N PRO A 9 -11.50 11.61 -16.30
CA PRO A 9 -10.22 12.33 -16.29
C PRO A 9 -9.72 12.61 -14.87
N PRO A 10 -8.65 11.91 -14.44
CA PRO A 10 -8.09 12.09 -13.10
C PRO A 10 -7.67 13.54 -12.84
N SER A 11 -7.60 13.90 -11.56
CA SER A 11 -7.21 15.26 -11.17
C SER A 11 -6.77 15.29 -9.71
N ARG A 12 -6.04 14.26 -9.30
CA ARG A 12 -5.55 14.17 -7.93
C ARG A 12 -4.19 13.47 -7.87
N ARG A 13 -4.07 12.36 -8.61
CA ARG A 13 -2.82 11.60 -8.64
C ARG A 13 -2.67 10.74 -7.39
N SER A 14 -2.67 11.40 -6.23
CA SER A 14 -2.53 10.70 -4.96
C SER A 14 -1.10 10.23 -4.74
N GLU A 15 -0.77 9.89 -3.51
CA GLU A 15 0.57 9.43 -3.17
C GLU A 15 0.76 7.96 -3.55
N ASN A 16 -0.33 7.27 -3.87
CA ASN A 16 -0.27 5.86 -4.24
C ASN A 16 0.16 5.01 -3.05
N ARG A 17 -0.74 4.12 -2.62
CA ARG A 17 -0.44 3.24 -1.48
C ARG A 17 -1.06 1.86 -1.68
N VAL A 18 -0.36 0.83 -1.21
CA VAL A 18 -0.83 -0.54 -1.34
C VAL A 18 -1.17 -1.13 0.04
N VAL A 19 -1.89 -2.24 0.05
CA VAL A 19 -2.27 -2.88 1.29
C VAL A 19 -1.66 -4.28 1.38
N VAL A 20 -1.27 -4.66 2.60
CA VAL A 20 -0.68 -5.97 2.83
C VAL A 20 -1.51 -6.80 3.81
N SER A 21 -1.42 -8.12 3.69
CA SER A 21 -2.18 -9.02 4.56
C SER A 21 -1.36 -10.26 4.90
N GLY A 22 -1.16 -10.50 6.19
CA GLY A 22 -0.39 -11.64 6.63
C GLY A 22 0.68 -11.28 7.64
N LEU A 23 0.33 -10.41 8.58
CA LEU A 23 1.27 -9.96 9.61
C LEU A 23 1.26 -10.93 10.80
N PRO A 24 2.42 -11.15 11.42
CA PRO A 24 2.54 -12.05 12.58
C PRO A 24 1.98 -11.42 13.85
N PRO A 25 1.85 -12.22 14.93
CA PRO A 25 1.33 -11.74 16.21
C PRO A 25 2.21 -10.66 16.84
N SER A 26 3.50 -10.70 16.49
CA SER A 26 4.45 -9.71 17.01
C SER A 26 5.17 -9.00 15.88
N GLY A 27 4.45 -8.10 15.21
CA GLY A 27 5.04 -7.36 14.12
C GLY A 27 4.66 -5.88 14.14
N SER A 28 5.34 -5.09 13.32
CA SER A 28 5.08 -3.65 13.25
C SER A 28 5.30 -3.13 11.84
N TRP A 29 4.85 -1.90 11.59
CA TRP A 29 5.00 -1.29 10.28
C TRP A 29 6.47 -1.05 9.95
N GLN A 30 7.22 -0.58 10.94
CA GLN A 30 8.64 -0.31 10.77
C GLN A 30 9.38 -1.58 10.34
N ASP A 31 8.96 -2.72 10.88
CA ASP A 31 9.58 -3.99 10.55
C ASP A 31 9.20 -4.44 9.14
N LEU A 32 8.00 -4.04 8.70
CA LEU A 32 7.52 -4.39 7.37
C LEU A 32 8.27 -3.63 6.29
N LYS A 33 8.50 -2.34 6.55
CA LYS A 33 9.22 -1.50 5.60
C LYS A 33 10.56 -2.12 5.22
N ASP A 34 11.28 -2.60 6.22
CA ASP A 34 12.59 -3.23 6.00
C ASP A 34 12.49 -4.38 5.01
N HIS A 35 11.31 -4.99 4.94
CA HIS A 35 11.08 -6.11 4.04
C HIS A 35 10.67 -5.61 2.66
N MET A 36 9.82 -4.60 2.64
CA MET A 36 9.34 -4.00 1.39
C MET A 36 10.43 -3.17 0.73
N ARG A 37 11.40 -2.72 1.53
CA ARG A 37 12.50 -1.90 1.03
C ARG A 37 13.09 -2.50 -0.24
N GLU A 38 13.01 -3.83 -0.36
CA GLU A 38 13.54 -4.53 -1.53
C GLU A 38 12.89 -4.00 -2.81
N ALA A 39 11.64 -3.56 -2.69
CA ALA A 39 10.90 -3.02 -3.83
C ALA A 39 11.52 -1.71 -4.30
N GLY A 40 12.12 -0.99 -3.36
CA GLY A 40 12.73 0.29 -3.68
C GLY A 40 12.89 1.18 -2.47
N ASP A 41 12.52 2.45 -2.63
CA ASP A 41 12.62 3.41 -1.52
C ASP A 41 11.25 3.70 -0.93
N VAL A 42 10.99 3.11 0.23
CA VAL A 42 9.73 3.30 0.92
C VAL A 42 9.64 4.69 1.54
N CYS A 43 8.45 5.29 1.49
CA CYS A 43 8.24 6.61 2.05
C CYS A 43 7.32 6.55 3.27
N TYR A 44 6.42 5.57 3.29
CA TYR A 44 5.49 5.42 4.40
C TYR A 44 5.03 3.96 4.52
N ALA A 45 4.76 3.53 5.75
CA ALA A 45 4.31 2.17 6.00
C ALA A 45 3.58 2.08 7.33
N ASP A 46 2.37 1.53 7.29
CA ASP A 46 1.56 1.37 8.49
C ASP A 46 0.94 -0.02 8.56
N VAL A 47 0.65 -0.48 9.76
CA VAL A 47 0.05 -1.80 9.96
C VAL A 47 -0.95 -1.78 11.10
N TYR A 48 -2.18 -2.20 10.81
CA TYR A 48 -3.25 -2.25 11.81
C TYR A 48 -3.15 -3.51 12.65
N ARG A 49 -3.67 -3.45 13.87
CA ARG A 49 -3.65 -4.59 14.78
C ARG A 49 -4.60 -5.70 14.30
N ASP A 50 -5.46 -5.37 13.33
CA ASP A 50 -6.41 -6.34 12.80
C ASP A 50 -5.68 -7.49 12.10
N GLY A 51 -4.55 -7.17 11.49
CA GLY A 51 -3.78 -8.20 10.79
C GLY A 51 -3.24 -7.70 9.46
N THR A 52 -3.97 -6.79 8.82
CA THR A 52 -3.55 -6.24 7.54
C THR A 52 -2.78 -4.94 7.72
N GLY A 53 -2.03 -4.55 6.70
CA GLY A 53 -1.25 -3.32 6.77
C GLY A 53 -1.30 -2.54 5.48
N VAL A 54 -0.41 -1.56 5.35
CA VAL A 54 -0.34 -0.73 4.15
C VAL A 54 1.06 -0.13 3.98
N VAL A 55 1.49 0.01 2.73
CA VAL A 55 2.79 0.57 2.44
C VAL A 55 2.71 1.61 1.32
N GLU A 56 3.60 2.59 1.37
CA GLU A 56 3.64 3.65 0.37
C GLU A 56 5.06 3.86 -0.16
N PHE A 57 5.17 4.01 -1.48
CA PHE A 57 6.47 4.22 -2.11
C PHE A 57 6.53 5.58 -2.78
N VAL A 58 7.74 6.06 -3.03
CA VAL A 58 7.94 7.36 -3.68
C VAL A 58 7.28 7.38 -5.06
N ARG A 59 7.89 6.65 -6.00
CA ARG A 59 7.37 6.60 -7.36
C ARG A 59 6.58 5.30 -7.59
N LYS A 60 5.69 5.32 -8.57
CA LYS A 60 4.86 4.16 -8.88
C LYS A 60 5.74 2.95 -9.20
N GLU A 61 6.95 3.21 -9.67
CA GLU A 61 7.88 2.14 -10.03
C GLU A 61 8.01 1.13 -8.89
N ASP A 62 8.19 1.63 -7.67
CA ASP A 62 8.33 0.76 -6.51
C ASP A 62 6.99 0.14 -6.13
N MET A 63 5.90 0.83 -6.47
CA MET A 63 4.57 0.34 -6.18
C MET A 63 4.25 -0.91 -6.99
N THR A 64 4.22 -0.77 -8.31
CA THR A 64 3.93 -1.88 -9.20
C THR A 64 4.94 -3.01 -9.01
N TYR A 65 6.17 -2.66 -8.69
CA TYR A 65 7.22 -3.64 -8.47
C TYR A 65 6.90 -4.51 -7.26
N ALA A 66 6.47 -3.86 -6.19
CA ALA A 66 6.14 -4.54 -4.95
C ALA A 66 4.94 -5.46 -5.12
N VAL A 67 3.87 -4.93 -5.71
CA VAL A 67 2.67 -5.72 -5.91
C VAL A 67 2.91 -6.88 -6.86
N ARG A 68 3.95 -6.77 -7.69
CA ARG A 68 4.29 -7.79 -8.64
C ARG A 68 5.33 -8.76 -8.06
N LYS A 69 6.57 -8.30 -8.00
CA LYS A 69 7.67 -9.12 -7.48
C LYS A 69 7.51 -9.46 -6.00
N LEU A 70 7.06 -8.50 -5.20
CA LEU A 70 6.90 -8.72 -3.76
C LEU A 70 5.51 -9.26 -3.43
N ASP A 71 4.85 -9.88 -4.40
CA ASP A 71 3.52 -10.44 -4.18
C ASP A 71 3.60 -11.82 -3.54
N ASN A 72 2.82 -12.02 -2.49
CA ASN A 72 2.81 -13.31 -1.79
C ASN A 72 4.22 -13.74 -1.39
N THR A 73 4.87 -12.93 -0.56
CA THR A 73 6.22 -13.23 -0.11
C THR A 73 6.23 -13.52 1.39
N LYS A 74 7.12 -14.42 1.80
CA LYS A 74 7.24 -14.78 3.21
C LYS A 74 7.87 -13.66 4.03
N PHE A 75 7.07 -13.06 4.90
CA PHE A 75 7.54 -11.96 5.74
C PHE A 75 8.30 -12.50 6.95
N ARG A 76 9.29 -11.74 7.40
CA ARG A 76 10.10 -12.14 8.56
C ARG A 76 10.07 -11.06 9.63
N SER A 77 9.71 -11.46 10.85
CA SER A 77 9.63 -10.53 11.97
C SER A 77 10.91 -10.59 12.80
N HIS A 78 11.31 -9.44 13.34
CA HIS A 78 12.52 -9.34 14.16
C HIS A 78 12.47 -10.33 15.33
N GLU A 79 11.26 -10.75 15.71
CA GLU A 79 11.09 -11.69 16.81
C GLU A 79 11.60 -13.08 16.43
N GLY A 80 11.66 -13.35 15.14
CA GLY A 80 12.14 -14.64 14.68
C GLY A 80 11.01 -15.54 14.19
N GLU A 81 9.96 -14.93 13.66
CA GLU A 81 8.81 -15.68 13.17
C GLU A 81 8.43 -15.23 11.76
N THR A 82 8.21 -16.19 10.87
CA THR A 82 7.84 -15.89 9.49
C THR A 82 6.33 -15.83 9.34
N ALA A 83 5.88 -15.19 8.26
CA ALA A 83 4.45 -15.05 7.99
C ALA A 83 4.19 -14.74 6.52
N TYR A 84 3.29 -15.50 5.91
CA TYR A 84 2.94 -15.30 4.51
C TYR A 84 2.16 -14.01 4.31
N ILE A 85 2.76 -13.06 3.61
CA ILE A 85 2.12 -11.77 3.36
C ILE A 85 1.88 -11.56 1.87
N ARG A 86 0.84 -10.80 1.54
CA ARG A 86 0.50 -10.51 0.15
C ARG A 86 0.28 -9.02 -0.06
N VAL A 87 0.84 -8.48 -1.14
CA VAL A 87 0.70 -7.07 -1.45
C VAL A 87 -0.28 -6.84 -2.60
N LYS A 88 -0.98 -5.72 -2.57
CA LYS A 88 -1.94 -5.39 -3.61
C LYS A 88 -2.16 -3.87 -3.69
N VAL A 89 -2.26 -3.36 -4.90
CA VAL A 89 -2.46 -1.94 -5.13
C VAL A 89 -3.86 -1.51 -4.70
N ASP A 90 -3.91 -0.61 -3.72
CA ASP A 90 -5.18 -0.10 -3.20
C ASP A 90 -6.09 0.36 -4.33
N GLY A 91 -7.23 -0.30 -4.47
CA GLY A 91 -8.18 0.06 -5.50
C GLY A 91 -9.60 0.19 -4.98
N PRO A 92 -10.61 -0.21 -5.77
CA PRO A 92 -12.02 -0.12 -5.36
C PRO A 92 -12.27 -0.78 -4.01
N ARG A 93 -12.12 0.00 -2.95
CA ARG A 93 -12.34 -0.50 -1.59
C ARG A 93 -12.78 0.63 -0.65
N SER A 94 -13.98 0.49 -0.11
CA SER A 94 -14.53 1.50 0.79
C SER A 94 -15.65 0.92 1.65
N PRO A 95 -15.30 0.38 2.83
CA PRO A 95 -16.30 -0.21 3.74
C PRO A 95 -17.47 0.72 4.02
N SER A 96 -17.24 2.02 3.87
CA SER A 96 -18.27 3.02 4.10
C SER A 96 -19.49 2.76 3.21
N TYR A 97 -20.37 3.75 3.13
CA TYR A 97 -21.58 3.63 2.31
C TYR A 97 -21.24 3.15 0.91
N GLY A 98 -22.22 2.55 0.24
CA GLY A 98 -22.00 2.05 -1.10
C GLY A 98 -21.57 3.14 -2.07
N ARG A 99 -22.55 3.92 -2.55
CA ARG A 99 -22.27 5.00 -3.48
C ARG A 99 -21.69 4.47 -4.78
N SER A 100 -22.37 4.72 -5.89
CA SER A 100 -21.92 4.27 -7.20
C SER A 100 -20.54 4.83 -7.51
N ARG A 101 -19.51 4.01 -7.31
CA ARG A 101 -18.14 4.42 -7.58
C ARG A 101 -17.68 3.92 -8.94
N SER A 102 -17.80 2.62 -9.16
CA SER A 102 -17.39 2.01 -10.43
C SER A 102 -18.60 1.44 -11.16
N ARG A 103 -19.67 2.20 -11.21
CA ARG A 103 -20.89 1.77 -11.87
C ARG A 103 -21.24 2.71 -13.03
N SER A 104 -21.67 3.92 -12.70
CA SER A 104 -22.03 4.91 -13.71
C SER A 104 -22.60 6.17 -13.06
N ARG A 105 -23.58 5.99 -12.18
CA ARG A 105 -24.20 7.11 -11.48
C ARG A 105 -25.07 7.95 -12.43
N SER A 106 -25.29 7.43 -13.64
CA SER A 106 -26.10 8.14 -14.64
C SER A 106 -25.40 9.40 -15.13
N ARG A 107 -25.23 10.37 -14.22
CA ARG A 107 -24.57 11.63 -14.56
C ARG A 107 -25.49 12.51 -15.40
N SER A 108 -25.01 13.71 -15.72
CA SER A 108 -25.78 14.65 -16.52
C SER A 108 -27.04 15.08 -15.78
N ARG A 109 -26.94 15.16 -14.46
CA ARG A 109 -28.07 15.55 -13.63
C ARG A 109 -27.60 16.26 -12.36
N SER A 110 -26.53 17.05 -12.50
CA SER A 110 -25.98 17.78 -11.36
C SER A 110 -26.07 19.29 -11.60
N LEU A 111 -25.86 20.05 -10.54
CA LEU A 111 -25.91 21.51 -10.62
C LEU A 111 -24.52 22.10 -10.81
N GLU A 112 -23.81 21.61 -11.82
CA GLU A 112 -22.46 22.10 -12.11
C GLU A 112 -21.97 21.55 -13.44
N HIS A 113 -21.48 20.31 -13.43
CA HIS A 113 -20.97 19.67 -14.65
C HIS A 113 -20.40 18.30 -14.33
N MET A 1 4.03 28.09 6.90
CA MET A 1 3.05 27.42 6.00
C MET A 1 3.53 26.04 5.59
N ALA A 2 4.85 25.87 5.52
CA ALA A 2 5.43 24.59 5.13
C ALA A 2 5.64 23.70 6.35
N PRO A 3 5.25 22.41 6.25
CA PRO A 3 5.40 21.46 7.37
C PRO A 3 6.86 21.29 7.79
N ARG A 4 7.63 20.60 6.96
CA ARG A 4 9.04 20.36 7.25
C ARG A 4 9.87 20.40 5.97
N GLY A 5 9.43 21.21 5.01
CA GLY A 5 10.15 21.32 3.75
C GLY A 5 9.35 20.80 2.58
N ARG A 6 8.25 21.49 2.26
CA ARG A 6 7.39 21.07 1.15
C ARG A 6 6.26 22.07 0.95
N TYR A 7 6.28 22.75 -0.19
CA TYR A 7 5.25 23.74 -0.51
C TYR A 7 3.87 23.10 -0.54
N GLY A 8 3.59 22.37 -1.61
CA GLY A 8 2.30 21.71 -1.75
C GLY A 8 1.85 21.62 -3.19
N PRO A 9 2.53 20.83 -4.03
CA PRO A 9 2.16 20.67 -5.44
C PRO A 9 0.82 19.94 -5.61
N PRO A 10 0.35 19.81 -6.86
CA PRO A 10 -0.92 19.14 -7.15
C PRO A 10 -0.97 17.72 -6.60
N SER A 11 -0.13 16.83 -7.16
CA SER A 11 -0.08 15.44 -6.72
C SER A 11 0.75 14.60 -7.69
N ARG A 12 2.06 14.79 -7.66
CA ARG A 12 2.97 14.05 -8.53
C ARG A 12 4.36 13.93 -7.92
N ARG A 13 4.57 12.88 -7.13
CA ARG A 13 5.85 12.65 -6.49
C ARG A 13 5.84 11.34 -5.71
N SER A 14 4.74 11.08 -5.02
CA SER A 14 4.60 9.85 -4.23
C SER A 14 3.22 9.78 -3.57
N GLU A 15 2.19 9.69 -4.40
CA GLU A 15 0.82 9.61 -3.90
C GLU A 15 0.24 8.22 -4.11
N ASN A 16 1.10 7.21 -4.07
CA ASN A 16 0.67 5.83 -4.25
C ASN A 16 0.83 5.04 -2.97
N ARG A 17 -0.22 4.31 -2.59
CA ARG A 17 -0.19 3.51 -1.37
C ARG A 17 -0.68 2.09 -1.64
N VAL A 18 0.05 1.11 -1.13
CA VAL A 18 -0.31 -0.29 -1.31
C VAL A 18 -0.92 -0.87 -0.04
N VAL A 19 -1.56 -2.02 -0.17
CA VAL A 19 -2.18 -2.68 0.97
C VAL A 19 -1.56 -4.05 1.23
N VAL A 20 -1.49 -4.44 2.50
CA VAL A 20 -0.91 -5.72 2.87
C VAL A 20 -1.96 -6.62 3.52
N SER A 21 -1.85 -7.93 3.27
CA SER A 21 -2.78 -8.89 3.83
C SER A 21 -2.05 -10.14 4.31
N GLY A 22 -2.26 -10.49 5.58
CA GLY A 22 -1.62 -11.66 6.14
C GLY A 22 -0.47 -11.30 7.06
N LEU A 23 -0.66 -10.26 7.86
CA LEU A 23 0.37 -9.81 8.79
C LEU A 23 0.52 -10.79 9.96
N PRO A 24 1.71 -10.84 10.58
CA PRO A 24 1.97 -11.74 11.70
C PRO A 24 1.26 -11.29 12.97
N PRO A 25 1.25 -12.15 14.01
CA PRO A 25 0.60 -11.83 15.29
C PRO A 25 1.34 -10.75 16.07
N SER A 26 2.64 -10.65 15.84
CA SER A 26 3.46 -9.66 16.52
C SER A 26 4.54 -9.11 15.60
N GLY A 27 4.59 -7.79 15.49
CA GLY A 27 5.57 -7.16 14.63
C GLY A 27 5.34 -5.66 14.48
N SER A 28 6.37 -4.95 14.02
CA SER A 28 6.28 -3.51 13.83
C SER A 28 6.32 -3.14 12.35
N TRP A 29 5.71 -2.01 12.00
CA TRP A 29 5.68 -1.55 10.62
C TRP A 29 7.04 -1.01 10.18
N GLN A 30 7.78 -0.47 11.14
CA GLN A 30 9.11 0.08 10.86
C GLN A 30 10.03 -0.98 10.28
N ASP A 31 9.98 -2.18 10.85
CA ASP A 31 10.81 -3.28 10.38
C ASP A 31 10.24 -3.89 9.11
N LEU A 32 8.95 -3.68 8.88
CA LEU A 32 8.28 -4.20 7.69
C LEU A 32 8.75 -3.49 6.43
N LYS A 33 8.79 -2.15 6.49
CA LYS A 33 9.21 -1.35 5.35
C LYS A 33 10.61 -1.76 4.89
N ASP A 34 11.49 -2.02 5.85
CA ASP A 34 12.85 -2.42 5.55
C ASP A 34 12.90 -3.78 4.87
N HIS A 35 11.88 -4.60 5.13
CA HIS A 35 11.80 -5.93 4.56
C HIS A 35 11.20 -5.89 3.16
N MET A 36 10.28 -4.95 2.93
CA MET A 36 9.63 -4.81 1.64
C MET A 36 10.36 -3.81 0.74
N ARG A 37 11.41 -3.20 1.27
CA ARG A 37 12.20 -2.22 0.50
C ARG A 37 12.85 -2.87 -0.71
N GLU A 38 12.91 -4.20 -0.73
CA GLU A 38 13.52 -4.93 -1.84
C GLU A 38 12.97 -4.44 -3.18
N ALA A 39 11.72 -4.02 -3.18
CA ALA A 39 11.07 -3.52 -4.40
C ALA A 39 11.70 -2.20 -4.82
N GLY A 40 12.16 -1.43 -3.84
CA GLY A 40 12.77 -0.15 -4.12
C GLY A 40 12.91 0.71 -2.88
N ASP A 41 11.98 1.64 -2.71
CA ASP A 41 12.00 2.53 -1.55
C ASP A 41 10.64 2.60 -0.88
N VAL A 42 10.63 2.95 0.39
CA VAL A 42 9.40 3.05 1.16
C VAL A 42 9.27 4.42 1.83
N CYS A 43 8.03 4.87 2.00
CA CYS A 43 7.78 6.16 2.63
C CYS A 43 6.99 5.99 3.92
N TYR A 44 5.87 5.28 3.84
CA TYR A 44 5.02 5.04 5.00
C TYR A 44 4.72 3.56 5.17
N ALA A 45 4.53 3.14 6.41
CA ALA A 45 4.23 1.74 6.70
C ALA A 45 3.50 1.60 8.03
N ASP A 46 2.44 0.79 8.04
CA ASP A 46 1.66 0.59 9.25
C ASP A 46 1.06 -0.82 9.26
N VAL A 47 1.16 -1.49 10.41
CA VAL A 47 0.63 -2.84 10.56
C VAL A 47 -0.27 -2.95 11.78
N TYR A 48 -1.54 -3.27 11.55
CA TYR A 48 -2.51 -3.40 12.64
C TYR A 48 -2.78 -4.87 12.94
N ARG A 49 -2.73 -5.22 14.22
CA ARG A 49 -2.98 -6.61 14.64
C ARG A 49 -4.40 -7.03 14.29
N ASP A 50 -4.54 -7.72 13.15
CA ASP A 50 -5.84 -8.18 12.71
C ASP A 50 -5.69 -9.11 11.50
N GLY A 51 -4.81 -8.73 10.57
CA GLY A 51 -4.60 -9.53 9.39
C GLY A 51 -4.49 -8.69 8.12
N THR A 52 -3.84 -7.53 8.24
CA THR A 52 -3.66 -6.64 7.10
C THR A 52 -2.62 -5.57 7.40
N GLY A 53 -2.26 -4.80 6.38
CA GLY A 53 -1.27 -3.76 6.56
C GLY A 53 -1.35 -2.69 5.49
N VAL A 54 -0.58 -1.62 5.65
CA VAL A 54 -0.56 -0.53 4.69
C VAL A 54 0.85 0.01 4.50
N VAL A 55 1.24 0.21 3.24
CA VAL A 55 2.56 0.73 2.93
C VAL A 55 2.50 1.74 1.78
N GLU A 56 3.07 2.91 2.01
CA GLU A 56 3.09 3.96 0.99
C GLU A 56 4.41 3.98 0.25
N PHE A 57 4.38 3.55 -1.01
CA PHE A 57 5.59 3.51 -1.83
C PHE A 57 5.96 4.91 -2.33
N VAL A 58 7.23 5.10 -2.66
CA VAL A 58 7.70 6.39 -3.16
C VAL A 58 7.43 6.53 -4.65
N ARG A 59 8.13 5.72 -5.45
CA ARG A 59 7.97 5.75 -6.90
C ARG A 59 6.90 4.75 -7.36
N LYS A 60 6.15 5.12 -8.39
CA LYS A 60 5.11 4.26 -8.92
C LYS A 60 5.69 2.95 -9.46
N GLU A 61 6.84 3.05 -10.12
CA GLU A 61 7.50 1.88 -10.69
C GLU A 61 7.86 0.88 -9.59
N ASP A 62 8.36 1.40 -8.48
CA ASP A 62 8.74 0.54 -7.36
C ASP A 62 7.51 -0.05 -6.69
N MET A 63 6.42 0.69 -6.72
CA MET A 63 5.17 0.24 -6.12
C MET A 63 4.60 -0.95 -6.90
N THR A 64 4.27 -0.72 -8.17
CA THR A 64 3.72 -1.76 -9.01
C THR A 64 4.63 -3.00 -9.01
N TYR A 65 5.93 -2.77 -8.89
CA TYR A 65 6.89 -3.87 -8.87
C TYR A 65 6.65 -4.77 -7.67
N ALA A 66 6.48 -4.15 -6.50
CA ALA A 66 6.24 -4.89 -5.27
C ALA A 66 4.98 -5.75 -5.37
N VAL A 67 3.90 -5.17 -5.85
CA VAL A 67 2.65 -5.91 -5.98
C VAL A 67 2.79 -7.05 -6.97
N ARG A 68 3.78 -6.92 -7.86
CA ARG A 68 4.03 -7.93 -8.87
C ARG A 68 4.94 -9.03 -8.32
N LYS A 69 6.20 -8.70 -8.14
CA LYS A 69 7.18 -9.66 -7.64
C LYS A 69 7.08 -9.86 -6.13
N LEU A 70 6.78 -8.79 -5.39
CA LEU A 70 6.66 -8.89 -3.93
C LEU A 70 5.23 -9.21 -3.52
N ASP A 71 4.63 -10.20 -4.17
CA ASP A 71 3.26 -10.60 -3.86
C ASP A 71 3.25 -11.95 -3.15
N ASN A 72 2.57 -12.00 -2.01
CA ASN A 72 2.48 -13.24 -1.24
C ASN A 72 3.87 -13.70 -0.80
N THR A 73 4.76 -12.75 -0.56
CA THR A 73 6.12 -13.05 -0.14
C THR A 73 6.15 -13.44 1.34
N LYS A 74 7.35 -13.58 1.89
CA LYS A 74 7.53 -13.95 3.28
C LYS A 74 8.10 -12.78 4.09
N PHE A 75 7.33 -12.33 5.07
CA PHE A 75 7.75 -11.22 5.92
C PHE A 75 8.34 -11.74 7.23
N ARG A 76 9.48 -11.17 7.63
CA ARG A 76 10.14 -11.57 8.85
C ARG A 76 10.31 -10.39 9.81
N SER A 77 9.68 -10.49 10.97
CA SER A 77 9.75 -9.44 11.97
C SER A 77 11.05 -9.52 12.76
N HIS A 78 11.54 -8.37 13.21
CA HIS A 78 12.78 -8.31 13.98
C HIS A 78 12.72 -9.24 15.19
N GLU A 79 11.50 -9.54 15.64
CA GLU A 79 11.31 -10.42 16.79
C GLU A 79 11.59 -11.87 16.42
N GLY A 80 11.48 -12.18 15.14
CA GLY A 80 11.73 -13.54 14.69
C GLY A 80 10.45 -14.27 14.34
N GLU A 81 9.44 -13.53 13.91
CA GLU A 81 8.15 -14.12 13.55
C GLU A 81 7.89 -13.98 12.05
N THR A 82 7.93 -15.10 11.34
CA THR A 82 7.70 -15.11 9.91
C THR A 82 6.21 -15.23 9.59
N ALA A 83 5.82 -14.73 8.42
CA ALA A 83 4.42 -14.79 7.99
C ALA A 83 4.28 -14.38 6.53
N TYR A 84 3.27 -14.92 5.86
CA TYR A 84 3.02 -14.62 4.47
C TYR A 84 2.14 -13.37 4.34
N ILE A 85 2.56 -12.42 3.51
CA ILE A 85 1.82 -11.19 3.31
C ILE A 85 1.51 -10.98 1.83
N ARG A 86 0.34 -10.43 1.54
CA ARG A 86 -0.07 -10.16 0.17
C ARG A 86 -0.12 -8.67 -0.10
N VAL A 87 0.66 -8.23 -1.09
CA VAL A 87 0.71 -6.81 -1.46
C VAL A 87 -0.27 -6.49 -2.57
N LYS A 88 -0.76 -5.25 -2.60
CA LYS A 88 -1.70 -4.82 -3.61
C LYS A 88 -1.67 -3.31 -3.78
N VAL A 89 -2.33 -2.82 -4.83
CA VAL A 89 -2.37 -1.38 -5.11
C VAL A 89 -3.59 -0.74 -4.45
N ASP A 90 -3.33 0.20 -3.55
CA ASP A 90 -4.40 0.90 -2.84
C ASP A 90 -4.58 2.32 -3.38
N GLY A 91 -5.78 2.61 -3.88
CA GLY A 91 -6.06 3.93 -4.41
C GLY A 91 -6.35 3.91 -5.90
N PRO A 92 -5.36 3.58 -6.73
CA PRO A 92 -5.53 3.52 -8.19
C PRO A 92 -6.48 2.41 -8.62
N ARG A 93 -6.83 1.53 -7.70
CA ARG A 93 -7.74 0.43 -7.99
C ARG A 93 -9.19 0.82 -7.72
N SER A 94 -9.54 2.07 -8.05
CA SER A 94 -10.90 2.56 -7.84
C SER A 94 -11.01 4.03 -8.27
N PRO A 95 -11.16 4.28 -9.58
CA PRO A 95 -11.28 5.65 -10.11
C PRO A 95 -12.46 6.40 -9.51
N SER A 96 -12.95 7.40 -10.23
CA SER A 96 -14.09 8.21 -9.77
C SER A 96 -13.68 9.12 -8.63
N TYR A 97 -13.33 8.53 -7.49
CA TYR A 97 -12.92 9.30 -6.32
C TYR A 97 -11.43 9.14 -6.05
N GLY A 98 -10.87 10.03 -5.25
CA GLY A 98 -9.46 9.98 -4.92
C GLY A 98 -9.18 10.31 -3.47
N ARG A 99 -8.17 11.15 -3.24
CA ARG A 99 -7.80 11.54 -1.89
C ARG A 99 -8.13 13.01 -1.64
N SER A 100 -9.37 13.39 -1.91
CA SER A 100 -9.82 14.77 -1.72
C SER A 100 -10.62 14.90 -0.43
N ARG A 101 -10.27 14.08 0.57
CA ARG A 101 -10.96 14.11 1.85
C ARG A 101 -9.99 14.47 2.98
N SER A 102 -10.27 15.58 3.66
CA SER A 102 -9.42 16.02 4.76
C SER A 102 -9.80 15.32 6.07
N ARG A 103 -10.88 15.79 6.69
CA ARG A 103 -11.35 15.21 7.94
C ARG A 103 -12.59 15.94 8.43
N SER A 104 -12.59 17.27 8.30
CA SER A 104 -13.73 18.08 8.74
C SER A 104 -14.24 18.95 7.60
N ARG A 105 -15.34 19.64 7.84
CA ARG A 105 -15.95 20.51 6.84
C ARG A 105 -16.28 21.88 7.44
N SER A 106 -17.39 21.96 8.15
CA SER A 106 -17.81 23.21 8.77
C SER A 106 -17.99 24.30 7.72
N ARG A 107 -18.83 24.04 6.73
CA ARG A 107 -19.08 25.00 5.66
C ARG A 107 -20.45 24.74 5.02
N SER A 108 -21.05 25.81 4.51
CA SER A 108 -22.36 25.70 3.85
C SER A 108 -22.76 27.03 3.23
N ARG A 109 -24.01 27.11 2.78
CA ARG A 109 -24.52 28.33 2.16
C ARG A 109 -24.73 29.43 3.19
N SER A 110 -25.41 29.10 4.28
CA SER A 110 -25.67 30.06 5.34
C SER A 110 -25.64 29.38 6.72
N LEU A 111 -25.54 30.19 7.77
CA LEU A 111 -25.51 29.66 9.13
C LEU A 111 -25.97 30.71 10.13
N GLU A 112 -25.98 30.35 11.40
CA GLU A 112 -26.40 31.25 12.46
C GLU A 112 -25.36 32.35 12.70
N HIS A 113 -24.10 31.94 12.80
CA HIS A 113 -23.02 32.89 13.02
C HIS A 113 -22.13 32.99 11.79
N MET A 1 -17.90 35.80 -16.18
CA MET A 1 -17.83 36.15 -14.75
C MET A 1 -16.75 35.35 -14.03
N ALA A 2 -17.03 34.06 -13.81
CA ALA A 2 -16.08 33.18 -13.13
C ALA A 2 -16.60 31.74 -13.11
N PRO A 3 -16.91 31.17 -14.28
CA PRO A 3 -17.40 29.79 -14.39
C PRO A 3 -16.33 28.76 -14.11
N ARG A 4 -15.15 28.97 -14.69
CA ARG A 4 -14.02 28.05 -14.50
C ARG A 4 -13.04 28.61 -13.47
N GLY A 5 -12.74 27.80 -12.46
CA GLY A 5 -11.80 28.24 -11.43
C GLY A 5 -11.82 27.32 -10.22
N ARG A 6 -10.65 27.16 -9.60
CA ARG A 6 -10.53 26.30 -8.42
C ARG A 6 -9.36 26.74 -7.55
N TYR A 7 -9.29 26.21 -6.34
CA TYR A 7 -8.22 26.54 -5.41
C TYR A 7 -7.67 25.28 -4.74
N GLY A 8 -8.54 24.58 -4.02
CA GLY A 8 -8.12 23.37 -3.34
C GLY A 8 -9.21 22.31 -3.29
N PRO A 9 -9.17 21.33 -4.21
CA PRO A 9 -10.18 20.26 -4.25
C PRO A 9 -10.10 19.34 -3.04
N PRO A 10 -11.20 18.64 -2.71
CA PRO A 10 -11.25 17.73 -1.57
C PRO A 10 -10.11 16.71 -1.59
N SER A 11 -10.00 15.93 -0.52
CA SER A 11 -8.94 14.93 -0.42
C SER A 11 -9.30 13.69 -1.24
N ARG A 12 -8.36 13.25 -2.07
CA ARG A 12 -8.57 12.08 -2.91
C ARG A 12 -7.25 11.34 -3.14
N ARG A 13 -7.33 10.20 -3.81
CA ARG A 13 -6.14 9.40 -4.09
C ARG A 13 -5.48 8.92 -2.81
N SER A 14 -4.66 7.89 -2.92
CA SER A 14 -3.97 7.33 -1.76
C SER A 14 -2.47 7.62 -1.82
N GLU A 15 -2.09 8.61 -2.63
CA GLU A 15 -0.69 8.98 -2.78
C GLU A 15 0.16 7.77 -3.16
N ASN A 16 -0.41 6.86 -3.94
CA ASN A 16 0.28 5.66 -4.37
C ASN A 16 0.70 4.80 -3.18
N ARG A 17 -0.28 4.11 -2.59
CA ARG A 17 -0.02 3.25 -1.45
C ARG A 17 -0.66 1.88 -1.65
N VAL A 18 0.03 0.84 -1.20
CA VAL A 18 -0.47 -0.53 -1.34
C VAL A 18 -0.94 -1.09 0.00
N VAL A 19 -1.68 -2.20 -0.07
CA VAL A 19 -2.19 -2.85 1.12
C VAL A 19 -1.54 -4.21 1.33
N VAL A 20 -1.22 -4.53 2.58
CA VAL A 20 -0.60 -5.80 2.91
C VAL A 20 -1.60 -6.75 3.59
N SER A 21 -1.52 -8.02 3.23
CA SER A 21 -2.41 -9.03 3.80
C SER A 21 -1.63 -10.24 4.30
N GLY A 22 -1.75 -10.53 5.59
CA GLY A 22 -1.05 -11.65 6.17
C GLY A 22 0.10 -11.23 7.06
N LEU A 23 -0.13 -10.19 7.85
CA LEU A 23 0.89 -9.68 8.77
C LEU A 23 1.03 -10.60 9.98
N PRO A 24 2.25 -10.66 10.57
CA PRO A 24 2.52 -11.50 11.73
C PRO A 24 1.85 -10.95 13.00
N PRO A 25 1.88 -11.73 14.09
CA PRO A 25 1.27 -11.31 15.36
C PRO A 25 2.04 -10.17 16.02
N SER A 26 3.35 -10.15 15.82
CA SER A 26 4.19 -9.11 16.40
C SER A 26 4.99 -8.39 15.31
N GLY A 27 4.70 -7.10 15.13
CA GLY A 27 5.40 -6.33 14.12
C GLY A 27 4.97 -4.87 14.10
N SER A 28 5.60 -4.08 13.24
CA SER A 28 5.28 -2.66 13.12
C SER A 28 5.51 -2.16 11.71
N TRP A 29 5.33 -0.86 11.50
CA TRP A 29 5.52 -0.26 10.19
C TRP A 29 7.00 -0.31 9.78
N GLN A 30 7.88 -0.01 10.73
CA GLN A 30 9.32 -0.02 10.47
C GLN A 30 9.76 -1.40 10.03
N ASP A 31 9.39 -2.42 10.79
CA ASP A 31 9.76 -3.79 10.46
C ASP A 31 9.17 -4.20 9.12
N LEU A 32 7.95 -3.75 8.85
CA LEU A 32 7.27 -4.07 7.60
C LEU A 32 8.01 -3.45 6.42
N LYS A 33 8.39 -2.19 6.56
CA LYS A 33 9.10 -1.48 5.51
C LYS A 33 10.42 -2.16 5.19
N ASP A 34 10.99 -2.84 6.17
CA ASP A 34 12.27 -3.53 5.99
C ASP A 34 12.14 -4.68 4.99
N HIS A 35 10.95 -5.23 4.88
CA HIS A 35 10.69 -6.34 3.96
C HIS A 35 10.17 -5.83 2.62
N MET A 36 9.36 -4.78 2.65
CA MET A 36 8.81 -4.21 1.43
C MET A 36 9.84 -3.37 0.69
N ARG A 37 10.81 -2.85 1.42
CA ARG A 37 11.87 -2.03 0.83
C ARG A 37 12.51 -2.73 -0.37
N GLU A 38 12.44 -4.06 -0.38
CA GLU A 38 13.01 -4.84 -1.48
C GLU A 38 12.54 -4.33 -2.83
N ALA A 39 11.40 -3.65 -2.84
CA ALA A 39 10.85 -3.10 -4.08
C ALA A 39 11.74 -1.99 -4.62
N GLY A 40 12.45 -1.34 -3.71
CA GLY A 40 13.34 -0.26 -4.10
C GLY A 40 13.54 0.75 -2.99
N ASP A 41 12.49 1.45 -2.60
CA ASP A 41 12.55 2.44 -1.54
C ASP A 41 11.17 2.73 -0.97
N VAL A 42 11.04 2.60 0.33
CA VAL A 42 9.79 2.85 1.01
C VAL A 42 9.79 4.22 1.68
N CYS A 43 8.61 4.84 1.73
CA CYS A 43 8.47 6.17 2.33
C CYS A 43 7.58 6.11 3.57
N TYR A 44 6.63 5.18 3.58
CA TYR A 44 5.71 5.04 4.70
C TYR A 44 5.16 3.63 4.79
N ALA A 45 4.66 3.27 5.96
CA ALA A 45 4.11 1.94 6.19
C ALA A 45 3.13 1.94 7.36
N ASP A 46 2.51 0.80 7.62
CA ASP A 46 1.56 0.68 8.72
C ASP A 46 1.05 -0.75 8.86
N VAL A 47 0.57 -1.09 10.05
CA VAL A 47 0.06 -2.43 10.32
C VAL A 47 -1.08 -2.37 11.33
N TYR A 48 -2.03 -3.29 11.18
CA TYR A 48 -3.18 -3.35 12.09
C TYR A 48 -3.32 -4.72 12.74
N ARG A 49 -3.03 -4.78 14.03
CA ARG A 49 -3.12 -6.03 14.79
C ARG A 49 -2.27 -7.12 14.16
N ASP A 50 -2.84 -7.85 13.19
CA ASP A 50 -2.13 -8.93 12.52
C ASP A 50 -2.98 -9.53 11.41
N GLY A 51 -3.76 -8.69 10.73
CA GLY A 51 -4.61 -9.17 9.66
C GLY A 51 -4.25 -8.54 8.33
N THR A 52 -4.04 -7.22 8.33
CA THR A 52 -3.69 -6.51 7.12
C THR A 52 -2.95 -5.21 7.45
N GLY A 53 -2.25 -4.67 6.46
CA GLY A 53 -1.51 -3.44 6.67
C GLY A 53 -1.45 -2.58 5.43
N VAL A 54 -0.45 -1.70 5.36
CA VAL A 54 -0.28 -0.81 4.21
C VAL A 54 1.17 -0.36 4.09
N VAL A 55 1.65 -0.25 2.85
CA VAL A 55 3.02 0.17 2.60
C VAL A 55 3.07 1.21 1.49
N GLU A 56 3.58 2.39 1.82
CA GLU A 56 3.70 3.48 0.86
C GLU A 56 5.14 3.64 0.39
N PHE A 57 5.35 3.56 -0.91
CA PHE A 57 6.68 3.71 -1.49
C PHE A 57 6.88 5.11 -2.04
N VAL A 58 8.12 5.45 -2.37
CA VAL A 58 8.46 6.77 -2.89
C VAL A 58 7.82 6.98 -4.27
N ARG A 59 8.32 6.26 -5.26
CA ARG A 59 7.79 6.37 -6.62
C ARG A 59 6.74 5.31 -6.89
N LYS A 60 5.96 5.50 -7.95
CA LYS A 60 4.92 4.56 -8.32
C LYS A 60 5.52 3.27 -8.88
N GLU A 61 6.72 3.37 -9.45
CA GLU A 61 7.40 2.21 -10.02
C GLU A 61 7.57 1.11 -8.99
N ASP A 62 7.92 1.49 -7.77
CA ASP A 62 8.12 0.54 -6.68
C ASP A 62 6.79 -0.05 -6.24
N MET A 63 5.72 0.73 -6.39
CA MET A 63 4.39 0.28 -6.01
C MET A 63 3.98 -0.94 -6.83
N THR A 64 3.86 -0.76 -8.13
CA THR A 64 3.47 -1.84 -9.03
C THR A 64 4.44 -3.02 -8.92
N TYR A 65 5.71 -2.72 -8.71
CA TYR A 65 6.72 -3.75 -8.59
C TYR A 65 6.45 -4.64 -7.38
N ALA A 66 6.17 -4.00 -6.25
CA ALA A 66 5.89 -4.72 -5.01
C ALA A 66 4.67 -5.61 -5.14
N VAL A 67 3.58 -5.07 -5.68
CA VAL A 67 2.35 -5.83 -5.84
C VAL A 67 2.55 -7.03 -6.76
N ARG A 68 3.57 -6.96 -7.61
CA ARG A 68 3.88 -8.03 -8.53
C ARG A 68 5.02 -8.90 -8.01
N LYS A 69 6.24 -8.37 -8.13
CA LYS A 69 7.43 -9.08 -7.69
C LYS A 69 7.36 -9.43 -6.21
N LEU A 70 6.90 -8.49 -5.39
CA LEU A 70 6.80 -8.72 -3.96
C LEU A 70 5.39 -9.15 -3.56
N ASP A 71 4.75 -9.94 -4.43
CA ASP A 71 3.41 -10.43 -4.17
C ASP A 71 3.46 -11.81 -3.53
N ASN A 72 2.89 -11.92 -2.33
CA ASN A 72 2.88 -13.19 -1.61
C ASN A 72 4.30 -13.67 -1.31
N THR A 73 4.99 -12.92 -0.47
CA THR A 73 6.36 -13.27 -0.10
C THR A 73 6.46 -13.60 1.38
N LYS A 74 7.61 -14.12 1.80
CA LYS A 74 7.83 -14.49 3.20
C LYS A 74 8.18 -13.26 4.03
N PHE A 75 7.51 -13.11 5.16
CA PHE A 75 7.75 -11.98 6.06
C PHE A 75 8.44 -12.43 7.33
N ARG A 76 9.32 -11.58 7.86
CA ARG A 76 10.04 -11.89 9.08
C ARG A 76 10.17 -10.66 9.98
N SER A 77 9.57 -10.72 11.15
CA SER A 77 9.62 -9.61 12.09
C SER A 77 10.83 -9.72 13.00
N HIS A 78 11.27 -8.59 13.54
CA HIS A 78 12.42 -8.56 14.44
C HIS A 78 12.23 -9.54 15.59
N GLU A 79 10.96 -9.86 15.89
CA GLU A 79 10.65 -10.78 16.98
C GLU A 79 11.01 -12.21 16.61
N GLY A 80 11.15 -12.47 15.30
CA GLY A 80 11.50 -13.81 14.85
C GLY A 80 10.33 -14.52 14.19
N GLU A 81 9.13 -13.99 14.38
CA GLU A 81 7.92 -14.59 13.80
C GLU A 81 7.96 -14.49 12.28
N THR A 82 7.31 -15.45 11.62
CA THR A 82 7.27 -15.47 10.16
C THR A 82 5.84 -15.61 9.67
N ALA A 83 5.59 -15.14 8.44
CA ALA A 83 4.27 -15.22 7.85
C ALA A 83 4.29 -14.84 6.37
N TYR A 84 3.17 -15.03 5.69
CA TYR A 84 3.06 -14.70 4.27
C TYR A 84 2.23 -13.44 4.08
N ILE A 85 2.85 -12.43 3.47
CA ILE A 85 2.17 -11.17 3.23
C ILE A 85 1.82 -11.00 1.75
N ARG A 86 0.68 -10.36 1.49
CA ARG A 86 0.24 -10.14 0.12
C ARG A 86 0.12 -8.65 -0.17
N VAL A 87 0.80 -8.20 -1.22
CA VAL A 87 0.78 -6.79 -1.60
C VAL A 87 -0.26 -6.53 -2.69
N LYS A 88 -0.93 -5.39 -2.59
CA LYS A 88 -1.95 -5.01 -3.56
C LYS A 88 -2.08 -3.50 -3.66
N VAL A 89 -2.41 -3.01 -4.85
CA VAL A 89 -2.57 -1.59 -5.07
C VAL A 89 -3.84 -1.06 -4.40
N ASP A 90 -3.65 -0.17 -3.43
CA ASP A 90 -4.77 0.41 -2.70
C ASP A 90 -5.48 1.48 -3.53
N GLY A 91 -4.78 2.02 -4.52
CA GLY A 91 -5.36 3.04 -5.37
C GLY A 91 -5.54 2.58 -6.80
N PRO A 92 -6.66 1.90 -7.12
CA PRO A 92 -6.95 1.41 -8.47
C PRO A 92 -6.83 2.51 -9.52
N ARG A 93 -7.06 3.75 -9.09
CA ARG A 93 -6.98 4.89 -10.00
C ARG A 93 -5.76 5.76 -9.68
N SER A 94 -5.05 6.17 -10.74
CA SER A 94 -3.88 7.01 -10.57
C SER A 94 -3.79 8.05 -11.68
N PRO A 95 -4.76 8.99 -11.73
CA PRO A 95 -4.80 10.04 -12.75
C PRO A 95 -3.79 11.15 -12.45
N SER A 96 -3.59 12.02 -13.44
CA SER A 96 -2.65 13.13 -13.29
C SER A 96 -1.26 12.64 -12.91
N TYR A 97 -0.40 13.57 -12.53
CA TYR A 97 0.98 13.23 -12.14
C TYR A 97 1.02 12.81 -10.67
N GLY A 98 2.25 12.70 -10.14
CA GLY A 98 2.40 12.30 -8.76
C GLY A 98 2.58 13.49 -7.82
N ARG A 99 1.47 14.08 -7.40
CA ARG A 99 1.51 15.23 -6.50
C ARG A 99 2.32 16.37 -7.11
N SER A 100 2.64 17.37 -6.29
CA SER A 100 3.41 18.52 -6.75
C SER A 100 4.46 18.92 -5.71
N ARG A 101 5.71 18.56 -5.97
CA ARG A 101 6.80 18.89 -5.05
C ARG A 101 6.61 18.20 -3.70
N SER A 102 7.60 17.41 -3.31
CA SER A 102 7.53 16.70 -2.03
C SER A 102 8.82 15.92 -1.80
N ARG A 103 9.90 16.63 -1.49
CA ARG A 103 11.19 16.00 -1.23
C ARG A 103 12.14 16.96 -0.53
N SER A 104 12.77 16.49 0.54
CA SER A 104 13.71 17.31 1.31
C SER A 104 15.12 16.72 1.28
N ARG A 105 15.24 15.51 0.74
CA ARG A 105 16.54 14.83 0.67
C ARG A 105 17.07 14.54 2.07
N SER A 106 18.35 14.19 2.15
CA SER A 106 18.97 13.89 3.43
C SER A 106 19.85 15.05 3.89
N ARG A 107 19.49 15.64 5.03
CA ARG A 107 20.24 16.76 5.58
C ARG A 107 20.30 17.93 4.60
N SER A 108 20.69 19.10 5.09
CA SER A 108 20.78 20.28 4.26
C SER A 108 21.31 21.47 5.06
N ARG A 109 22.63 21.56 5.17
CA ARG A 109 23.27 22.64 5.90
C ARG A 109 24.50 23.16 5.15
N SER A 110 25.62 22.45 5.30
CA SER A 110 26.86 22.83 4.63
C SER A 110 27.99 21.87 5.00
N LEU A 111 28.56 22.06 6.18
CA LEU A 111 29.66 21.22 6.64
C LEU A 111 29.87 21.37 8.14
N GLU A 112 28.79 21.65 8.87
CA GLU A 112 28.86 21.81 10.32
C GLU A 112 28.86 20.46 11.02
N HIS A 113 27.68 19.86 11.13
CA HIS A 113 27.55 18.56 11.79
C HIS A 113 26.11 18.05 11.71
N MET A 1 -5.58 9.23 12.35
CA MET A 1 -4.65 8.19 12.90
C MET A 1 -3.30 8.25 12.22
N ALA A 2 -2.24 8.00 12.98
CA ALA A 2 -0.89 8.02 12.45
C ALA A 2 -0.55 9.40 11.89
N PRO A 3 -0.73 10.46 12.69
CA PRO A 3 -0.45 11.83 12.26
C PRO A 3 1.05 12.12 12.19
N ARG A 4 1.78 11.70 13.21
CA ARG A 4 3.23 11.91 13.26
C ARG A 4 3.56 13.39 13.13
N GLY A 5 4.85 13.71 13.20
CA GLY A 5 5.29 15.08 13.09
C GLY A 5 5.55 15.50 11.66
N ARG A 6 4.47 15.63 10.88
CA ARG A 6 4.59 16.02 9.48
C ARG A 6 4.53 17.54 9.34
N TYR A 7 4.34 18.01 8.10
CA TYR A 7 4.27 19.45 7.85
C TYR A 7 3.19 20.11 8.70
N GLY A 8 1.93 19.84 8.38
CA GLY A 8 0.84 20.42 9.13
C GLY A 8 -0.34 20.79 8.26
N PRO A 9 -0.16 21.71 7.29
CA PRO A 9 -1.24 22.15 6.39
C PRO A 9 -1.89 20.97 5.66
N PRO A 10 -3.19 21.08 5.37
CA PRO A 10 -3.94 20.01 4.67
C PRO A 10 -3.32 19.67 3.31
N SER A 11 -4.13 19.07 2.44
CA SER A 11 -3.66 18.68 1.12
C SER A 11 -2.54 17.66 1.20
N ARG A 12 -2.90 16.40 1.42
CA ARG A 12 -1.93 15.32 1.53
C ARG A 12 -2.63 13.97 1.70
N ARG A 13 -2.61 13.16 0.65
CA ARG A 13 -3.24 11.84 0.70
C ARG A 13 -2.90 11.03 -0.54
N SER A 14 -3.39 9.80 -0.59
CA SER A 14 -3.14 8.91 -1.73
C SER A 14 -1.65 8.64 -1.89
N GLU A 15 -0.95 9.51 -2.62
CA GLU A 15 0.48 9.35 -2.84
C GLU A 15 0.82 7.93 -3.30
N ASN A 16 -0.14 7.27 -3.93
CA ASN A 16 0.06 5.91 -4.42
C ASN A 16 0.55 5.00 -3.30
N ARG A 17 -0.39 4.34 -2.62
CA ARG A 17 -0.05 3.45 -1.52
C ARG A 17 -0.45 2.01 -1.84
N VAL A 18 0.00 1.08 -1.01
CA VAL A 18 -0.31 -0.33 -1.19
C VAL A 18 -0.82 -0.94 0.12
N VAL A 19 -1.49 -2.08 -0.01
CA VAL A 19 -2.05 -2.77 1.15
C VAL A 19 -1.51 -4.19 1.25
N VAL A 20 -1.27 -4.64 2.48
CA VAL A 20 -0.76 -5.98 2.72
C VAL A 20 -1.66 -6.75 3.67
N SER A 21 -1.56 -8.09 3.64
CA SER A 21 -2.36 -8.94 4.50
C SER A 21 -1.55 -10.12 5.02
N GLY A 22 -2.13 -10.87 5.95
CA GLY A 22 -1.44 -12.02 6.51
C GLY A 22 -0.19 -11.64 7.28
N LEU A 23 -0.31 -10.60 8.10
CA LEU A 23 0.82 -10.13 8.90
C LEU A 23 1.04 -11.03 10.12
N PRO A 24 2.27 -11.07 10.65
CA PRO A 24 2.60 -11.89 11.82
C PRO A 24 1.91 -11.39 13.09
N PRO A 25 2.02 -12.16 14.19
CA PRO A 25 1.40 -11.80 15.48
C PRO A 25 2.00 -10.52 16.05
N SER A 26 3.25 -10.23 15.70
CA SER A 26 3.93 -9.03 16.17
C SER A 26 4.66 -8.33 15.04
N GLY A 27 4.33 -7.07 14.80
CA GLY A 27 4.98 -6.31 13.74
C GLY A 27 4.71 -4.83 13.86
N SER A 28 5.14 -4.08 12.85
CA SER A 28 4.96 -2.63 12.83
C SER A 28 5.37 -2.04 11.49
N TRP A 29 5.29 -0.72 11.38
CA TRP A 29 5.66 -0.03 10.15
C TRP A 29 7.12 -0.29 9.79
N GLN A 30 7.97 -0.35 10.81
CA GLN A 30 9.40 -0.60 10.60
C GLN A 30 9.64 -2.04 10.16
N ASP A 31 8.79 -2.95 10.63
CA ASP A 31 8.91 -4.36 10.28
C ASP A 31 8.57 -4.59 8.81
N LEU A 32 7.43 -4.06 8.39
CA LEU A 32 6.98 -4.20 7.01
C LEU A 32 7.90 -3.43 6.06
N LYS A 33 8.22 -2.20 6.44
CA LYS A 33 9.09 -1.35 5.62
C LYS A 33 10.39 -2.07 5.28
N ASP A 34 10.95 -2.79 6.24
CA ASP A 34 12.19 -3.51 6.04
C ASP A 34 12.05 -4.56 4.94
N HIS A 35 10.84 -5.03 4.73
CA HIS A 35 10.56 -6.04 3.71
C HIS A 35 10.29 -5.37 2.36
N MET A 36 9.50 -4.31 2.38
CA MET A 36 9.18 -3.58 1.16
C MET A 36 10.39 -2.85 0.62
N ARG A 37 11.31 -2.52 1.52
CA ARG A 37 12.54 -1.81 1.15
C ARG A 37 13.16 -2.42 -0.10
N GLU A 38 13.02 -3.73 -0.25
CA GLU A 38 13.58 -4.43 -1.40
C GLU A 38 13.07 -3.81 -2.70
N ALA A 39 11.84 -3.33 -2.68
CA ALA A 39 11.24 -2.70 -3.85
C ALA A 39 11.89 -1.36 -4.14
N GLY A 40 12.36 -0.70 -3.09
CA GLY A 40 13.01 0.59 -3.24
C GLY A 40 13.01 1.41 -1.97
N ASP A 41 12.78 2.72 -2.10
CA ASP A 41 12.74 3.61 -0.95
C ASP A 41 11.33 3.78 -0.43
N VAL A 42 11.16 3.58 0.88
CA VAL A 42 9.87 3.71 1.51
C VAL A 42 9.76 5.03 2.27
N CYS A 43 8.71 5.78 1.98
CA CYS A 43 8.49 7.08 2.63
C CYS A 43 7.51 6.96 3.79
N TYR A 44 6.63 5.97 3.73
CA TYR A 44 5.64 5.76 4.78
C TYR A 44 5.23 4.29 4.89
N ALA A 45 4.79 3.89 6.08
CA ALA A 45 4.37 2.51 6.31
C ALA A 45 3.54 2.42 7.59
N ASP A 46 2.61 1.48 7.61
CA ASP A 46 1.74 1.28 8.78
C ASP A 46 1.03 -0.06 8.70
N VAL A 47 1.21 -0.88 9.75
CA VAL A 47 0.59 -2.19 9.80
C VAL A 47 -0.30 -2.33 11.03
N TYR A 48 -1.43 -3.02 10.87
CA TYR A 48 -2.38 -3.22 11.96
C TYR A 48 -2.36 -4.67 12.44
N ARG A 49 -2.74 -4.88 13.70
CA ARG A 49 -2.78 -6.21 14.28
C ARG A 49 -3.93 -7.04 13.71
N ASP A 50 -4.84 -6.39 12.98
CA ASP A 50 -5.98 -7.07 12.39
C ASP A 50 -5.52 -8.11 11.38
N GLY A 51 -4.33 -7.93 10.85
CA GLY A 51 -3.79 -8.86 9.87
C GLY A 51 -3.57 -8.23 8.51
N THR A 52 -3.39 -6.92 8.50
CA THR A 52 -3.16 -6.18 7.25
C THR A 52 -2.41 -4.89 7.50
N GLY A 53 -1.81 -4.34 6.46
CA GLY A 53 -1.06 -3.10 6.60
C GLY A 53 -1.00 -2.32 5.31
N VAL A 54 -0.27 -1.21 5.32
CA VAL A 54 -0.12 -0.38 4.14
C VAL A 54 1.23 0.31 4.10
N VAL A 55 1.87 0.31 2.94
CA VAL A 55 3.18 0.93 2.79
C VAL A 55 3.19 1.92 1.61
N GLU A 56 3.74 3.10 1.85
CA GLU A 56 3.81 4.13 0.82
C GLU A 56 5.25 4.41 0.43
N PHE A 57 5.58 4.17 -0.83
CA PHE A 57 6.93 4.41 -1.33
C PHE A 57 6.94 5.51 -2.37
N VAL A 58 7.95 6.38 -2.31
CA VAL A 58 8.05 7.49 -3.26
C VAL A 58 8.42 6.98 -4.64
N ARG A 59 7.53 6.22 -5.24
CA ARG A 59 7.76 5.69 -6.58
C ARG A 59 6.57 4.83 -7.02
N LYS A 60 6.01 5.14 -8.18
CA LYS A 60 4.88 4.38 -8.70
C LYS A 60 5.34 3.00 -9.18
N GLU A 61 6.45 2.99 -9.92
CA GLU A 61 6.99 1.73 -10.43
C GLU A 61 7.37 0.80 -9.30
N ASP A 62 7.70 1.38 -8.14
CA ASP A 62 8.08 0.61 -6.97
C ASP A 62 6.85 -0.07 -6.38
N MET A 63 5.74 0.65 -6.34
CA MET A 63 4.50 0.12 -5.81
C MET A 63 4.06 -1.12 -6.58
N THR A 64 3.86 -0.96 -7.88
CA THR A 64 3.43 -2.06 -8.73
C THR A 64 4.42 -3.22 -8.69
N TYR A 65 5.71 -2.88 -8.60
CA TYR A 65 6.75 -3.90 -8.55
C TYR A 65 6.62 -4.78 -7.30
N ALA A 66 6.39 -4.14 -6.17
CA ALA A 66 6.25 -4.86 -4.91
C ALA A 66 5.04 -5.79 -4.92
N VAL A 67 3.92 -5.28 -5.40
CA VAL A 67 2.69 -6.06 -5.46
C VAL A 67 2.75 -7.14 -6.54
N ARG A 68 3.63 -6.95 -7.51
CA ARG A 68 3.78 -7.90 -8.60
C ARG A 68 4.92 -8.88 -8.34
N LYS A 69 5.91 -8.44 -7.55
CA LYS A 69 7.07 -9.27 -7.24
C LYS A 69 7.08 -9.71 -5.78
N LEU A 70 7.13 -8.75 -4.87
CA LEU A 70 7.17 -9.04 -3.44
C LEU A 70 5.90 -9.75 -2.97
N ASP A 71 4.86 -9.71 -3.78
CA ASP A 71 3.59 -10.36 -3.44
C ASP A 71 3.76 -11.87 -3.33
N ASN A 72 2.83 -12.51 -2.62
CA ASN A 72 2.86 -13.95 -2.44
C ASN A 72 4.24 -14.43 -1.97
N THR A 73 4.68 -13.91 -0.83
CA THR A 73 5.97 -14.28 -0.27
C THR A 73 5.90 -14.41 1.25
N LYS A 74 6.90 -15.05 1.82
CA LYS A 74 6.96 -15.25 3.27
C LYS A 74 7.63 -14.06 3.96
N PHE A 75 6.92 -13.45 4.90
CA PHE A 75 7.45 -12.31 5.62
C PHE A 75 7.99 -12.73 6.99
N ARG A 76 8.99 -12.01 7.47
CA ARG A 76 9.60 -12.31 8.76
C ARG A 76 9.70 -11.05 9.61
N SER A 77 9.47 -11.20 10.91
CA SER A 77 9.54 -10.07 11.84
C SER A 77 10.90 -9.99 12.49
N HIS A 78 11.31 -8.77 12.86
CA HIS A 78 12.60 -8.55 13.49
C HIS A 78 12.76 -9.46 14.71
N GLU A 79 11.63 -9.89 15.28
CA GLU A 79 11.65 -10.77 16.44
C GLU A 79 11.99 -12.20 16.05
N GLY A 80 11.75 -12.53 14.77
CA GLY A 80 12.03 -13.86 14.29
C GLY A 80 10.78 -14.67 14.04
N GLU A 81 9.67 -13.99 13.76
CA GLU A 81 8.40 -14.64 13.49
C GLU A 81 8.04 -14.57 12.01
N THR A 82 7.98 -15.73 11.36
CA THR A 82 7.66 -15.78 9.94
C THR A 82 6.15 -15.90 9.73
N ALA A 83 5.68 -15.41 8.59
CA ALA A 83 4.26 -15.45 8.26
C ALA A 83 4.02 -15.04 6.81
N TYR A 84 3.18 -15.81 6.12
CA TYR A 84 2.86 -15.52 4.72
C TYR A 84 2.01 -14.26 4.62
N ILE A 85 2.34 -13.39 3.66
CA ILE A 85 1.61 -12.15 3.45
C ILE A 85 1.25 -11.96 1.99
N ARG A 86 0.27 -11.10 1.73
CA ARG A 86 -0.17 -10.81 0.36
C ARG A 86 -0.16 -9.32 0.10
N VAL A 87 0.49 -8.90 -0.99
CA VAL A 87 0.57 -7.50 -1.34
C VAL A 87 -0.24 -7.19 -2.61
N LYS A 88 -0.87 -6.03 -2.63
CA LYS A 88 -1.67 -5.63 -3.78
C LYS A 88 -1.99 -4.13 -3.73
N VAL A 89 -1.95 -3.48 -4.89
CA VAL A 89 -2.23 -2.05 -4.97
C VAL A 89 -3.63 -1.73 -4.45
N ASP A 90 -3.70 -1.00 -3.35
CA ASP A 90 -4.96 -0.62 -2.75
C ASP A 90 -5.36 0.80 -3.17
N GLY A 91 -4.90 1.21 -4.35
CA GLY A 91 -5.23 2.53 -4.84
C GLY A 91 -5.42 2.56 -6.34
N PRO A 92 -4.53 3.23 -7.10
CA PRO A 92 -4.63 3.31 -8.56
C PRO A 92 -4.74 1.93 -9.20
N ARG A 93 -5.81 1.73 -9.97
CA ARG A 93 -6.03 0.46 -10.65
C ARG A 93 -6.14 0.65 -12.16
N SER A 94 -5.46 1.68 -12.67
CA SER A 94 -5.49 1.97 -14.10
C SER A 94 -4.42 1.15 -14.83
N PRO A 95 -4.56 0.99 -16.16
CA PRO A 95 -3.60 0.22 -16.96
C PRO A 95 -2.20 0.81 -16.88
N SER A 96 -2.01 1.97 -17.50
CA SER A 96 -0.71 2.66 -17.49
C SER A 96 -0.64 3.69 -18.60
N TYR A 97 -0.33 3.25 -19.81
CA TYR A 97 -0.22 4.15 -20.97
C TYR A 97 0.10 3.37 -22.24
N GLY A 98 -0.91 2.71 -22.79
CA GLY A 98 -0.71 1.94 -24.01
C GLY A 98 -1.18 2.66 -25.24
N ARG A 99 -1.86 1.94 -26.13
CA ARG A 99 -2.36 2.53 -27.37
C ARG A 99 -3.32 3.69 -27.08
N SER A 100 -4.52 3.35 -26.62
CA SER A 100 -5.52 4.37 -26.30
C SER A 100 -5.93 5.16 -27.54
N ARG A 101 -5.08 6.13 -27.91
CA ARG A 101 -5.35 6.96 -29.08
C ARG A 101 -4.10 7.72 -29.49
N SER A 102 -4.07 8.18 -30.75
CA SER A 102 -2.93 8.93 -31.26
C SER A 102 -2.78 10.27 -30.55
N ARG A 103 -3.87 10.76 -29.97
CA ARG A 103 -3.87 12.03 -29.26
C ARG A 103 -3.48 13.17 -30.18
N SER A 104 -3.87 14.39 -29.82
CA SER A 104 -3.57 15.57 -30.62
C SER A 104 -3.10 16.72 -29.73
N ARG A 105 -3.21 17.94 -30.24
CA ARG A 105 -2.80 19.13 -29.50
C ARG A 105 -1.29 19.17 -29.33
N SER A 106 -0.62 19.92 -30.20
CA SER A 106 0.83 20.04 -30.15
C SER A 106 1.34 20.99 -31.23
N ARG A 107 1.08 22.28 -31.03
CA ARG A 107 1.51 23.30 -31.98
C ARG A 107 1.66 24.66 -31.30
N SER A 108 0.54 25.35 -31.10
CA SER A 108 0.55 26.66 -30.45
C SER A 108 1.59 27.58 -31.09
N ARG A 109 1.83 28.73 -30.45
CA ARG A 109 2.80 29.69 -30.95
C ARG A 109 3.65 30.23 -29.81
N SER A 110 4.96 30.35 -30.05
CA SER A 110 5.87 30.86 -29.04
C SER A 110 7.31 30.90 -29.57
N LEU A 111 7.65 29.92 -30.40
CA LEU A 111 9.00 29.83 -30.98
C LEU A 111 9.45 31.19 -31.52
N GLU A 112 10.38 31.82 -30.81
CA GLU A 112 10.90 33.12 -31.23
C GLU A 112 12.00 33.60 -30.27
N HIS A 113 11.60 34.00 -29.07
CA HIS A 113 12.54 34.47 -28.07
C HIS A 113 13.36 35.64 -28.60
N MET A 1 -9.33 -2.89 19.81
CA MET A 1 -10.74 -3.22 19.45
C MET A 1 -11.04 -2.86 18.00
N ALA A 2 -10.24 -3.41 17.09
CA ALA A 2 -10.42 -3.16 15.66
C ALA A 2 -10.19 -1.68 15.34
N PRO A 3 -9.55 -1.38 14.20
CA PRO A 3 -9.28 0.00 13.78
C PRO A 3 -10.53 0.69 13.23
N ARG A 4 -10.33 1.86 12.62
CA ARG A 4 -11.43 2.62 12.05
C ARG A 4 -10.95 3.46 10.87
N GLY A 5 -10.11 4.45 11.15
CA GLY A 5 -9.61 5.31 10.11
C GLY A 5 -10.21 6.69 10.15
N ARG A 6 -9.45 7.69 9.70
CA ARG A 6 -9.92 9.07 9.69
C ARG A 6 -9.15 9.90 8.66
N TYR A 7 -8.76 9.25 7.56
CA TYR A 7 -8.02 9.93 6.51
C TYR A 7 -8.93 10.31 5.35
N GLY A 8 -10.18 10.65 5.68
CA GLY A 8 -11.13 11.02 4.65
C GLY A 8 -11.52 12.50 4.65
N PRO A 9 -10.91 13.36 5.49
CA PRO A 9 -11.25 14.79 5.52
C PRO A 9 -10.59 15.57 4.39
N PRO A 10 -11.05 16.79 4.11
CA PRO A 10 -10.50 17.63 3.05
C PRO A 10 -8.99 17.81 3.19
N SER A 11 -8.26 17.48 2.13
CA SER A 11 -6.81 17.60 2.14
C SER A 11 -6.27 17.75 0.73
N ARG A 12 -4.94 17.78 0.60
CA ARG A 12 -4.30 17.93 -0.70
C ARG A 12 -3.02 17.10 -0.78
N ARG A 13 -3.13 15.82 -0.46
CA ARG A 13 -1.98 14.92 -0.48
C ARG A 13 -2.41 13.50 -0.85
N SER A 14 -1.91 13.01 -1.97
CA SER A 14 -2.24 11.66 -2.42
C SER A 14 -1.10 11.07 -3.25
N GLU A 15 -0.33 10.18 -2.64
CA GLU A 15 0.79 9.55 -3.33
C GLU A 15 0.56 8.05 -3.47
N ASN A 16 -0.71 7.67 -3.61
CA ASN A 16 -1.07 6.26 -3.76
C ASN A 16 -0.65 5.45 -2.55
N ARG A 17 -1.38 4.37 -2.28
CA ARG A 17 -1.07 3.51 -1.13
C ARG A 17 -1.33 2.05 -1.47
N VAL A 18 -0.47 1.17 -0.96
CA VAL A 18 -0.60 -0.27 -1.20
C VAL A 18 -1.17 -0.96 0.03
N VAL A 19 -1.72 -2.15 -0.19
CA VAL A 19 -2.30 -2.94 0.89
C VAL A 19 -1.59 -4.28 1.02
N VAL A 20 -1.60 -4.83 2.23
CA VAL A 20 -0.96 -6.11 2.50
C VAL A 20 -1.82 -6.98 3.42
N SER A 21 -1.73 -8.29 3.24
CA SER A 21 -2.50 -9.23 4.06
C SER A 21 -1.67 -10.46 4.39
N GLY A 22 -1.59 -10.80 5.67
CA GLY A 22 -0.83 -11.95 6.10
C GLY A 22 0.18 -11.63 7.19
N LEU A 23 0.23 -10.37 7.60
CA LEU A 23 1.15 -9.94 8.65
C LEU A 23 0.93 -10.74 9.93
N PRO A 24 2.00 -10.91 10.74
CA PRO A 24 1.92 -11.67 12.00
C PRO A 24 1.03 -10.97 13.03
N PRO A 25 0.75 -11.64 14.16
CA PRO A 25 -0.09 -11.08 15.22
C PRO A 25 0.57 -9.87 15.90
N SER A 26 1.89 -9.83 15.85
CA SER A 26 2.64 -8.73 16.46
C SER A 26 3.85 -8.36 15.63
N GLY A 27 3.95 -7.09 15.27
CA GLY A 27 5.07 -6.62 14.46
C GLY A 27 5.12 -5.11 14.35
N SER A 28 6.11 -4.60 13.63
CA SER A 28 6.27 -3.17 13.46
C SER A 28 6.46 -2.82 11.98
N TRP A 29 6.01 -1.64 11.60
CA TRP A 29 6.13 -1.18 10.21
C TRP A 29 7.59 -1.04 9.82
N GLN A 30 8.43 -0.65 10.77
CA GLN A 30 9.86 -0.47 10.52
C GLN A 30 10.48 -1.77 10.02
N ASP A 31 9.94 -2.89 10.46
CA ASP A 31 10.44 -4.20 10.04
C ASP A 31 9.97 -4.54 8.64
N LEU A 32 8.67 -4.42 8.41
CA LEU A 32 8.08 -4.72 7.11
C LEU A 32 8.68 -3.82 6.03
N LYS A 33 8.78 -2.53 6.33
CA LYS A 33 9.33 -1.56 5.39
C LYS A 33 10.75 -1.95 4.98
N ASP A 34 11.53 -2.43 5.94
CA ASP A 34 12.91 -2.83 5.67
C ASP A 34 12.98 -4.14 4.89
N HIS A 35 11.95 -4.96 5.04
CA HIS A 35 11.89 -6.24 4.35
C HIS A 35 11.18 -6.12 3.00
N MET A 36 10.35 -5.09 2.86
CA MET A 36 9.61 -4.88 1.62
C MET A 36 10.29 -3.81 0.74
N ARG A 37 11.23 -3.08 1.31
CA ARG A 37 11.94 -2.04 0.56
C ARG A 37 12.53 -2.58 -0.73
N GLU A 38 12.77 -3.88 -0.78
CA GLU A 38 13.32 -4.52 -1.97
C GLU A 38 12.53 -4.14 -3.21
N ALA A 39 11.27 -3.76 -3.02
CA ALA A 39 10.42 -3.35 -4.13
C ALA A 39 10.92 -2.06 -4.75
N GLY A 40 11.58 -1.25 -3.93
CA GLY A 40 12.11 0.02 -4.42
C GLY A 40 12.40 0.99 -3.29
N ASP A 41 11.91 2.21 -3.41
CA ASP A 41 12.11 3.23 -2.39
C ASP A 41 10.86 3.42 -1.55
N VAL A 42 10.93 2.97 -0.31
CA VAL A 42 9.81 3.07 0.61
C VAL A 42 10.06 4.15 1.66
N CYS A 43 9.02 4.91 1.98
CA CYS A 43 9.14 5.98 2.97
C CYS A 43 8.12 5.82 4.09
N TYR A 44 6.90 5.42 3.75
CA TYR A 44 5.84 5.23 4.73
C TYR A 44 5.38 3.78 4.77
N ALA A 45 5.03 3.32 5.97
CA ALA A 45 4.54 1.95 6.16
C ALA A 45 3.83 1.82 7.50
N ASP A 46 2.66 1.19 7.49
CA ASP A 46 1.89 1.01 8.71
C ASP A 46 1.40 -0.44 8.83
N VAL A 47 1.42 -0.95 10.05
CA VAL A 47 0.98 -2.32 10.32
C VAL A 47 -0.04 -2.36 11.45
N TYR A 48 -1.26 -2.75 11.12
CA TYR A 48 -2.33 -2.83 12.11
C TYR A 48 -2.30 -4.18 12.83
N ARG A 49 -2.62 -4.16 14.12
CA ARG A 49 -2.64 -5.37 14.93
C ARG A 49 -3.85 -6.23 14.58
N ASP A 50 -3.89 -6.71 13.35
CA ASP A 50 -5.00 -7.56 12.89
C ASP A 50 -4.50 -8.63 11.93
N GLY A 51 -3.72 -8.22 10.93
CA GLY A 51 -3.20 -9.15 9.96
C GLY A 51 -2.80 -8.49 8.66
N THR A 52 -3.43 -7.36 8.35
CA THR A 52 -3.14 -6.63 7.12
C THR A 52 -2.36 -5.35 7.43
N GLY A 53 -1.75 -4.78 6.39
CA GLY A 53 -0.98 -3.56 6.57
C GLY A 53 -1.04 -2.65 5.35
N VAL A 54 -0.29 -1.55 5.40
CA VAL A 54 -0.26 -0.61 4.30
C VAL A 54 1.14 -0.02 4.12
N VAL A 55 1.45 0.41 2.90
CA VAL A 55 2.76 0.98 2.61
C VAL A 55 2.66 2.03 1.51
N GLU A 56 3.57 3.01 1.56
CA GLU A 56 3.58 4.08 0.56
C GLU A 56 4.99 4.30 0.04
N PHE A 57 5.19 4.06 -1.25
CA PHE A 57 6.49 4.23 -1.87
C PHE A 57 6.62 5.63 -2.47
N VAL A 58 7.82 5.96 -2.96
CA VAL A 58 8.07 7.26 -3.55
C VAL A 58 7.32 7.41 -4.88
N ARG A 59 7.77 6.67 -5.89
CA ARG A 59 7.14 6.73 -7.20
C ARG A 59 6.25 5.50 -7.43
N LYS A 60 5.29 5.63 -8.35
CA LYS A 60 4.39 4.54 -8.66
C LYS A 60 5.15 3.28 -9.07
N GLU A 61 6.30 3.48 -9.71
CA GLU A 61 7.13 2.37 -10.17
C GLU A 61 7.48 1.43 -9.02
N ASP A 62 7.76 2.01 -7.85
CA ASP A 62 8.11 1.21 -6.68
C ASP A 62 6.88 0.48 -6.14
N MET A 63 5.71 1.07 -6.33
CA MET A 63 4.47 0.47 -5.86
C MET A 63 4.11 -0.74 -6.69
N THR A 64 3.87 -0.53 -7.99
CA THR A 64 3.51 -1.61 -8.89
C THR A 64 4.54 -2.73 -8.84
N TYR A 65 5.80 -2.36 -8.63
CA TYR A 65 6.88 -3.34 -8.54
C TYR A 65 6.66 -4.27 -7.36
N ALA A 66 6.36 -3.69 -6.20
CA ALA A 66 6.13 -4.46 -4.99
C ALA A 66 5.02 -5.49 -5.19
N VAL A 67 3.88 -5.03 -5.71
CA VAL A 67 2.75 -5.92 -5.95
C VAL A 67 3.11 -6.99 -6.97
N ARG A 68 4.07 -6.68 -7.84
CA ARG A 68 4.51 -7.62 -8.85
C ARG A 68 5.47 -8.65 -8.27
N LYS A 69 6.69 -8.20 -7.96
CA LYS A 69 7.71 -9.07 -7.40
C LYS A 69 7.38 -9.43 -5.96
N LEU A 70 7.19 -8.42 -5.11
CA LEU A 70 6.87 -8.66 -3.71
C LEU A 70 5.40 -9.05 -3.54
N ASP A 71 5.09 -10.26 -3.94
CA ASP A 71 3.72 -10.77 -3.84
C ASP A 71 3.71 -12.18 -3.25
N ASN A 72 3.01 -12.33 -2.13
CA ASN A 72 2.92 -13.63 -1.46
C ASN A 72 4.30 -14.10 -1.02
N THR A 73 5.11 -13.17 -0.53
CA THR A 73 6.46 -13.49 -0.08
C THR A 73 6.47 -13.81 1.42
N LYS A 74 7.65 -14.12 1.94
CA LYS A 74 7.80 -14.45 3.35
C LYS A 74 8.32 -13.24 4.13
N PHE A 75 7.59 -12.88 5.19
CA PHE A 75 7.98 -11.74 6.02
C PHE A 75 8.59 -12.23 7.33
N ARG A 76 9.60 -11.49 7.81
CA ARG A 76 10.28 -11.85 9.06
C ARG A 76 10.16 -10.72 10.07
N SER A 77 9.49 -10.99 11.19
CA SER A 77 9.32 -10.01 12.25
C SER A 77 10.40 -10.14 13.31
N HIS A 78 10.70 -9.04 13.99
CA HIS A 78 11.72 -9.04 15.03
C HIS A 78 11.26 -9.83 16.25
N GLU A 79 9.96 -10.14 16.32
CA GLU A 79 9.41 -10.90 17.43
C GLU A 79 9.91 -12.35 17.41
N GLY A 80 10.32 -12.82 16.24
CA GLY A 80 10.81 -14.17 16.12
C GLY A 80 9.81 -15.10 15.44
N GLU A 81 9.00 -14.55 14.55
CA GLU A 81 8.01 -15.33 13.85
C GLU A 81 7.93 -14.93 12.36
N THR A 82 7.70 -15.91 11.51
CA THR A 82 7.61 -15.66 10.07
C THR A 82 6.19 -15.91 9.56
N ALA A 83 5.84 -15.25 8.46
CA ALA A 83 4.52 -15.40 7.87
C ALA A 83 4.48 -14.83 6.45
N TYR A 84 3.66 -15.44 5.60
CA TYR A 84 3.53 -14.99 4.22
C TYR A 84 2.52 -13.85 4.12
N ILE A 85 2.77 -12.92 3.20
CA ILE A 85 1.88 -11.77 3.02
C ILE A 85 1.64 -11.51 1.54
N ARG A 86 0.43 -11.05 1.23
CA ARG A 86 0.07 -10.74 -0.16
C ARG A 86 -0.03 -9.23 -0.37
N VAL A 87 0.65 -8.73 -1.39
CA VAL A 87 0.65 -7.31 -1.69
C VAL A 87 -0.24 -7.00 -2.89
N LYS A 88 -0.92 -5.87 -2.84
CA LYS A 88 -1.81 -5.46 -3.93
C LYS A 88 -2.11 -3.96 -3.85
N VAL A 89 -2.22 -3.32 -5.01
CA VAL A 89 -2.50 -1.90 -5.08
C VAL A 89 -3.88 -1.58 -4.50
N ASP A 90 -3.89 -0.87 -3.38
CA ASP A 90 -5.14 -0.51 -2.72
C ASP A 90 -5.68 0.79 -3.28
N GLY A 91 -5.88 0.84 -4.60
CA GLY A 91 -6.40 2.03 -5.24
C GLY A 91 -6.96 1.76 -6.63
N PRO A 92 -7.98 0.90 -6.74
CA PRO A 92 -8.60 0.57 -8.02
C PRO A 92 -9.57 1.64 -8.50
N ARG A 93 -10.15 1.44 -9.68
CA ARG A 93 -11.10 2.40 -10.24
C ARG A 93 -10.43 3.75 -10.50
N SER A 94 -10.91 4.80 -9.85
CA SER A 94 -10.36 6.13 -10.03
C SER A 94 -11.07 7.15 -9.14
N PRO A 95 -12.41 7.21 -9.22
CA PRO A 95 -13.21 8.16 -8.42
C PRO A 95 -12.72 8.26 -6.98
N SER A 96 -13.20 9.28 -6.27
CA SER A 96 -12.82 9.52 -4.88
C SER A 96 -12.78 8.22 -4.07
N TYR A 97 -11.99 8.24 -3.00
CA TYR A 97 -11.85 7.07 -2.13
C TYR A 97 -12.35 7.39 -0.72
N GLY A 98 -12.20 6.43 0.19
CA GLY A 98 -12.64 6.62 1.56
C GLY A 98 -14.05 6.12 1.79
N ARG A 99 -15.02 7.03 1.71
CA ARG A 99 -16.42 6.67 1.92
C ARG A 99 -17.18 6.72 0.59
N SER A 100 -17.71 7.90 0.25
CA SER A 100 -18.46 8.08 -0.99
C SER A 100 -19.42 6.91 -1.23
N ARG A 101 -19.89 6.78 -2.47
CA ARG A 101 -20.80 5.70 -2.84
C ARG A 101 -20.11 4.70 -3.75
N SER A 102 -19.14 3.98 -3.19
CA SER A 102 -18.39 2.98 -3.95
C SER A 102 -19.11 1.64 -3.97
N ARG A 103 -18.40 0.59 -4.36
CA ARG A 103 -18.96 -0.75 -4.43
C ARG A 103 -18.33 -1.67 -3.38
N SER A 104 -18.54 -2.98 -3.54
CA SER A 104 -17.99 -3.96 -2.62
C SER A 104 -18.73 -3.92 -1.28
N ARG A 105 -18.14 -4.54 -0.26
CA ARG A 105 -18.74 -4.60 1.07
C ARG A 105 -20.14 -5.18 1.03
N SER A 106 -20.39 -6.04 0.05
CA SER A 106 -21.70 -6.68 -0.11
C SER A 106 -21.58 -8.19 -0.04
N ARG A 107 -20.57 -8.74 -0.70
CA ARG A 107 -20.34 -10.17 -0.72
C ARG A 107 -18.88 -10.51 -1.04
N SER A 108 -18.39 -11.60 -0.49
CA SER A 108 -17.02 -12.03 -0.72
C SER A 108 -16.84 -13.52 -0.40
N ARG A 109 -16.64 -13.82 0.89
CA ARG A 109 -16.46 -15.20 1.33
C ARG A 109 -15.44 -15.93 0.45
N SER A 110 -14.16 -15.70 0.73
CA SER A 110 -13.08 -16.33 -0.03
C SER A 110 -13.20 -17.85 0.04
N LEU A 111 -13.80 -18.36 1.10
CA LEU A 111 -13.96 -19.80 1.28
C LEU A 111 -12.60 -20.49 1.40
N GLU A 112 -12.22 -20.83 2.62
CA GLU A 112 -10.95 -21.51 2.86
C GLU A 112 -11.14 -22.72 3.77
N HIS A 113 -11.38 -22.46 5.04
CA HIS A 113 -11.58 -23.54 6.01
C HIS A 113 -12.84 -23.29 6.85
N MET A 1 -16.61 -2.37 -17.40
CA MET A 1 -15.95 -1.48 -18.40
C MET A 1 -16.61 -1.58 -19.77
N ALA A 2 -17.53 -2.52 -19.92
CA ALA A 2 -18.23 -2.72 -21.19
C ALA A 2 -17.26 -3.14 -22.29
N PRO A 3 -16.49 -4.22 -22.06
CA PRO A 3 -15.53 -4.72 -23.03
C PRO A 3 -16.19 -5.41 -24.21
N ARG A 4 -17.02 -4.66 -24.96
CA ARG A 4 -17.72 -5.20 -26.10
C ARG A 4 -17.14 -4.65 -27.40
N GLY A 5 -15.85 -4.89 -27.62
CA GLY A 5 -15.20 -4.42 -28.83
C GLY A 5 -13.95 -3.62 -28.53
N ARG A 6 -13.16 -4.09 -27.57
CA ARG A 6 -11.92 -3.41 -27.19
C ARG A 6 -12.20 -2.00 -26.71
N TYR A 7 -12.95 -1.89 -25.61
CA TYR A 7 -13.29 -0.58 -25.05
C TYR A 7 -12.62 -0.37 -23.70
N GLY A 8 -12.34 -1.48 -23.00
CA GLY A 8 -11.71 -1.40 -21.69
C GLY A 8 -10.41 -0.62 -21.72
N PRO A 9 -10.06 0.08 -20.63
CA PRO A 9 -8.83 0.87 -20.54
C PRO A 9 -7.59 0.00 -20.35
N PRO A 10 -6.40 0.53 -20.68
CA PRO A 10 -5.14 -0.21 -20.54
C PRO A 10 -4.77 -0.46 -19.09
N SER A 11 -4.41 0.61 -18.38
CA SER A 11 -4.03 0.50 -16.96
C SER A 11 -3.52 1.84 -16.44
N ARG A 12 -3.01 1.85 -15.21
CA ARG A 12 -2.49 3.06 -14.59
C ARG A 12 -3.64 3.90 -14.06
N ARG A 13 -3.78 3.93 -12.74
CA ARG A 13 -4.86 4.67 -12.10
C ARG A 13 -4.32 5.86 -11.30
N SER A 14 -3.84 5.60 -10.08
CA SER A 14 -3.28 6.66 -9.21
C SER A 14 -3.28 6.21 -7.74
N GLU A 15 -3.01 7.16 -6.85
CA GLU A 15 -2.96 6.91 -5.40
C GLU A 15 -1.56 6.55 -4.94
N ASN A 16 -0.85 5.76 -5.75
CA ASN A 16 0.51 5.35 -5.41
C ASN A 16 0.55 4.70 -4.02
N ARG A 17 -0.57 4.16 -3.58
CA ARG A 17 -0.65 3.53 -2.28
C ARG A 17 -0.98 2.04 -2.42
N VAL A 18 -0.52 1.24 -1.47
CA VAL A 18 -0.76 -0.20 -1.48
C VAL A 18 -1.19 -0.70 -0.11
N VAL A 19 -1.83 -1.85 -0.09
CA VAL A 19 -2.29 -2.45 1.15
C VAL A 19 -1.74 -3.86 1.33
N VAL A 20 -1.50 -4.25 2.59
CA VAL A 20 -0.97 -5.58 2.89
C VAL A 20 -1.95 -6.39 3.73
N SER A 21 -1.80 -7.70 3.69
CA SER A 21 -2.67 -8.59 4.44
C SER A 21 -2.04 -9.97 4.60
N GLY A 22 -1.88 -10.41 5.85
CA GLY A 22 -1.29 -11.71 6.11
C GLY A 22 -0.02 -11.61 6.95
N LEU A 23 -0.04 -10.71 7.94
CA LEU A 23 1.12 -10.52 8.81
C LEU A 23 1.02 -11.43 10.03
N PRO A 24 2.17 -11.77 10.65
CA PRO A 24 2.21 -12.63 11.83
C PRO A 24 1.35 -12.09 12.97
N PRO A 25 1.07 -12.92 14.00
CA PRO A 25 0.26 -12.51 15.14
C PRO A 25 0.73 -11.20 15.75
N SER A 26 2.02 -10.91 15.61
CA SER A 26 2.60 -9.68 16.16
C SER A 26 3.73 -9.17 15.26
N GLY A 27 3.65 -7.90 14.91
CA GLY A 27 4.68 -7.30 14.07
C GLY A 27 4.70 -5.79 14.17
N SER A 28 5.36 -5.15 13.20
CA SER A 28 5.46 -3.69 13.18
C SER A 28 5.63 -3.18 11.75
N TRP A 29 5.38 -1.89 11.56
CA TRP A 29 5.51 -1.28 10.25
C TRP A 29 6.98 -1.08 9.89
N GLN A 30 7.78 -0.71 10.87
CA GLN A 30 9.21 -0.49 10.66
C GLN A 30 9.88 -1.76 10.13
N ASP A 31 9.43 -2.90 10.63
CA ASP A 31 9.98 -4.19 10.22
C ASP A 31 9.52 -4.55 8.81
N LEU A 32 8.28 -4.18 8.49
CA LEU A 32 7.71 -4.46 7.18
C LEU A 32 8.49 -3.73 6.09
N LYS A 33 8.78 -2.46 6.33
CA LYS A 33 9.52 -1.64 5.39
C LYS A 33 10.83 -2.31 4.97
N ASP A 34 11.37 -3.13 5.86
CA ASP A 34 12.63 -3.82 5.61
C ASP A 34 12.46 -4.86 4.50
N HIS A 35 11.24 -5.36 4.34
CA HIS A 35 10.96 -6.36 3.33
C HIS A 35 10.39 -5.72 2.06
N MET A 36 9.73 -4.57 2.22
CA MET A 36 9.14 -3.88 1.08
C MET A 36 10.18 -3.00 0.38
N ARG A 37 11.19 -2.57 1.12
CA ARG A 37 12.24 -1.73 0.57
C ARG A 37 12.83 -2.32 -0.71
N GLU A 38 12.77 -3.65 -0.82
CA GLU A 38 13.29 -4.34 -1.99
C GLU A 38 12.69 -3.78 -3.28
N ALA A 39 11.54 -3.14 -3.16
CA ALA A 39 10.86 -2.56 -4.31
C ALA A 39 11.65 -1.37 -4.85
N GLY A 40 12.42 -0.75 -3.97
CA GLY A 40 13.23 0.40 -4.37
C GLY A 40 13.56 1.29 -3.20
N ASP A 41 12.53 1.82 -2.55
CA ASP A 41 12.72 2.70 -1.40
C ASP A 41 11.39 3.05 -0.76
N VAL A 42 11.13 2.48 0.41
CA VAL A 42 9.90 2.71 1.14
C VAL A 42 10.03 3.92 2.05
N CYS A 43 9.04 4.81 2.00
CA CYS A 43 9.04 6.02 2.81
C CYS A 43 7.96 5.95 3.89
N TYR A 44 6.89 5.22 3.61
CA TYR A 44 5.79 5.08 4.56
C TYR A 44 5.35 3.63 4.70
N ALA A 45 4.95 3.25 5.90
CA ALA A 45 4.50 1.89 6.18
C ALA A 45 3.67 1.83 7.45
N ASP A 46 2.54 1.15 7.38
CA ASP A 46 1.66 1.02 8.54
C ASP A 46 1.12 -0.41 8.66
N VAL A 47 0.81 -0.81 9.89
CA VAL A 47 0.30 -2.14 10.15
C VAL A 47 -0.74 -2.13 11.26
N TYR A 48 -2.00 -2.31 10.89
CA TYR A 48 -3.09 -2.32 11.86
C TYR A 48 -3.15 -3.64 12.61
N ARG A 49 -2.63 -3.66 13.83
CA ARG A 49 -2.62 -4.87 14.65
C ARG A 49 -1.77 -5.96 14.02
N ASP A 50 -2.30 -6.58 12.96
CA ASP A 50 -1.59 -7.66 12.27
C ASP A 50 -2.40 -8.18 11.09
N GLY A 51 -3.73 -8.23 11.26
CA GLY A 51 -4.59 -8.72 10.20
C GLY A 51 -4.27 -8.14 8.85
N THR A 52 -3.94 -6.85 8.81
CA THR A 52 -3.60 -6.18 7.55
C THR A 52 -2.76 -4.93 7.81
N GLY A 53 -2.32 -4.31 6.73
CA GLY A 53 -1.51 -3.10 6.86
C GLY A 53 -1.47 -2.30 5.57
N VAL A 54 -0.54 -1.34 5.50
CA VAL A 54 -0.41 -0.50 4.32
C VAL A 54 1.04 -0.05 4.12
N VAL A 55 1.36 0.36 2.90
CA VAL A 55 2.71 0.80 2.59
C VAL A 55 2.70 1.80 1.43
N GLU A 56 3.60 2.78 1.50
CA GLU A 56 3.71 3.79 0.46
C GLU A 56 5.15 3.94 -0.02
N PHE A 57 5.32 4.05 -1.34
CA PHE A 57 6.65 4.19 -1.92
C PHE A 57 6.82 5.57 -2.56
N VAL A 58 8.03 5.84 -3.05
CA VAL A 58 8.32 7.12 -3.68
C VAL A 58 7.64 7.22 -5.04
N ARG A 59 8.13 6.45 -6.00
CA ARG A 59 7.57 6.46 -7.35
C ARG A 59 6.61 5.29 -7.55
N LYS A 60 5.72 5.43 -8.52
CA LYS A 60 4.74 4.38 -8.82
C LYS A 60 5.44 3.06 -9.16
N GLU A 61 6.64 3.16 -9.71
CA GLU A 61 7.41 1.98 -10.08
C GLU A 61 7.72 1.13 -8.86
N ASP A 62 7.94 1.79 -7.72
CA ASP A 62 8.26 1.08 -6.48
C ASP A 62 7.02 0.42 -5.91
N MET A 63 5.87 1.10 -6.02
CA MET A 63 4.62 0.58 -5.51
C MET A 63 4.14 -0.59 -6.36
N THR A 64 3.86 -0.32 -7.63
CA THR A 64 3.39 -1.34 -8.55
C THR A 64 4.31 -2.55 -8.56
N TYR A 65 5.62 -2.29 -8.44
CA TYR A 65 6.60 -3.35 -8.43
C TYR A 65 6.41 -4.26 -7.21
N ALA A 66 6.24 -3.63 -6.05
CA ALA A 66 6.06 -4.36 -4.81
C ALA A 66 4.90 -5.35 -4.90
N VAL A 67 3.78 -4.89 -5.44
CA VAL A 67 2.60 -5.73 -5.58
C VAL A 67 2.84 -6.83 -6.62
N ARG A 68 3.77 -6.58 -7.52
CA ARG A 68 4.11 -7.53 -8.57
C ARG A 68 5.15 -8.53 -8.09
N LYS A 69 6.36 -8.02 -7.85
CA LYS A 69 7.46 -8.85 -7.40
C LYS A 69 7.34 -9.20 -5.92
N LEU A 70 7.09 -8.19 -5.08
CA LEU A 70 6.96 -8.42 -3.64
C LEU A 70 5.54 -8.86 -3.28
N ASP A 71 5.10 -9.97 -3.88
CA ASP A 71 3.77 -10.50 -3.62
C ASP A 71 3.86 -11.89 -2.99
N ASN A 72 3.14 -12.08 -1.88
CA ASN A 72 3.14 -13.36 -1.19
C ASN A 72 4.55 -13.72 -0.73
N THR A 73 5.28 -12.72 -0.26
CA THR A 73 6.65 -12.92 0.22
C THR A 73 6.66 -13.46 1.63
N LYS A 74 7.85 -13.73 2.15
CA LYS A 74 8.01 -14.25 3.51
C LYS A 74 8.47 -13.16 4.46
N PHE A 75 7.52 -12.60 5.20
CA PHE A 75 7.82 -11.54 6.17
C PHE A 75 8.18 -12.14 7.52
N ARG A 76 8.99 -11.41 8.29
CA ARG A 76 9.40 -11.87 9.62
C ARG A 76 9.36 -10.72 10.62
N SER A 77 8.90 -11.03 11.83
CA SER A 77 8.82 -10.03 12.89
C SER A 77 10.17 -9.90 13.60
N HIS A 78 10.40 -8.74 14.21
CA HIS A 78 11.65 -8.49 14.92
C HIS A 78 11.90 -9.58 15.95
N GLU A 79 10.83 -10.27 16.37
CA GLU A 79 10.93 -11.34 17.35
C GLU A 79 11.50 -12.61 16.71
N GLY A 80 11.40 -12.70 15.39
CA GLY A 80 11.91 -13.87 14.70
C GLY A 80 10.81 -14.79 14.19
N GLU A 81 9.60 -14.24 14.06
CA GLU A 81 8.47 -15.01 13.58
C GLU A 81 8.18 -14.71 12.11
N THR A 82 8.33 -15.72 11.26
CA THR A 82 8.09 -15.55 9.83
C THR A 82 6.63 -15.82 9.48
N ALA A 83 6.19 -15.26 8.35
CA ALA A 83 4.83 -15.42 7.89
C ALA A 83 4.68 -15.00 6.43
N TYR A 84 3.57 -15.37 5.81
CA TYR A 84 3.32 -15.03 4.41
C TYR A 84 2.38 -13.83 4.31
N ILE A 85 2.86 -12.76 3.70
CA ILE A 85 2.07 -11.55 3.54
C ILE A 85 1.63 -11.36 2.09
N ARG A 86 0.39 -10.89 1.92
CA ARG A 86 -0.15 -10.66 0.58
C ARG A 86 -0.22 -9.17 0.28
N VAL A 87 0.32 -8.77 -0.86
CA VAL A 87 0.32 -7.35 -1.26
C VAL A 87 -0.58 -7.14 -2.47
N LYS A 88 -1.27 -6.00 -2.48
CA LYS A 88 -2.16 -5.66 -3.59
C LYS A 88 -2.49 -4.18 -3.58
N VAL A 89 -2.56 -3.58 -4.77
CA VAL A 89 -2.87 -2.17 -4.90
C VAL A 89 -4.24 -1.85 -4.32
N ASP A 90 -4.24 -1.12 -3.20
CA ASP A 90 -5.49 -0.75 -2.55
C ASP A 90 -6.20 0.37 -3.31
N GLY A 91 -7.24 0.92 -2.71
CA GLY A 91 -7.99 2.00 -3.36
C GLY A 91 -9.10 2.55 -2.48
N PRO A 92 -8.81 3.60 -1.68
CA PRO A 92 -9.81 4.20 -0.80
C PRO A 92 -11.05 4.67 -1.55
N ARG A 93 -11.83 5.55 -0.92
CA ARG A 93 -13.05 6.07 -1.54
C ARG A 93 -12.76 7.37 -2.27
N SER A 94 -13.82 7.97 -2.84
CA SER A 94 -13.68 9.21 -3.56
C SER A 94 -14.37 10.35 -2.83
N PRO A 95 -14.10 11.61 -3.22
CA PRO A 95 -14.70 12.79 -2.60
C PRO A 95 -16.22 12.83 -2.79
N SER A 96 -16.93 12.01 -2.01
CA SER A 96 -18.38 11.96 -2.10
C SER A 96 -19.01 12.00 -0.70
N TYR A 97 -20.02 12.86 -0.55
CA TYR A 97 -20.71 13.00 0.73
C TYR A 97 -21.96 12.13 0.77
N GLY A 98 -22.70 12.24 1.87
CA GLY A 98 -23.93 11.45 2.01
C GLY A 98 -24.89 11.67 0.86
N ARG A 99 -24.84 12.84 0.25
CA ARG A 99 -25.72 13.16 -0.87
C ARG A 99 -25.08 12.75 -2.20
N SER A 100 -24.68 11.49 -2.28
CA SER A 100 -24.05 10.95 -3.49
C SER A 100 -22.87 11.84 -3.93
N ARG A 101 -23.16 12.83 -4.77
CA ARG A 101 -22.13 13.74 -5.26
C ARG A 101 -20.90 12.96 -5.76
N SER A 102 -20.86 12.70 -7.07
CA SER A 102 -19.75 11.96 -7.66
C SER A 102 -19.66 10.56 -7.09
N ARG A 103 -20.81 9.94 -6.85
CA ARG A 103 -20.86 8.59 -6.31
C ARG A 103 -21.83 7.71 -7.09
N SER A 104 -21.31 6.65 -7.70
CA SER A 104 -22.13 5.74 -8.48
C SER A 104 -21.85 4.29 -8.08
N ARG A 105 -22.93 3.53 -7.87
CA ARG A 105 -22.81 2.13 -7.48
C ARG A 105 -24.18 1.48 -7.38
N SER A 106 -25.14 2.21 -6.83
CA SER A 106 -26.49 1.70 -6.67
C SER A 106 -27.48 2.86 -6.53
N ARG A 107 -28.65 2.72 -7.13
CA ARG A 107 -29.69 3.74 -7.07
C ARG A 107 -31.07 3.12 -7.08
N SER A 108 -32.09 3.94 -6.84
CA SER A 108 -33.46 3.47 -6.81
C SER A 108 -33.65 2.42 -5.73
N ARG A 109 -32.94 2.59 -4.61
CA ARG A 109 -33.03 1.66 -3.50
C ARG A 109 -32.19 2.14 -2.32
N SER A 110 -32.83 2.29 -1.16
CA SER A 110 -32.14 2.74 0.04
C SER A 110 -31.94 1.58 1.02
N LEU A 111 -31.11 1.81 2.03
CA LEU A 111 -30.83 0.79 3.03
C LEU A 111 -31.24 1.26 4.42
N GLU A 112 -30.46 2.16 4.99
CA GLU A 112 -30.75 2.69 6.33
C GLU A 112 -30.61 4.21 6.34
N HIS A 113 -31.50 4.89 5.63
CA HIS A 113 -31.48 6.35 5.57
C HIS A 113 -32.65 6.87 4.75
N MET A 1 3.63 7.75 -35.38
CA MET A 1 3.64 6.28 -35.10
C MET A 1 2.87 5.96 -33.83
N ALA A 2 1.56 5.79 -33.96
CA ALA A 2 0.69 5.48 -32.83
C ALA A 2 0.72 6.61 -31.79
N PRO A 3 -0.41 6.85 -31.11
CA PRO A 3 -0.51 7.90 -30.10
C PRO A 3 0.26 7.55 -28.82
N ARG A 4 -0.45 6.98 -27.83
CA ARG A 4 0.18 6.59 -26.57
C ARG A 4 1.07 7.71 -26.02
N GLY A 5 1.83 7.40 -24.98
CA GLY A 5 2.72 8.38 -24.38
C GLY A 5 2.03 9.25 -23.35
N ARG A 6 1.73 8.66 -22.20
CA ARG A 6 1.07 9.38 -21.11
C ARG A 6 -0.27 9.97 -21.56
N TYR A 7 -1.15 10.23 -20.60
CA TYR A 7 -2.47 10.78 -20.90
C TYR A 7 -2.95 11.67 -19.75
N GLY A 8 -2.97 11.11 -18.55
CA GLY A 8 -3.41 11.86 -17.39
C GLY A 8 -2.76 11.39 -16.10
N PRO A 9 -1.80 12.16 -15.55
CA PRO A 9 -1.10 11.80 -14.32
C PRO A 9 -2.04 11.77 -13.11
N PRO A 10 -2.36 10.56 -12.59
CA PRO A 10 -3.25 10.41 -11.44
C PRO A 10 -2.60 10.91 -10.15
N SER A 11 -3.38 11.61 -9.33
CA SER A 11 -2.89 12.13 -8.06
C SER A 11 -3.99 12.89 -7.32
N ARG A 12 -5.16 12.26 -7.21
CA ARG A 12 -6.30 12.88 -6.53
C ARG A 12 -6.67 12.09 -5.27
N ARG A 13 -6.26 10.82 -5.21
CA ARG A 13 -6.57 9.99 -4.07
C ARG A 13 -5.38 9.09 -3.71
N SER A 14 -4.20 9.46 -4.19
CA SER A 14 -2.99 8.69 -3.91
C SER A 14 -3.08 7.29 -4.53
N GLU A 15 -2.56 7.17 -5.76
CA GLU A 15 -2.59 5.89 -6.46
C GLU A 15 -1.31 5.10 -6.21
N ASN A 16 -0.57 5.47 -5.18
CA ASN A 16 0.68 4.78 -4.84
C ASN A 16 0.56 4.02 -3.53
N ARG A 17 -0.61 4.09 -2.90
CA ARG A 17 -0.85 3.41 -1.63
C ARG A 17 -1.23 1.95 -1.87
N VAL A 18 -0.42 1.04 -1.34
CA VAL A 18 -0.68 -0.39 -1.49
C VAL A 18 -1.27 -0.97 -0.21
N VAL A 19 -1.92 -2.12 -0.34
CA VAL A 19 -2.54 -2.80 0.80
C VAL A 19 -1.94 -4.18 1.00
N VAL A 20 -1.81 -4.58 2.26
CA VAL A 20 -1.26 -5.89 2.59
C VAL A 20 -2.15 -6.63 3.58
N SER A 21 -2.01 -7.95 3.62
CA SER A 21 -2.82 -8.78 4.53
C SER A 21 -2.02 -9.98 5.00
N GLY A 22 -2.27 -10.40 6.24
CA GLY A 22 -1.57 -11.55 6.80
C GLY A 22 -0.37 -11.14 7.61
N LEU A 23 -0.55 -10.15 8.49
CA LEU A 23 0.54 -9.67 9.33
C LEU A 23 0.62 -10.48 10.63
N PRO A 24 1.83 -10.70 11.16
CA PRO A 24 2.03 -11.45 12.39
C PRO A 24 1.59 -10.67 13.63
N PRO A 25 1.55 -11.33 14.80
CA PRO A 25 1.16 -10.68 16.05
C PRO A 25 2.16 -9.60 16.49
N SER A 26 3.41 -9.77 16.08
CA SER A 26 4.46 -8.81 16.44
C SER A 26 5.00 -8.13 15.18
N GLY A 27 4.15 -7.96 14.18
CA GLY A 27 4.56 -7.33 12.95
C GLY A 27 4.33 -5.83 12.97
N SER A 28 5.40 -5.05 12.83
CA SER A 28 5.31 -3.60 12.83
C SER A 28 5.76 -3.04 11.49
N TRP A 29 5.50 -1.74 11.29
CA TRP A 29 5.87 -1.08 10.04
C TRP A 29 7.39 -1.09 9.85
N GLN A 30 8.12 -0.85 10.92
CA GLN A 30 9.57 -0.83 10.87
C GLN A 30 10.12 -2.19 10.46
N ASP A 31 9.44 -3.25 10.86
CA ASP A 31 9.86 -4.60 10.54
C ASP A 31 9.50 -4.95 9.09
N LEU A 32 8.34 -4.49 8.64
CA LEU A 32 7.88 -4.77 7.28
C LEU A 32 8.60 -3.88 6.27
N LYS A 33 8.73 -2.60 6.60
CA LYS A 33 9.39 -1.64 5.72
C LYS A 33 10.79 -2.12 5.31
N ASP A 34 11.51 -2.72 6.26
CA ASP A 34 12.86 -3.20 5.99
C ASP A 34 12.84 -4.44 5.11
N HIS A 35 11.74 -5.19 5.16
CA HIS A 35 11.60 -6.41 4.37
C HIS A 35 10.98 -6.12 3.01
N MET A 36 10.20 -5.05 2.94
CA MET A 36 9.53 -4.68 1.69
C MET A 36 10.33 -3.60 0.94
N ARG A 37 11.34 -3.02 1.60
CA ARG A 37 12.17 -1.99 1.00
C ARG A 37 12.84 -2.49 -0.28
N GLU A 38 12.91 -3.80 -0.44
CA GLU A 38 13.54 -4.39 -1.62
C GLU A 38 12.99 -3.78 -2.90
N ALA A 39 11.77 -3.25 -2.83
CA ALA A 39 11.14 -2.63 -3.98
C ALA A 39 11.83 -1.30 -4.32
N GLY A 40 12.42 -0.69 -3.31
CA GLY A 40 13.11 0.57 -3.50
C GLY A 40 13.17 1.40 -2.24
N ASP A 41 12.70 2.65 -2.32
CA ASP A 41 12.71 3.54 -1.18
C ASP A 41 11.30 3.71 -0.62
N VAL A 42 11.10 3.24 0.60
CA VAL A 42 9.81 3.34 1.26
C VAL A 42 9.59 4.73 1.85
N CYS A 43 8.43 5.31 1.57
CA CYS A 43 8.09 6.63 2.07
C CYS A 43 7.26 6.54 3.34
N TYR A 44 6.48 5.46 3.46
CA TYR A 44 5.63 5.27 4.63
C TYR A 44 5.18 3.82 4.73
N ALA A 45 5.02 3.33 5.96
CA ALA A 45 4.58 1.97 6.21
C ALA A 45 3.80 1.86 7.51
N ASP A 46 2.69 1.12 7.48
CA ASP A 46 1.85 0.94 8.65
C ASP A 46 1.12 -0.39 8.60
N VAL A 47 1.28 -1.19 9.65
CA VAL A 47 0.63 -2.49 9.72
C VAL A 47 -0.14 -2.64 11.04
N TYR A 48 -1.39 -3.08 10.93
CA TYR A 48 -2.23 -3.27 12.11
C TYR A 48 -2.24 -4.74 12.55
N ARG A 49 -2.50 -4.97 13.83
CA ARG A 49 -2.54 -6.32 14.37
C ARG A 49 -3.82 -7.06 13.96
N ASP A 50 -4.76 -6.32 13.40
CA ASP A 50 -6.04 -6.91 12.97
C ASP A 50 -5.81 -7.94 11.86
N GLY A 51 -4.76 -7.75 11.08
CA GLY A 51 -4.45 -8.67 10.00
C GLY A 51 -4.37 -7.97 8.65
N THR A 52 -3.84 -6.75 8.64
CA THR A 52 -3.71 -5.99 7.41
C THR A 52 -2.67 -4.88 7.57
N GLY A 53 -2.17 -4.38 6.45
CA GLY A 53 -1.18 -3.32 6.49
C GLY A 53 -1.26 -2.41 5.28
N VAL A 54 -0.42 -1.37 5.27
CA VAL A 54 -0.39 -0.42 4.18
C VAL A 54 1.01 0.12 3.96
N VAL A 55 1.35 0.41 2.71
CA VAL A 55 2.67 0.95 2.38
C VAL A 55 2.59 2.01 1.29
N GLU A 56 3.48 2.98 1.35
CA GLU A 56 3.51 4.06 0.37
C GLU A 56 4.92 4.29 -0.15
N PHE A 57 5.08 4.25 -1.46
CA PHE A 57 6.39 4.45 -2.09
C PHE A 57 6.47 5.83 -2.72
N VAL A 58 7.69 6.24 -3.07
CA VAL A 58 7.91 7.55 -3.69
C VAL A 58 7.13 7.67 -4.98
N ARG A 59 7.59 6.97 -6.02
CA ARG A 59 6.93 7.01 -7.32
C ARG A 59 6.15 5.72 -7.57
N LYS A 60 5.08 5.82 -8.36
CA LYS A 60 4.25 4.66 -8.68
C LYS A 60 5.09 3.48 -9.16
N GLU A 61 6.24 3.79 -9.74
CA GLU A 61 7.15 2.76 -10.24
C GLU A 61 7.49 1.75 -9.15
N ASP A 62 7.77 2.26 -7.96
CA ASP A 62 8.11 1.40 -6.82
C ASP A 62 6.87 0.66 -6.31
N MET A 63 5.71 1.28 -6.47
CA MET A 63 4.46 0.68 -6.02
C MET A 63 4.15 -0.57 -6.83
N THR A 64 3.94 -0.41 -8.13
CA THR A 64 3.63 -1.54 -8.99
C THR A 64 4.73 -2.59 -8.93
N TYR A 65 5.97 -2.13 -8.76
CA TYR A 65 7.10 -3.05 -8.69
C TYR A 65 6.99 -3.96 -7.46
N ALA A 66 6.67 -3.36 -6.32
CA ALA A 66 6.53 -4.11 -5.09
C ALA A 66 5.45 -5.18 -5.20
N VAL A 67 4.29 -4.81 -5.72
CA VAL A 67 3.18 -5.75 -5.88
C VAL A 67 3.54 -6.85 -6.88
N ARG A 68 4.45 -6.53 -7.80
CA ARG A 68 4.87 -7.47 -8.80
C ARG A 68 5.83 -8.49 -8.20
N LYS A 69 7.04 -8.04 -7.92
CA LYS A 69 8.07 -8.89 -7.34
C LYS A 69 7.72 -9.27 -5.90
N LEU A 70 7.55 -8.26 -5.05
CA LEU A 70 7.22 -8.49 -3.64
C LEU A 70 5.74 -8.85 -3.49
N ASP A 71 5.42 -10.13 -3.73
CA ASP A 71 4.04 -10.59 -3.63
C ASP A 71 4.01 -12.07 -3.26
N ASN A 72 3.09 -12.43 -2.36
CA ASN A 72 2.96 -13.82 -1.92
C ASN A 72 4.26 -14.34 -1.31
N THR A 73 4.86 -13.52 -0.45
CA THR A 73 6.12 -13.90 0.21
C THR A 73 5.90 -14.19 1.69
N LYS A 74 6.94 -14.68 2.34
CA LYS A 74 6.87 -15.00 3.76
C LYS A 74 7.60 -13.96 4.59
N PHE A 75 6.84 -13.09 5.24
CA PHE A 75 7.40 -12.03 6.08
C PHE A 75 8.04 -12.63 7.32
N ARG A 76 9.34 -12.40 7.50
CA ARG A 76 10.07 -12.92 8.64
C ARG A 76 10.44 -11.78 9.58
N SER A 77 9.68 -11.63 10.66
CA SER A 77 9.93 -10.58 11.63
C SER A 77 11.27 -10.82 12.35
N HIS A 78 12.02 -9.74 12.53
CA HIS A 78 13.32 -9.83 13.20
C HIS A 78 13.16 -10.35 14.63
N GLU A 79 11.96 -10.26 15.16
CA GLU A 79 11.68 -10.73 16.52
C GLU A 79 11.78 -12.25 16.60
N GLY A 80 11.71 -12.92 15.45
CA GLY A 80 11.78 -14.37 15.43
C GLY A 80 10.44 -15.01 15.12
N GLU A 81 9.62 -14.32 14.34
CA GLU A 81 8.31 -14.84 13.97
C GLU A 81 8.07 -14.71 12.47
N THR A 82 7.48 -15.74 11.88
CA THR A 82 7.20 -15.75 10.45
C THR A 82 5.70 -15.68 10.18
N ALA A 83 5.34 -15.21 8.99
CA ALA A 83 3.94 -15.08 8.62
C ALA A 83 3.80 -14.76 7.13
N TYR A 84 2.84 -15.39 6.48
CA TYR A 84 2.59 -15.17 5.07
C TYR A 84 1.80 -13.88 4.85
N ILE A 85 2.30 -13.02 3.97
CA ILE A 85 1.64 -11.75 3.68
C ILE A 85 1.36 -11.59 2.19
N ARG A 86 0.20 -11.04 1.88
CA ARG A 86 -0.19 -10.82 0.49
C ARG A 86 -0.25 -9.33 0.18
N VAL A 87 0.31 -8.95 -0.97
CA VAL A 87 0.32 -7.54 -1.38
C VAL A 87 -0.61 -7.30 -2.57
N LYS A 88 -1.29 -6.16 -2.55
CA LYS A 88 -2.21 -5.80 -3.63
C LYS A 88 -2.33 -4.29 -3.75
N VAL A 89 -2.34 -3.80 -4.98
CA VAL A 89 -2.46 -2.37 -5.24
C VAL A 89 -3.83 -1.85 -4.84
N ASP A 90 -3.85 -0.97 -3.84
CA ASP A 90 -5.09 -0.39 -3.35
C ASP A 90 -5.33 0.97 -3.97
N GLY A 91 -6.05 1.00 -5.09
CA GLY A 91 -6.33 2.26 -5.76
C GLY A 91 -7.38 2.11 -6.85
N PRO A 92 -8.02 3.22 -7.27
CA PRO A 92 -9.05 3.20 -8.32
C PRO A 92 -8.50 2.70 -9.65
N ARG A 93 -9.05 3.22 -10.76
CA ARG A 93 -8.63 2.82 -12.09
C ARG A 93 -7.11 2.77 -12.21
N SER A 94 -6.55 1.59 -12.01
CA SER A 94 -5.10 1.39 -12.09
C SER A 94 -4.61 1.22 -13.53
N PRO A 95 -5.43 0.62 -14.42
CA PRO A 95 -5.05 0.40 -15.83
C PRO A 95 -4.57 1.68 -16.52
N SER A 96 -4.58 1.65 -17.85
CA SER A 96 -4.15 2.79 -18.67
C SER A 96 -2.66 2.70 -18.99
N TYR A 97 -1.88 2.19 -18.04
CA TYR A 97 -0.44 2.05 -18.24
C TYR A 97 0.15 1.07 -17.24
N GLY A 98 0.75 -0.01 -17.74
CA GLY A 98 1.34 -1.01 -16.88
C GLY A 98 0.64 -2.35 -16.98
N ARG A 99 1.40 -3.40 -17.24
CA ARG A 99 0.83 -4.75 -17.37
C ARG A 99 -0.14 -4.81 -18.54
N SER A 100 0.19 -4.09 -19.61
CA SER A 100 -0.65 -4.06 -20.80
C SER A 100 -0.01 -4.86 -21.93
N ARG A 101 1.07 -4.34 -22.50
CA ARG A 101 1.76 -5.00 -23.59
C ARG A 101 3.28 -4.77 -23.49
N SER A 102 4.03 -5.87 -23.44
CA SER A 102 5.47 -5.79 -23.36
C SER A 102 6.12 -7.12 -23.73
N ARG A 103 5.45 -7.87 -24.62
CA ARG A 103 5.96 -9.17 -25.06
C ARG A 103 6.33 -10.04 -23.87
N SER A 104 5.62 -9.85 -22.76
CA SER A 104 5.88 -10.63 -21.54
C SER A 104 5.31 -12.03 -21.67
N ARG A 105 5.66 -12.89 -20.72
CA ARG A 105 5.18 -14.27 -20.72
C ARG A 105 5.66 -15.01 -21.97
N SER A 106 6.93 -14.80 -22.33
CA SER A 106 7.51 -15.45 -23.51
C SER A 106 7.62 -16.95 -23.29
N ARG A 107 8.41 -17.35 -22.29
CA ARG A 107 8.60 -18.76 -21.99
C ARG A 107 7.28 -19.45 -21.71
N SER A 108 7.20 -20.73 -22.04
CA SER A 108 6.00 -21.51 -21.83
C SER A 108 6.32 -22.98 -21.58
N ARG A 109 5.30 -23.78 -21.30
CA ARG A 109 5.49 -25.20 -21.05
C ARG A 109 5.70 -25.97 -22.35
N SER A 110 4.63 -26.09 -23.13
CA SER A 110 4.70 -26.79 -24.41
C SER A 110 3.35 -26.75 -25.12
N LEU A 111 2.71 -27.91 -25.30
CA LEU A 111 1.41 -27.97 -25.98
C LEU A 111 1.51 -27.49 -27.42
N GLU A 112 0.88 -28.23 -28.33
CA GLU A 112 0.90 -27.88 -29.74
C GLU A 112 0.05 -28.86 -30.55
N HIS A 113 -0.18 -28.52 -31.82
CA HIS A 113 -0.97 -29.36 -32.70
C HIS A 113 -0.13 -30.48 -33.30
N MET A 1 -1.86 15.74 -27.23
CA MET A 1 -2.38 15.23 -25.94
C MET A 1 -1.27 14.60 -25.10
N ALA A 2 -0.16 14.24 -25.75
CA ALA A 2 0.97 13.64 -25.06
C ALA A 2 2.22 14.50 -25.19
N PRO A 3 2.13 15.78 -24.77
CA PRO A 3 3.26 16.72 -24.84
C PRO A 3 4.37 16.36 -23.87
N ARG A 4 3.98 15.94 -22.66
CA ARG A 4 4.95 15.57 -21.64
C ARG A 4 5.86 16.75 -21.29
N GLY A 5 5.29 17.94 -21.29
CA GLY A 5 6.06 19.13 -20.97
C GLY A 5 5.31 20.09 -20.09
N ARG A 6 4.09 20.42 -20.48
CA ARG A 6 3.25 21.33 -19.71
C ARG A 6 2.23 20.56 -18.87
N TYR A 7 1.82 19.40 -19.37
CA TYR A 7 0.85 18.56 -18.68
C TYR A 7 -0.32 19.39 -18.14
N GLY A 8 -1.31 19.63 -18.99
CA GLY A 8 -2.46 20.42 -18.59
C GLY A 8 -3.16 19.83 -17.37
N PRO A 9 -3.70 18.61 -17.48
CA PRO A 9 -4.40 17.95 -16.36
C PRO A 9 -3.53 17.85 -15.12
N PRO A 10 -3.83 18.64 -14.07
CA PRO A 10 -3.07 18.61 -12.82
C PRO A 10 -2.91 17.20 -12.26
N SER A 11 -1.70 16.88 -11.82
CA SER A 11 -1.42 15.56 -11.26
C SER A 11 -0.28 15.64 -10.25
N ARG A 12 -0.37 16.59 -9.33
CA ARG A 12 0.64 16.77 -8.31
C ARG A 12 0.21 16.15 -6.99
N ARG A 13 0.27 14.82 -6.91
CA ARG A 13 -0.11 14.10 -5.71
C ARG A 13 0.36 12.65 -5.77
N SER A 14 -0.33 11.84 -6.56
CA SER A 14 0.03 10.43 -6.71
C SER A 14 -0.01 9.72 -5.35
N GLU A 15 -1.04 8.89 -5.15
CA GLU A 15 -1.18 8.16 -3.90
C GLU A 15 -0.20 6.99 -3.85
N ASN A 16 -0.27 6.12 -4.86
CA ASN A 16 0.61 4.95 -4.94
C ASN A 16 0.77 4.27 -3.58
N ARG A 17 -0.35 3.80 -3.03
CA ARG A 17 -0.35 3.14 -1.73
C ARG A 17 -0.96 1.74 -1.84
N VAL A 18 -0.17 0.74 -1.47
CA VAL A 18 -0.63 -0.65 -1.51
C VAL A 18 -0.92 -1.18 -0.12
N VAL A 19 -1.68 -2.26 -0.05
CA VAL A 19 -2.03 -2.88 1.22
C VAL A 19 -1.40 -4.27 1.34
N VAL A 20 -0.92 -4.59 2.54
CA VAL A 20 -0.29 -5.89 2.78
C VAL A 20 -1.04 -6.68 3.86
N SER A 21 -1.53 -7.85 3.49
CA SER A 21 -2.26 -8.70 4.42
C SER A 21 -1.47 -9.96 4.74
N GLY A 22 -1.38 -10.28 6.03
CA GLY A 22 -0.65 -11.46 6.45
C GLY A 22 0.51 -11.13 7.36
N LEU A 23 0.33 -10.13 8.20
CA LEU A 23 1.38 -9.71 9.13
C LEU A 23 1.30 -10.51 10.43
N PRO A 24 2.43 -10.66 11.14
CA PRO A 24 2.49 -11.40 12.40
C PRO A 24 1.78 -10.65 13.53
N PRO A 25 1.44 -11.37 14.62
CA PRO A 25 0.75 -10.77 15.77
C PRO A 25 1.67 -9.83 16.56
N SER A 26 2.97 -10.14 16.56
CA SER A 26 3.94 -9.32 17.27
C SER A 26 4.90 -8.65 16.30
N GLY A 27 4.55 -7.45 15.86
CA GLY A 27 5.40 -6.73 14.93
C GLY A 27 5.24 -5.22 15.04
N SER A 28 5.70 -4.51 14.02
CA SER A 28 5.61 -3.05 14.00
C SER A 28 5.60 -2.52 12.57
N TRP A 29 5.32 -1.23 12.43
CA TRP A 29 5.29 -0.60 11.11
C TRP A 29 6.64 -0.72 10.42
N GLN A 30 7.71 -0.47 11.16
CA GLN A 30 9.06 -0.54 10.62
C GLN A 30 9.36 -1.96 10.12
N ASP A 31 8.76 -2.95 10.76
CA ASP A 31 8.97 -4.34 10.38
C ASP A 31 8.54 -4.58 8.94
N LEU A 32 7.30 -4.20 8.62
CA LEU A 32 6.77 -4.36 7.28
C LEU A 32 7.61 -3.59 6.26
N LYS A 33 8.04 -2.40 6.65
CA LYS A 33 8.86 -1.57 5.78
C LYS A 33 10.17 -2.26 5.43
N ASP A 34 10.75 -2.93 6.41
CA ASP A 34 12.01 -3.65 6.20
C ASP A 34 11.88 -4.68 5.09
N HIS A 35 10.67 -5.17 4.88
CA HIS A 35 10.42 -6.16 3.85
C HIS A 35 10.12 -5.50 2.51
N MET A 36 9.44 -4.35 2.57
CA MET A 36 9.09 -3.60 1.37
C MET A 36 10.33 -2.96 0.74
N ARG A 37 11.34 -2.72 1.57
CA ARG A 37 12.59 -2.11 1.11
C ARG A 37 13.08 -2.78 -0.17
N GLU A 38 12.78 -4.06 -0.32
CA GLU A 38 13.19 -4.82 -1.48
C GLU A 38 12.65 -4.19 -2.77
N ALA A 39 11.48 -3.56 -2.65
CA ALA A 39 10.86 -2.91 -3.79
C ALA A 39 11.65 -1.68 -4.22
N GLY A 40 12.34 -1.08 -3.28
CA GLY A 40 13.14 0.10 -3.57
C GLY A 40 13.28 1.02 -2.37
N ASP A 41 12.48 2.09 -2.35
CA ASP A 41 12.52 3.05 -1.26
C ASP A 41 11.12 3.34 -0.73
N VAL A 42 10.86 2.88 0.49
CA VAL A 42 9.56 3.08 1.11
C VAL A 42 9.45 4.50 1.66
N CYS A 43 8.21 5.01 1.72
CA CYS A 43 7.97 6.36 2.21
C CYS A 43 7.19 6.32 3.52
N TYR A 44 6.33 5.32 3.67
CA TYR A 44 5.54 5.17 4.89
C TYR A 44 4.91 3.78 4.96
N ALA A 45 4.69 3.31 6.19
CA ALA A 45 4.11 1.99 6.41
C ALA A 45 3.22 1.99 7.64
N ASP A 46 2.51 0.88 7.87
CA ASP A 46 1.63 0.77 9.01
C ASP A 46 1.00 -0.62 9.08
N VAL A 47 0.98 -1.20 10.29
CA VAL A 47 0.42 -2.53 10.48
C VAL A 47 -0.64 -2.51 11.58
N TYR A 48 -1.90 -2.49 11.17
CA TYR A 48 -3.02 -2.47 12.10
C TYR A 48 -3.96 -3.64 11.86
N ARG A 49 -4.72 -4.02 12.89
CA ARG A 49 -5.67 -5.12 12.82
C ARG A 49 -5.02 -6.46 13.16
N ASP A 50 -3.70 -6.44 13.38
CA ASP A 50 -2.96 -7.65 13.72
C ASP A 50 -3.03 -8.67 12.59
N GLY A 51 -3.11 -8.17 11.36
CA GLY A 51 -3.18 -9.05 10.21
C GLY A 51 -2.96 -8.31 8.90
N THR A 52 -3.63 -7.18 8.75
CA THR A 52 -3.52 -6.37 7.54
C THR A 52 -2.65 -5.15 7.78
N GLY A 53 -2.14 -4.58 6.69
CA GLY A 53 -1.30 -3.39 6.79
C GLY A 53 -1.23 -2.62 5.50
N VAL A 54 -0.47 -1.52 5.50
CA VAL A 54 -0.34 -0.69 4.30
C VAL A 54 1.06 -0.09 4.21
N VAL A 55 1.42 0.31 3.00
CA VAL A 55 2.73 0.91 2.74
C VAL A 55 2.68 1.82 1.52
N GLU A 56 3.40 2.94 1.60
CA GLU A 56 3.44 3.89 0.49
C GLU A 56 4.87 4.10 0.00
N PHE A 57 5.09 3.90 -1.29
CA PHE A 57 6.40 4.06 -1.89
C PHE A 57 6.55 5.44 -2.51
N VAL A 58 7.74 5.73 -3.03
CA VAL A 58 8.02 7.02 -3.65
C VAL A 58 7.56 7.04 -5.10
N ARG A 59 8.25 6.28 -5.95
CA ARG A 59 7.91 6.20 -7.37
C ARG A 59 6.87 5.12 -7.63
N LYS A 60 6.04 5.32 -8.65
CA LYS A 60 5.01 4.36 -9.00
C LYS A 60 5.63 3.02 -9.38
N GLU A 61 6.80 3.07 -10.01
CA GLU A 61 7.50 1.86 -10.43
C GLU A 61 7.83 0.99 -9.24
N ASP A 62 8.11 1.61 -8.10
CA ASP A 62 8.44 0.90 -6.88
C ASP A 62 7.20 0.22 -6.31
N MET A 63 6.06 0.90 -6.41
CA MET A 63 4.81 0.38 -5.90
C MET A 63 4.37 -0.85 -6.71
N THR A 64 4.10 -0.63 -7.99
CA THR A 64 3.68 -1.71 -8.88
C THR A 64 4.68 -2.86 -8.84
N TYR A 65 5.94 -2.53 -8.62
CA TYR A 65 6.99 -3.54 -8.54
C TYR A 65 6.70 -4.51 -7.42
N ALA A 66 6.43 -3.96 -6.24
CA ALA A 66 6.15 -4.75 -5.08
C ALA A 66 4.97 -5.69 -5.29
N VAL A 67 3.85 -5.13 -5.72
CA VAL A 67 2.65 -5.92 -5.94
C VAL A 67 2.91 -7.07 -6.91
N ARG A 68 3.95 -6.93 -7.73
CA ARG A 68 4.30 -7.93 -8.70
C ARG A 68 5.46 -8.81 -8.23
N LYS A 69 6.64 -8.24 -8.20
CA LYS A 69 7.86 -8.96 -7.80
C LYS A 69 7.86 -9.34 -6.31
N LEU A 70 7.50 -8.40 -5.45
CA LEU A 70 7.50 -8.66 -4.00
C LEU A 70 6.11 -8.40 -3.41
N ASP A 71 5.25 -9.41 -3.50
CA ASP A 71 3.89 -9.30 -2.99
C ASP A 71 3.54 -10.49 -2.10
N ASN A 72 2.80 -11.43 -2.64
CA ASN A 72 2.37 -12.63 -1.92
C ASN A 72 3.55 -13.53 -1.61
N THR A 73 4.55 -12.98 -0.92
CA THR A 73 5.74 -13.73 -0.55
C THR A 73 5.77 -14.01 0.96
N LYS A 74 6.91 -14.46 1.45
CA LYS A 74 7.07 -14.75 2.87
C LYS A 74 7.59 -13.53 3.62
N PHE A 75 7.07 -13.31 4.83
CA PHE A 75 7.48 -12.18 5.65
C PHE A 75 8.09 -12.67 6.97
N ARG A 76 9.24 -12.09 7.33
CA ARG A 76 9.93 -12.46 8.55
C ARG A 76 10.14 -11.24 9.45
N SER A 77 9.57 -11.29 10.65
CA SER A 77 9.69 -10.20 11.60
C SER A 77 11.04 -10.24 12.31
N HIS A 78 11.54 -9.07 12.69
CA HIS A 78 12.82 -8.97 13.38
C HIS A 78 12.84 -9.84 14.63
N GLU A 79 11.66 -10.14 15.16
CA GLU A 79 11.54 -10.97 16.35
C GLU A 79 11.93 -12.42 16.06
N GLY A 80 11.84 -12.80 14.79
CA GLY A 80 12.17 -14.16 14.40
C GLY A 80 10.95 -14.98 14.06
N GLU A 81 9.91 -14.32 13.59
CA GLU A 81 8.66 -14.99 13.22
C GLU A 81 8.38 -14.85 11.73
N THR A 82 7.96 -15.94 11.10
CA THR A 82 7.66 -15.92 9.67
C THR A 82 6.16 -15.97 9.43
N ALA A 83 5.73 -15.49 8.27
CA ALA A 83 4.31 -15.48 7.92
C ALA A 83 4.12 -15.24 6.43
N TYR A 84 2.90 -15.44 5.95
CA TYR A 84 2.59 -15.25 4.54
C TYR A 84 1.85 -13.92 4.33
N ILE A 85 2.53 -12.97 3.71
CA ILE A 85 1.93 -11.67 3.44
C ILE A 85 1.50 -11.55 2.00
N ARG A 86 0.57 -10.64 1.73
CA ARG A 86 0.06 -10.43 0.38
C ARG A 86 -0.13 -8.94 0.09
N VAL A 87 0.63 -8.44 -0.89
CA VAL A 87 0.55 -7.04 -1.27
C VAL A 87 -0.35 -6.83 -2.49
N LYS A 88 -0.96 -5.66 -2.58
CA LYS A 88 -1.85 -5.34 -3.70
C LYS A 88 -2.13 -3.84 -3.76
N VAL A 89 -2.24 -3.31 -4.98
CA VAL A 89 -2.50 -1.90 -5.19
C VAL A 89 -3.83 -1.49 -4.58
N ASP A 90 -3.76 -0.56 -3.63
CA ASP A 90 -4.96 -0.06 -2.96
C ASP A 90 -5.61 1.06 -3.76
N GLY A 91 -5.94 0.77 -5.01
CA GLY A 91 -6.57 1.77 -5.86
C GLY A 91 -7.40 1.15 -6.97
N PRO A 92 -8.68 1.57 -7.13
CA PRO A 92 -9.56 1.05 -8.16
C PRO A 92 -9.00 1.26 -9.57
N ARG A 93 -9.89 1.41 -10.56
CA ARG A 93 -9.48 1.62 -11.95
C ARG A 93 -8.94 0.33 -12.56
N SER A 94 -9.38 -0.80 -12.02
CA SER A 94 -8.95 -2.11 -12.52
C SER A 94 -9.61 -3.24 -11.73
N PRO A 95 -10.94 -3.35 -11.80
CA PRO A 95 -11.70 -4.39 -11.09
C PRO A 95 -11.26 -5.80 -11.50
N SER A 96 -11.48 -6.14 -12.76
CA SER A 96 -11.12 -7.45 -13.27
C SER A 96 -11.89 -8.55 -12.56
N TYR A 97 -11.44 -9.80 -12.69
CA TYR A 97 -12.09 -10.92 -12.05
C TYR A 97 -12.23 -10.70 -10.54
N GLY A 98 -13.36 -10.13 -10.14
CA GLY A 98 -13.60 -9.87 -8.74
C GLY A 98 -14.19 -11.05 -8.01
N ARG A 99 -14.49 -10.87 -6.73
CA ARG A 99 -15.06 -11.95 -5.92
C ARG A 99 -15.36 -11.46 -4.51
N SER A 100 -14.48 -10.63 -3.97
CA SER A 100 -14.64 -10.10 -2.62
C SER A 100 -16.00 -9.42 -2.46
N ARG A 101 -16.13 -8.20 -2.98
CA ARG A 101 -17.36 -7.45 -2.89
C ARG A 101 -18.46 -8.12 -3.71
N SER A 102 -19.11 -9.12 -3.12
CA SER A 102 -20.18 -9.84 -3.78
C SER A 102 -21.31 -10.17 -2.81
N ARG A 103 -21.09 -11.16 -1.96
CA ARG A 103 -22.08 -11.57 -0.97
C ARG A 103 -23.39 -11.98 -1.66
N SER A 104 -23.28 -12.43 -2.90
CA SER A 104 -24.45 -12.84 -3.67
C SER A 104 -25.50 -11.74 -3.72
N ARG A 105 -25.56 -11.06 -4.86
CA ARG A 105 -26.52 -9.97 -5.05
C ARG A 105 -27.93 -10.52 -5.25
N SER A 106 -28.86 -9.66 -5.65
CA SER A 106 -30.23 -10.06 -5.87
C SER A 106 -30.54 -10.15 -7.38
N ARG A 107 -31.24 -9.15 -7.90
CA ARG A 107 -31.58 -9.13 -9.32
C ARG A 107 -32.45 -10.33 -9.69
N SER A 108 -33.47 -10.09 -10.52
CA SER A 108 -34.37 -11.15 -10.94
C SER A 108 -34.90 -11.94 -9.74
N ARG A 109 -35.71 -12.96 -10.02
CA ARG A 109 -36.28 -13.80 -8.97
C ARG A 109 -35.23 -14.71 -8.36
N SER A 110 -35.67 -15.60 -7.48
CA SER A 110 -34.77 -16.55 -6.82
C SER A 110 -34.78 -17.89 -7.53
N LEU A 111 -35.87 -18.64 -7.37
CA LEU A 111 -36.01 -19.93 -8.00
C LEU A 111 -34.93 -20.90 -7.51
N GLU A 112 -35.01 -21.27 -6.24
CA GLU A 112 -34.03 -22.18 -5.65
C GLU A 112 -32.62 -21.61 -5.75
N HIS A 113 -32.21 -20.87 -4.73
CA HIS A 113 -30.88 -20.27 -4.71
C HIS A 113 -30.71 -19.28 -5.86
N MET A 1 6.59 32.71 -2.62
CA MET A 1 7.01 33.41 -3.86
C MET A 1 7.80 32.48 -4.77
N ALA A 2 8.46 33.07 -5.76
CA ALA A 2 9.27 32.30 -6.71
C ALA A 2 8.39 31.36 -7.53
N PRO A 3 7.87 31.82 -8.68
CA PRO A 3 7.02 31.01 -9.55
C PRO A 3 7.79 29.87 -10.21
N ARG A 4 7.58 28.65 -9.73
CA ARG A 4 8.25 27.48 -10.27
C ARG A 4 7.25 26.42 -10.67
N GLY A 5 7.70 25.46 -11.48
CA GLY A 5 6.82 24.39 -11.93
C GLY A 5 6.93 23.14 -11.07
N ARG A 6 7.31 23.33 -9.81
CA ARG A 6 7.44 22.22 -8.88
C ARG A 6 6.08 21.72 -8.42
N TYR A 7 5.13 22.65 -8.30
CA TYR A 7 3.78 22.30 -7.86
C TYR A 7 2.83 22.20 -9.04
N GLY A 8 3.37 21.84 -10.20
CA GLY A 8 2.55 21.71 -11.39
C GLY A 8 1.44 20.68 -11.22
N PRO A 9 0.16 21.08 -11.35
CA PRO A 9 -0.97 20.17 -11.20
C PRO A 9 -0.98 19.06 -12.26
N PRO A 10 -0.65 17.83 -11.88
CA PRO A 10 -0.61 16.69 -12.79
C PRO A 10 -2.01 16.26 -13.23
N SER A 11 -2.13 15.02 -13.70
CA SER A 11 -3.41 14.48 -14.15
C SER A 11 -4.38 14.33 -12.99
N ARG A 12 -5.45 13.57 -13.20
CA ARG A 12 -6.44 13.35 -12.16
C ARG A 12 -6.57 11.86 -11.84
N ARG A 13 -5.47 11.26 -11.40
CA ARG A 13 -5.46 9.84 -11.06
C ARG A 13 -4.17 9.46 -10.36
N SER A 14 -4.28 8.84 -9.19
CA SER A 14 -3.11 8.43 -8.42
C SER A 14 -3.17 6.94 -8.10
N GLU A 15 -2.01 6.36 -7.81
CA GLU A 15 -1.93 4.94 -7.48
C GLU A 15 -0.54 4.58 -6.96
N ASN A 16 -0.13 5.28 -5.90
CA ASN A 16 1.18 5.03 -5.30
C ASN A 16 1.04 4.25 -3.99
N ARG A 17 -0.15 4.29 -3.40
CA ARG A 17 -0.40 3.58 -2.15
C ARG A 17 -0.64 2.09 -2.39
N VAL A 18 -0.42 1.29 -1.36
CA VAL A 18 -0.62 -0.15 -1.47
C VAL A 18 -1.18 -0.73 -0.18
N VAL A 19 -1.77 -1.92 -0.28
CA VAL A 19 -2.35 -2.59 0.88
C VAL A 19 -1.75 -3.97 1.07
N VAL A 20 -1.52 -4.35 2.33
CA VAL A 20 -0.95 -5.65 2.65
C VAL A 20 -1.89 -6.48 3.49
N SER A 21 -1.74 -7.80 3.42
CA SER A 21 -2.58 -8.71 4.19
C SER A 21 -1.80 -9.93 4.64
N GLY A 22 -2.03 -10.35 5.88
CA GLY A 22 -1.33 -11.50 6.43
C GLY A 22 -0.17 -11.12 7.33
N LEU A 23 -0.36 -10.05 8.10
CA LEU A 23 0.67 -9.57 9.01
C LEU A 23 0.83 -10.51 10.20
N PRO A 24 2.02 -10.56 10.81
CA PRO A 24 2.29 -11.42 11.96
C PRO A 24 1.51 -10.99 13.19
N PRO A 25 1.54 -11.81 14.27
CA PRO A 25 0.83 -11.50 15.51
C PRO A 25 1.32 -10.22 16.17
N SER A 26 2.59 -9.89 15.93
CA SER A 26 3.18 -8.68 16.49
C SER A 26 3.72 -7.77 15.39
N GLY A 27 4.90 -8.10 14.89
CA GLY A 27 5.51 -7.30 13.84
C GLY A 27 5.52 -5.82 14.15
N SER A 28 5.84 -5.00 13.15
CA SER A 28 5.89 -3.55 13.32
C SER A 28 5.89 -2.85 11.97
N TRP A 29 5.45 -1.60 11.96
CA TRP A 29 5.41 -0.81 10.72
C TRP A 29 6.80 -0.69 10.11
N GLN A 30 7.78 -0.39 10.96
CA GLN A 30 9.17 -0.26 10.51
C GLN A 30 9.71 -1.59 10.03
N ASP A 31 9.26 -2.67 10.67
CA ASP A 31 9.71 -4.02 10.30
C ASP A 31 9.21 -4.39 8.92
N LEU A 32 7.94 -4.12 8.65
CA LEU A 32 7.34 -4.42 7.36
C LEU A 32 8.08 -3.68 6.24
N LYS A 33 8.39 -2.41 6.49
CA LYS A 33 9.09 -1.59 5.52
C LYS A 33 10.40 -2.26 5.08
N ASP A 34 11.06 -2.91 6.03
CA ASP A 34 12.33 -3.59 5.76
C ASP A 34 12.12 -4.75 4.79
N HIS A 35 10.91 -5.30 4.78
CA HIS A 35 10.59 -6.42 3.91
C HIS A 35 10.17 -5.91 2.53
N MET A 36 9.46 -4.80 2.52
CA MET A 36 8.99 -4.19 1.27
C MET A 36 10.15 -3.48 0.57
N ARG A 37 11.19 -3.15 1.34
CA ARG A 37 12.36 -2.46 0.80
C ARG A 37 12.79 -3.05 -0.54
N GLU A 38 12.57 -4.36 -0.71
CA GLU A 38 12.92 -5.04 -1.95
C GLU A 38 12.38 -4.29 -3.16
N ALA A 39 11.21 -3.69 -3.00
CA ALA A 39 10.58 -2.94 -4.07
C ALA A 39 11.35 -1.66 -4.36
N GLY A 40 11.99 -1.12 -3.33
CA GLY A 40 12.75 0.10 -3.48
C GLY A 40 12.78 0.94 -2.22
N ASP A 41 12.45 2.22 -2.35
CA ASP A 41 12.43 3.13 -1.21
C ASP A 41 11.02 3.27 -0.65
N VAL A 42 10.90 3.25 0.66
CA VAL A 42 9.62 3.37 1.33
C VAL A 42 9.55 4.65 2.16
N CYS A 43 8.59 5.51 1.85
CA CYS A 43 8.42 6.77 2.56
C CYS A 43 7.61 6.57 3.84
N TYR A 44 6.54 5.77 3.75
CA TYR A 44 5.69 5.51 4.90
C TYR A 44 5.19 4.07 4.89
N ALA A 45 4.80 3.57 6.06
CA ALA A 45 4.30 2.20 6.19
C ALA A 45 3.53 2.02 7.49
N ASP A 46 2.44 1.29 7.43
CA ASP A 46 1.61 1.03 8.60
C ASP A 46 1.23 -0.44 8.69
N VAL A 47 0.81 -0.87 9.87
CA VAL A 47 0.43 -2.26 10.08
C VAL A 47 -0.71 -2.38 11.10
N TYR A 48 -1.72 -3.17 10.76
CA TYR A 48 -2.86 -3.37 11.63
C TYR A 48 -2.50 -4.30 12.79
N ARG A 49 -3.24 -4.17 13.90
CA ARG A 49 -3.00 -4.98 15.09
C ARG A 49 -2.49 -6.38 14.75
N ASP A 50 -3.11 -6.99 13.74
CA ASP A 50 -2.72 -8.33 13.29
C ASP A 50 -3.67 -8.85 12.22
N GLY A 51 -3.65 -8.20 11.06
CA GLY A 51 -4.52 -8.61 9.98
C GLY A 51 -4.03 -8.13 8.62
N THR A 52 -3.90 -6.82 8.47
CA THR A 52 -3.44 -6.23 7.21
C THR A 52 -2.50 -5.05 7.46
N GLY A 53 -2.08 -4.42 6.37
CA GLY A 53 -1.18 -3.28 6.48
C GLY A 53 -1.27 -2.35 5.29
N VAL A 54 -0.53 -1.25 5.34
CA VAL A 54 -0.53 -0.28 4.25
C VAL A 54 0.86 0.34 4.08
N VAL A 55 1.37 0.30 2.86
CA VAL A 55 2.69 0.85 2.56
C VAL A 55 2.60 1.96 1.52
N GLU A 56 3.43 2.98 1.67
CA GLU A 56 3.45 4.09 0.73
C GLU A 56 4.86 4.35 0.21
N PHE A 57 5.10 4.00 -1.03
CA PHE A 57 6.42 4.18 -1.64
C PHE A 57 6.53 5.57 -2.27
N VAL A 58 7.70 6.17 -2.13
CA VAL A 58 7.95 7.50 -2.69
C VAL A 58 7.69 7.52 -4.19
N ARG A 59 7.88 6.37 -4.83
CA ARG A 59 7.66 6.26 -6.27
C ARG A 59 6.59 5.22 -6.57
N LYS A 60 5.84 5.44 -7.65
CA LYS A 60 4.77 4.52 -8.04
C LYS A 60 5.36 3.22 -8.61
N GLU A 61 6.50 3.34 -9.27
CA GLU A 61 7.17 2.19 -9.86
C GLU A 61 7.52 1.15 -8.79
N ASP A 62 7.82 1.64 -7.59
CA ASP A 62 8.17 0.76 -6.48
C ASP A 62 6.95 -0.01 -5.99
N MET A 63 5.80 0.65 -6.01
CA MET A 63 4.55 0.04 -5.58
C MET A 63 4.12 -1.07 -6.53
N THR A 64 3.85 -0.69 -7.78
CA THR A 64 3.44 -1.66 -8.79
C THR A 64 4.44 -2.82 -8.88
N TYR A 65 5.70 -2.51 -8.64
CA TYR A 65 6.75 -3.52 -8.68
C TYR A 65 6.48 -4.60 -7.65
N ALA A 66 6.23 -4.15 -6.42
CA ALA A 66 5.96 -5.06 -5.32
C ALA A 66 4.82 -6.00 -5.64
N VAL A 67 3.69 -5.44 -6.02
CA VAL A 67 2.53 -6.25 -6.36
C VAL A 67 2.85 -7.27 -7.46
N ARG A 68 3.89 -6.98 -8.22
CA ARG A 68 4.30 -7.84 -9.31
C ARG A 68 5.41 -8.80 -8.89
N LYS A 69 6.61 -8.26 -8.72
CA LYS A 69 7.78 -9.07 -8.36
C LYS A 69 7.89 -9.37 -6.86
N LEU A 70 7.51 -8.41 -6.03
CA LEU A 70 7.60 -8.60 -4.58
C LEU A 70 6.20 -8.72 -3.95
N ASP A 71 5.59 -9.89 -4.15
CA ASP A 71 4.26 -10.16 -3.64
C ASP A 71 4.15 -11.60 -3.14
N ASN A 72 3.13 -11.86 -2.32
CA ASN A 72 2.90 -13.20 -1.77
C ASN A 72 4.20 -13.84 -1.29
N THR A 73 4.88 -13.18 -0.37
CA THR A 73 6.14 -13.69 0.16
C THR A 73 6.07 -13.82 1.68
N LYS A 74 7.08 -14.46 2.26
CA LYS A 74 7.14 -14.65 3.71
C LYS A 74 7.75 -13.43 4.39
N PHE A 75 7.11 -13.00 5.48
CA PHE A 75 7.60 -11.85 6.23
C PHE A 75 8.54 -12.29 7.35
N ARG A 76 9.53 -11.46 7.65
CA ARG A 76 10.49 -11.77 8.70
C ARG A 76 10.46 -10.72 9.81
N SER A 77 10.01 -11.12 10.99
CA SER A 77 9.94 -10.22 12.13
C SER A 77 11.19 -10.32 12.98
N HIS A 78 11.61 -9.18 13.54
CA HIS A 78 12.80 -9.14 14.39
C HIS A 78 12.66 -10.10 15.57
N GLU A 79 11.43 -10.39 15.96
CA GLU A 79 11.17 -11.30 17.07
C GLU A 79 11.54 -12.73 16.72
N GLY A 80 11.58 -13.02 15.42
CA GLY A 80 11.92 -14.36 14.98
C GLY A 80 10.72 -15.15 14.48
N GLU A 81 9.64 -14.44 14.17
CA GLU A 81 8.42 -15.08 13.69
C GLU A 81 8.13 -14.68 12.25
N THR A 82 7.90 -15.69 11.40
CA THR A 82 7.61 -15.44 10.00
C THR A 82 6.12 -15.55 9.71
N ALA A 83 5.70 -14.94 8.60
CA ALA A 83 4.29 -14.97 8.21
C ALA A 83 4.12 -14.57 6.75
N TYR A 84 3.32 -15.34 6.02
CA TYR A 84 3.06 -15.07 4.61
C TYR A 84 2.13 -13.88 4.45
N ILE A 85 2.60 -12.87 3.73
CA ILE A 85 1.80 -11.66 3.50
C ILE A 85 1.51 -11.48 2.02
N ARG A 86 0.43 -10.75 1.72
CA ARG A 86 0.04 -10.50 0.34
C ARG A 86 0.03 -9.00 0.03
N VAL A 87 0.51 -8.64 -1.15
CA VAL A 87 0.56 -7.24 -1.55
C VAL A 87 -0.33 -6.99 -2.77
N LYS A 88 -1.08 -5.89 -2.72
CA LYS A 88 -1.98 -5.53 -3.82
C LYS A 88 -2.19 -4.02 -3.87
N VAL A 89 -2.22 -3.48 -5.08
CA VAL A 89 -2.42 -2.05 -5.26
C VAL A 89 -3.79 -1.61 -4.76
N ASP A 90 -3.80 -0.85 -3.68
CA ASP A 90 -5.02 -0.37 -3.07
C ASP A 90 -5.82 0.48 -4.08
N GLY A 91 -7.01 0.00 -4.42
CA GLY A 91 -7.83 0.70 -5.38
C GLY A 91 -9.00 1.44 -4.73
N PRO A 92 -8.85 2.76 -4.51
CA PRO A 92 -9.90 3.58 -3.88
C PRO A 92 -11.05 3.88 -4.85
N ARG A 93 -12.02 4.66 -4.38
CA ARG A 93 -13.16 5.01 -5.22
C ARG A 93 -12.76 5.99 -6.31
N SER A 94 -12.99 7.27 -6.06
CA SER A 94 -12.66 8.31 -7.02
C SER A 94 -11.30 8.93 -6.70
N PRO A 95 -10.72 9.67 -7.66
CA PRO A 95 -9.41 10.32 -7.47
C PRO A 95 -9.37 11.16 -6.21
N SER A 96 -8.50 10.77 -5.27
CA SER A 96 -8.35 11.50 -4.02
C SER A 96 -6.98 12.15 -3.92
N TYR A 97 -6.69 12.74 -2.76
CA TYR A 97 -5.41 13.41 -2.55
C TYR A 97 -5.22 14.56 -3.52
N GLY A 98 -4.15 15.32 -3.32
CA GLY A 98 -3.87 16.45 -4.19
C GLY A 98 -2.50 16.38 -4.81
N ARG A 99 -2.31 17.10 -5.92
CA ARG A 99 -1.03 17.14 -6.63
C ARG A 99 -0.30 15.79 -6.56
N SER A 100 -0.74 14.84 -7.36
CA SER A 100 -0.13 13.52 -7.39
C SER A 100 1.35 13.60 -7.76
N ARG A 101 2.11 12.57 -7.38
CA ARG A 101 3.54 12.54 -7.68
C ARG A 101 3.86 11.45 -8.70
N SER A 102 4.33 11.86 -9.87
CA SER A 102 4.67 10.92 -10.93
C SER A 102 5.98 11.30 -11.59
N ARG A 103 5.92 12.24 -12.53
CA ARG A 103 7.12 12.70 -13.24
C ARG A 103 6.74 13.67 -14.36
N SER A 104 7.72 13.99 -15.21
CA SER A 104 7.50 14.90 -16.32
C SER A 104 7.13 14.13 -17.59
N ARG A 105 7.68 14.54 -18.74
CA ARG A 105 7.39 13.87 -20.00
C ARG A 105 5.99 14.22 -20.51
N SER A 106 5.67 15.51 -20.48
CA SER A 106 4.36 15.98 -20.93
C SER A 106 4.48 16.69 -22.28
N ARG A 107 3.46 16.54 -23.12
CA ARG A 107 3.44 17.16 -24.42
C ARG A 107 3.55 18.68 -24.32
N SER A 108 3.92 19.33 -25.41
CA SER A 108 4.06 20.78 -25.44
C SER A 108 2.72 21.46 -25.18
N ARG A 109 2.65 22.75 -25.45
CA ARG A 109 1.43 23.53 -25.24
C ARG A 109 1.19 24.49 -26.39
N SER A 110 0.22 25.39 -26.22
CA SER A 110 -0.12 26.37 -27.24
C SER A 110 -0.65 25.69 -28.51
N LEU A 111 0.26 25.15 -29.31
CA LEU A 111 -0.13 24.48 -30.55
C LEU A 111 0.44 23.06 -30.60
N GLU A 112 1.73 22.97 -30.97
CA GLU A 112 2.40 21.68 -31.07
C GLU A 112 1.64 20.72 -31.98
N HIS A 113 2.23 19.56 -32.24
CA HIS A 113 1.60 18.56 -33.10
C HIS A 113 1.11 17.37 -32.28
N MET A 1 -8.09 10.36 2.26
CA MET A 1 -7.84 11.80 2.04
C MET A 1 -7.46 12.51 3.34
N ALA A 2 -6.32 13.18 3.34
CA ALA A 2 -5.84 13.90 4.51
C ALA A 2 -5.98 15.40 4.34
N PRO A 3 -6.15 16.14 5.45
CA PRO A 3 -6.29 17.60 5.41
C PRO A 3 -5.09 18.29 4.77
N ARG A 4 -3.96 18.27 5.47
CA ARG A 4 -2.74 18.90 4.97
C ARG A 4 -1.54 18.50 5.82
N GLY A 5 -1.68 18.61 7.14
CA GLY A 5 -0.60 18.25 8.03
C GLY A 5 0.58 19.20 7.93
N ARG A 6 1.76 18.70 8.28
CA ARG A 6 2.97 19.52 8.22
C ARG A 6 3.64 19.40 6.85
N TYR A 7 4.67 20.21 6.63
CA TYR A 7 5.41 20.19 5.38
C TYR A 7 4.50 20.61 4.22
N GLY A 8 4.97 20.41 2.99
CA GLY A 8 4.19 20.76 1.82
C GLY A 8 2.86 20.04 1.79
N PRO A 9 1.78 20.72 1.36
CA PRO A 9 0.44 20.12 1.28
C PRO A 9 0.31 19.16 0.10
N PRO A 10 0.17 17.84 0.39
CA PRO A 10 0.02 16.83 -0.67
C PRO A 10 -1.10 17.15 -1.64
N SER A 11 -0.76 17.32 -2.91
CA SER A 11 -1.74 17.63 -3.93
C SER A 11 -1.15 17.46 -5.33
N ARG A 12 -0.34 16.41 -5.50
CA ARG A 12 0.28 16.14 -6.79
C ARG A 12 0.71 14.68 -6.88
N ARG A 13 -0.01 13.81 -6.18
CA ARG A 13 0.30 12.38 -6.19
C ARG A 13 -0.74 11.60 -5.38
N SER A 14 -1.13 10.44 -5.90
CA SER A 14 -2.11 9.60 -5.22
C SER A 14 -2.23 8.25 -5.91
N GLU A 15 -3.05 7.36 -5.35
CA GLU A 15 -3.25 6.03 -5.90
C GLU A 15 -1.93 5.27 -6.01
N ASN A 16 -0.98 5.61 -5.13
CA ASN A 16 0.32 4.96 -5.13
C ASN A 16 0.59 4.30 -3.78
N ARG A 17 -0.47 3.88 -3.10
CA ARG A 17 -0.34 3.23 -1.80
C ARG A 17 -0.52 1.73 -1.93
N VAL A 18 0.06 0.98 -1.01
CA VAL A 18 -0.03 -0.48 -1.02
C VAL A 18 -0.65 -1.00 0.27
N VAL A 19 -1.29 -2.16 0.19
CA VAL A 19 -1.92 -2.77 1.36
C VAL A 19 -1.48 -4.21 1.53
N VAL A 20 -1.23 -4.60 2.77
CA VAL A 20 -0.79 -5.96 3.09
C VAL A 20 -1.87 -6.72 3.84
N SER A 21 -1.96 -8.03 3.60
CA SER A 21 -2.95 -8.85 4.26
C SER A 21 -2.39 -10.23 4.60
N GLY A 22 -2.87 -10.81 5.70
CA GLY A 22 -2.41 -12.12 6.11
C GLY A 22 -0.98 -12.10 6.62
N LEU A 23 -0.69 -11.17 7.53
CA LEU A 23 0.65 -11.04 8.09
C LEU A 23 0.60 -10.99 9.61
N PRO A 24 1.73 -11.29 10.29
CA PRO A 24 1.80 -11.26 11.76
C PRO A 24 1.74 -9.84 12.32
N PRO A 25 0.97 -9.64 13.40
CA PRO A 25 0.84 -8.32 14.03
C PRO A 25 2.11 -7.90 14.79
N SER A 26 2.94 -8.88 15.12
CA SER A 26 4.18 -8.61 15.84
C SER A 26 5.03 -7.58 15.12
N GLY A 27 5.43 -7.90 13.89
CA GLY A 27 6.24 -6.99 13.10
C GLY A 27 5.57 -5.65 12.88
N SER A 28 6.17 -4.59 13.40
CA SER A 28 5.62 -3.24 13.26
C SER A 28 5.92 -2.69 11.86
N TRP A 29 5.69 -1.40 11.68
CA TRP A 29 5.93 -0.76 10.39
C TRP A 29 7.42 -0.78 10.05
N GLN A 30 8.26 -0.69 11.07
CA GLN A 30 9.71 -0.71 10.88
C GLN A 30 10.16 -2.06 10.34
N ASP A 31 9.56 -3.13 10.88
CA ASP A 31 9.90 -4.48 10.45
C ASP A 31 9.38 -4.77 9.04
N LEU A 32 8.18 -4.26 8.76
CA LEU A 32 7.56 -4.46 7.46
C LEU A 32 8.29 -3.66 6.38
N LYS A 33 8.57 -2.39 6.70
CA LYS A 33 9.27 -1.51 5.77
C LYS A 33 10.62 -2.09 5.38
N ASP A 34 11.39 -2.51 6.38
CA ASP A 34 12.71 -3.09 6.13
C ASP A 34 12.64 -4.26 5.16
N HIS A 35 11.49 -4.91 5.13
CA HIS A 35 11.27 -6.05 4.24
C HIS A 35 10.79 -5.58 2.87
N MET A 36 9.97 -4.54 2.86
CA MET A 36 9.43 -4.00 1.62
C MET A 36 10.51 -3.23 0.86
N ARG A 37 11.53 -2.78 1.58
CA ARG A 37 12.63 -2.03 0.96
C ARG A 37 13.11 -2.70 -0.32
N GLU A 38 13.02 -4.03 -0.35
CA GLU A 38 13.44 -4.79 -1.52
C GLU A 38 12.71 -4.32 -2.78
N ALA A 39 11.47 -3.88 -2.60
CA ALA A 39 10.66 -3.39 -3.71
C ALA A 39 11.09 -1.99 -4.12
N GLY A 40 11.60 -1.24 -3.15
CA GLY A 40 12.04 0.13 -3.41
C GLY A 40 12.08 0.96 -2.16
N ASP A 41 12.09 2.28 -2.33
CA ASP A 41 12.13 3.20 -1.21
C ASP A 41 10.75 3.40 -0.62
N VAL A 42 10.62 3.10 0.67
CA VAL A 42 9.34 3.23 1.36
C VAL A 42 9.20 4.62 1.96
N CYS A 43 8.05 5.25 1.71
CA CYS A 43 7.79 6.59 2.23
C CYS A 43 6.93 6.54 3.49
N TYR A 44 6.08 5.52 3.57
CA TYR A 44 5.21 5.34 4.73
C TYR A 44 4.84 3.88 4.93
N ALA A 45 4.71 3.48 6.20
CA ALA A 45 4.36 2.10 6.52
C ALA A 45 3.58 2.04 7.83
N ASP A 46 2.50 1.27 7.83
CA ASP A 46 1.67 1.13 9.02
C ASP A 46 0.92 -0.21 9.01
N VAL A 47 1.31 -1.09 9.93
CA VAL A 47 0.68 -2.41 10.01
C VAL A 47 -0.47 -2.40 11.02
N TYR A 48 -1.60 -2.99 10.62
CA TYR A 48 -2.77 -3.03 11.48
C TYR A 48 -2.64 -4.15 12.52
N ARG A 49 -3.30 -3.97 13.65
CA ARG A 49 -3.26 -4.96 14.73
C ARG A 49 -4.06 -6.21 14.36
N ASP A 50 -4.99 -6.06 13.43
CA ASP A 50 -5.83 -7.18 12.99
C ASP A 50 -5.00 -8.19 12.20
N GLY A 51 -4.13 -7.70 11.33
CA GLY A 51 -3.30 -8.58 10.52
C GLY A 51 -2.88 -7.95 9.21
N THR A 52 -3.69 -7.03 8.72
CA THR A 52 -3.40 -6.35 7.46
C THR A 52 -2.42 -5.19 7.69
N GLY A 53 -1.99 -4.57 6.60
CA GLY A 53 -1.05 -3.46 6.70
C GLY A 53 -1.13 -2.52 5.52
N VAL A 54 -0.34 -1.45 5.56
CA VAL A 54 -0.34 -0.47 4.49
C VAL A 54 1.04 0.17 4.34
N VAL A 55 1.43 0.47 3.12
CA VAL A 55 2.73 1.09 2.86
C VAL A 55 2.66 2.00 1.63
N GLU A 56 3.27 3.17 1.74
CA GLU A 56 3.29 4.14 0.64
C GLU A 56 4.72 4.39 0.16
N PHE A 57 4.93 4.24 -1.15
CA PHE A 57 6.24 4.45 -1.74
C PHE A 57 6.32 5.82 -2.42
N VAL A 58 7.49 6.15 -2.93
CA VAL A 58 7.70 7.43 -3.61
C VAL A 58 7.12 7.42 -5.01
N ARG A 59 7.74 6.67 -5.91
CA ARG A 59 7.29 6.57 -7.29
C ARG A 59 6.30 5.42 -7.47
N LYS A 60 5.56 5.45 -8.57
CA LYS A 60 4.59 4.40 -8.87
C LYS A 60 5.28 3.10 -9.25
N GLU A 61 6.45 3.22 -9.88
CA GLU A 61 7.22 2.06 -10.30
C GLU A 61 7.53 1.15 -9.10
N ASP A 62 7.70 1.77 -7.94
CA ASP A 62 8.01 1.02 -6.73
C ASP A 62 6.78 0.25 -6.24
N MET A 63 5.61 0.87 -6.41
CA MET A 63 4.36 0.23 -5.99
C MET A 63 4.09 -1.02 -6.82
N THR A 64 3.93 -0.83 -8.12
CA THR A 64 3.67 -1.95 -9.03
C THR A 64 4.74 -3.03 -8.88
N TYR A 65 5.96 -2.61 -8.58
CA TYR A 65 7.08 -3.55 -8.42
C TYR A 65 6.83 -4.47 -7.24
N ALA A 66 6.41 -3.90 -6.12
CA ALA A 66 6.13 -4.66 -4.91
C ALA A 66 5.03 -5.69 -5.13
N VAL A 67 3.97 -5.30 -5.82
CA VAL A 67 2.85 -6.18 -6.07
C VAL A 67 3.17 -7.21 -7.16
N ARG A 68 4.01 -6.82 -8.11
CA ARG A 68 4.39 -7.71 -9.20
C ARG A 68 5.55 -8.62 -8.78
N LYS A 69 6.39 -8.13 -7.87
CA LYS A 69 7.53 -8.90 -7.38
C LYS A 69 7.27 -9.42 -5.97
N LEU A 70 7.16 -8.49 -5.02
CA LEU A 70 6.92 -8.85 -3.63
C LEU A 70 5.46 -9.23 -3.41
N ASP A 71 5.05 -10.34 -4.01
CA ASP A 71 3.68 -10.82 -3.88
C ASP A 71 3.66 -12.22 -3.28
N ASN A 72 2.99 -12.36 -2.13
CA ASN A 72 2.89 -13.65 -1.45
C ASN A 72 4.25 -14.08 -0.88
N THR A 73 5.21 -13.14 -0.86
CA THR A 73 6.53 -13.42 -0.34
C THR A 73 6.48 -13.77 1.14
N LYS A 74 7.66 -13.97 1.72
CA LYS A 74 7.76 -14.32 3.14
C LYS A 74 8.16 -13.11 3.98
N PHE A 75 7.61 -13.03 5.18
CA PHE A 75 7.90 -11.93 6.10
C PHE A 75 8.41 -12.47 7.43
N ARG A 76 9.60 -12.05 7.83
CA ARG A 76 10.20 -12.50 9.08
C ARG A 76 10.46 -11.32 10.01
N SER A 77 9.82 -11.36 11.18
CA SER A 77 9.97 -10.30 12.16
C SER A 77 11.16 -10.57 13.07
N HIS A 78 11.66 -9.51 13.71
CA HIS A 78 12.80 -9.65 14.62
C HIS A 78 12.48 -10.60 15.76
N GLU A 79 11.19 -10.87 15.98
CA GLU A 79 10.77 -11.77 17.05
C GLU A 79 10.63 -13.20 16.55
N GLY A 80 11.26 -13.50 15.40
CA GLY A 80 11.19 -14.84 14.85
C GLY A 80 9.79 -15.20 14.38
N GLU A 81 9.04 -14.20 13.93
CA GLU A 81 7.69 -14.42 13.45
C GLU A 81 7.65 -14.47 11.92
N THR A 82 7.75 -15.68 11.37
CA THR A 82 7.72 -15.85 9.92
C THR A 82 6.31 -16.10 9.43
N ALA A 83 6.00 -15.59 8.24
CA ALA A 83 4.68 -15.75 7.65
C ALA A 83 4.65 -15.28 6.20
N TYR A 84 3.54 -15.54 5.53
CA TYR A 84 3.37 -15.14 4.14
C TYR A 84 2.43 -13.95 4.04
N ILE A 85 2.89 -12.86 3.43
CA ILE A 85 2.08 -11.67 3.28
C ILE A 85 1.63 -11.46 1.85
N ARG A 86 0.49 -10.80 1.68
CA ARG A 86 -0.06 -10.52 0.36
C ARG A 86 -0.02 -9.03 0.07
N VAL A 87 0.72 -8.65 -0.96
CA VAL A 87 0.86 -7.25 -1.34
C VAL A 87 -0.03 -6.92 -2.54
N LYS A 88 -0.75 -5.80 -2.44
CA LYS A 88 -1.64 -5.38 -3.52
C LYS A 88 -1.83 -3.87 -3.48
N VAL A 89 -2.07 -3.27 -4.65
CA VAL A 89 -2.27 -1.83 -4.76
C VAL A 89 -3.51 -1.40 -3.98
N ASP A 90 -3.29 -0.70 -2.87
CA ASP A 90 -4.40 -0.23 -2.03
C ASP A 90 -5.21 0.84 -2.75
N GLY A 91 -4.70 2.07 -2.74
CA GLY A 91 -5.39 3.16 -3.40
C GLY A 91 -6.75 3.46 -2.77
N PRO A 92 -7.13 4.74 -2.64
CA PRO A 92 -8.42 5.12 -2.04
C PRO A 92 -9.59 4.42 -2.72
N ARG A 93 -9.95 3.25 -2.20
CA ARG A 93 -11.05 2.47 -2.76
C ARG A 93 -12.28 2.55 -1.85
N SER A 94 -12.65 3.78 -1.48
CA SER A 94 -13.81 4.01 -0.62
C SER A 94 -14.56 5.27 -1.03
N PRO A 95 -14.88 5.41 -2.33
CA PRO A 95 -15.60 6.58 -2.84
C PRO A 95 -17.11 6.49 -2.59
N SER A 96 -17.57 7.12 -1.52
CA SER A 96 -18.99 7.11 -1.17
C SER A 96 -19.81 7.79 -2.26
N TYR A 97 -20.13 7.05 -3.31
CA TYR A 97 -20.92 7.58 -4.42
C TYR A 97 -22.40 7.66 -4.04
N GLY A 98 -22.76 8.71 -3.32
CA GLY A 98 -24.14 8.89 -2.92
C GLY A 98 -24.95 9.72 -3.89
N ARG A 99 -24.37 9.95 -5.08
CA ARG A 99 -25.04 10.74 -6.11
C ARG A 99 -25.41 12.12 -5.58
N SER A 100 -24.41 12.98 -5.43
CA SER A 100 -24.64 14.33 -4.92
C SER A 100 -23.37 15.18 -5.04
N ARG A 101 -23.52 16.42 -5.49
CA ARG A 101 -22.39 17.32 -5.64
C ARG A 101 -22.38 18.36 -4.53
N SER A 102 -23.57 18.76 -4.10
CA SER A 102 -23.71 19.78 -3.05
C SER A 102 -24.73 19.33 -2.01
N ARG A 103 -24.28 18.59 -1.01
CA ARG A 103 -25.16 18.11 0.05
C ARG A 103 -24.39 17.86 1.34
N SER A 104 -23.32 18.65 1.54
CA SER A 104 -22.50 18.52 2.73
C SER A 104 -22.14 19.89 3.29
N ARG A 105 -23.03 20.86 3.11
CA ARG A 105 -22.80 22.21 3.59
C ARG A 105 -23.98 22.70 4.43
N SER A 106 -23.79 22.72 5.75
CA SER A 106 -24.84 23.15 6.65
C SER A 106 -24.34 23.20 8.10
N ARG A 107 -25.25 23.42 9.03
CA ARG A 107 -24.91 23.49 10.45
C ARG A 107 -24.25 22.19 10.91
N SER A 108 -22.93 22.12 10.78
CA SER A 108 -22.17 20.93 11.17
C SER A 108 -20.88 21.32 11.88
N ARG A 109 -20.26 20.34 12.53
CA ARG A 109 -19.01 20.56 13.25
C ARG A 109 -17.81 20.49 12.31
N SER A 110 -17.33 21.64 11.87
CA SER A 110 -16.20 21.70 10.96
C SER A 110 -14.89 21.44 11.71
N LEU A 111 -14.77 20.24 12.25
CA LEU A 111 -13.57 19.86 13.00
C LEU A 111 -13.39 18.34 13.01
N GLU A 112 -12.33 17.87 13.65
CA GLU A 112 -12.04 16.44 13.72
C GLU A 112 -10.82 16.18 14.60
N HIS A 113 -10.87 15.09 15.36
CA HIS A 113 -9.77 14.73 16.24
C HIS A 113 -8.51 14.40 15.44
N MET A 1 8.33 24.38 1.86
CA MET A 1 7.28 24.06 2.87
C MET A 1 6.04 24.91 2.65
N ALA A 2 6.23 26.10 2.10
CA ALA A 2 5.12 27.02 1.84
C ALA A 2 4.43 27.42 3.14
N PRO A 3 4.98 28.41 3.85
CA PRO A 3 4.40 28.89 5.11
C PRO A 3 2.97 29.40 4.95
N ARG A 4 2.82 30.51 4.25
CA ARG A 4 1.50 31.10 4.02
C ARG A 4 1.15 31.09 2.53
N GLY A 5 0.00 30.53 2.19
CA GLY A 5 -0.42 30.47 0.80
C GLY A 5 -1.57 31.42 0.51
N ARG A 6 -2.31 31.14 -0.55
CA ARG A 6 -3.44 31.99 -0.94
C ARG A 6 -4.68 31.15 -1.20
N TYR A 7 -5.21 30.54 -0.14
CA TYR A 7 -6.40 29.71 -0.26
C TYR A 7 -6.16 28.53 -1.21
N GLY A 8 -5.52 27.48 -0.70
CA GLY A 8 -5.24 26.33 -1.53
C GLY A 8 -6.50 25.54 -1.88
N PRO A 9 -6.55 24.95 -3.08
CA PRO A 9 -7.72 24.17 -3.53
C PRO A 9 -7.80 22.81 -2.84
N PRO A 10 -9.03 22.28 -2.65
CA PRO A 10 -9.24 20.98 -2.01
C PRO A 10 -8.62 19.83 -2.80
N SER A 11 -7.31 19.73 -2.76
CA SER A 11 -6.59 18.68 -3.48
C SER A 11 -5.94 17.71 -2.51
N ARG A 12 -6.35 16.44 -2.58
CA ARG A 12 -5.80 15.41 -1.71
C ARG A 12 -6.11 14.02 -2.26
N ARG A 13 -6.19 13.92 -3.58
CA ARG A 13 -6.47 12.64 -4.22
C ARG A 13 -5.28 11.69 -4.12
N SER A 14 -4.11 12.23 -3.77
CA SER A 14 -2.90 11.43 -3.64
C SER A 14 -3.12 10.25 -2.70
N GLU A 15 -3.51 9.11 -3.27
CA GLU A 15 -3.75 7.91 -2.48
C GLU A 15 -3.09 6.69 -3.13
N ASN A 16 -1.92 6.90 -3.71
CA ASN A 16 -1.19 5.82 -4.36
C ASN A 16 -0.48 4.95 -3.33
N ARG A 17 -1.25 4.09 -2.65
CA ARG A 17 -0.68 3.20 -1.63
C ARG A 17 -0.97 1.75 -1.97
N VAL A 18 -0.32 0.85 -1.23
CA VAL A 18 -0.50 -0.58 -1.43
C VAL A 18 -1.09 -1.21 -0.17
N VAL A 19 -1.69 -2.38 -0.32
CA VAL A 19 -2.30 -3.07 0.82
C VAL A 19 -1.58 -4.38 1.13
N VAL A 20 -1.71 -4.83 2.37
CA VAL A 20 -1.09 -6.06 2.81
C VAL A 20 -1.98 -6.81 3.80
N SER A 21 -1.97 -8.13 3.71
CA SER A 21 -2.78 -8.96 4.61
C SER A 21 -1.98 -10.15 5.10
N GLY A 22 -2.43 -10.74 6.20
CA GLY A 22 -1.75 -11.89 6.77
C GLY A 22 -0.52 -11.51 7.57
N LEU A 23 -0.65 -10.49 8.40
CA LEU A 23 0.46 -10.02 9.23
C LEU A 23 0.58 -10.85 10.50
N PRO A 24 1.82 -11.12 10.95
CA PRO A 24 2.07 -11.90 12.17
C PRO A 24 1.75 -11.11 13.44
N PRO A 25 1.75 -11.78 14.60
CA PRO A 25 1.47 -11.14 15.89
C PRO A 25 2.52 -10.10 16.26
N SER A 26 3.70 -10.22 15.66
CA SER A 26 4.78 -9.29 15.92
C SER A 26 5.02 -8.38 14.72
N GLY A 27 6.22 -7.82 14.62
CA GLY A 27 6.54 -6.94 13.51
C GLY A 27 5.93 -5.57 13.66
N SER A 28 6.13 -4.71 12.67
CA SER A 28 5.58 -3.36 12.70
C SER A 28 5.91 -2.62 11.40
N TRP A 29 5.55 -1.34 11.36
CA TRP A 29 5.81 -0.52 10.18
C TRP A 29 7.30 -0.46 9.87
N GLN A 30 8.11 -0.29 10.91
CA GLN A 30 9.56 -0.21 10.76
C GLN A 30 10.11 -1.52 10.21
N ASP A 31 9.56 -2.64 10.67
CA ASP A 31 9.99 -3.95 10.23
C ASP A 31 9.45 -4.26 8.83
N LEU A 32 8.24 -3.81 8.56
CA LEU A 32 7.61 -4.04 7.26
C LEU A 32 8.42 -3.38 6.15
N LYS A 33 8.86 -2.16 6.40
CA LYS A 33 9.65 -1.41 5.43
C LYS A 33 10.90 -2.20 5.04
N ASP A 34 11.56 -2.80 6.03
CA ASP A 34 12.78 -3.57 5.79
C ASP A 34 12.52 -4.72 4.81
N HIS A 35 11.27 -5.18 4.78
CA HIS A 35 10.89 -6.27 3.89
C HIS A 35 10.43 -5.73 2.54
N MET A 36 9.88 -4.52 2.55
CA MET A 36 9.40 -3.89 1.33
C MET A 36 10.53 -3.15 0.61
N ARG A 37 11.59 -2.84 1.35
CA ARG A 37 12.74 -2.14 0.79
C ARG A 37 13.17 -2.75 -0.54
N GLU A 38 12.94 -4.04 -0.69
CA GLU A 38 13.30 -4.74 -1.92
C GLU A 38 12.69 -4.06 -3.14
N ALA A 39 11.51 -3.47 -2.95
CA ALA A 39 10.82 -2.77 -4.03
C ALA A 39 11.48 -1.43 -4.33
N GLY A 40 12.11 -0.86 -3.31
CA GLY A 40 12.77 0.42 -3.48
C GLY A 40 12.90 1.19 -2.17
N ASP A 41 12.68 2.50 -2.23
CA ASP A 41 12.76 3.34 -1.05
C ASP A 41 11.38 3.64 -0.49
N VAL A 42 11.03 2.92 0.57
CA VAL A 42 9.73 3.10 1.22
C VAL A 42 9.71 4.37 2.06
N CYS A 43 8.79 5.27 1.72
CA CYS A 43 8.66 6.53 2.45
C CYS A 43 7.67 6.40 3.60
N TYR A 44 6.70 5.51 3.46
CA TYR A 44 5.70 5.28 4.49
C TYR A 44 5.26 3.82 4.51
N ALA A 45 4.85 3.36 5.69
CA ALA A 45 4.41 1.98 5.86
C ALA A 45 3.53 1.83 7.11
N ASP A 46 2.49 1.01 7.00
CA ASP A 46 1.58 0.79 8.12
C ASP A 46 1.27 -0.70 8.26
N VAL A 47 1.03 -1.14 9.49
CA VAL A 47 0.71 -2.53 9.76
C VAL A 47 -0.27 -2.66 10.92
N TYR A 48 -1.52 -2.99 10.61
CA TYR A 48 -2.56 -3.14 11.63
C TYR A 48 -2.44 -4.49 12.33
N ARG A 49 -2.88 -4.54 13.58
CA ARG A 49 -2.81 -5.77 14.36
C ARG A 49 -3.89 -6.76 13.90
N ASP A 50 -4.89 -6.26 13.18
CA ASP A 50 -5.96 -7.11 12.68
C ASP A 50 -5.43 -8.17 11.71
N GLY A 51 -4.28 -7.87 11.09
CA GLY A 51 -3.68 -8.80 10.16
C GLY A 51 -3.57 -8.22 8.75
N THR A 52 -3.49 -6.89 8.67
CA THR A 52 -3.38 -6.22 7.39
C THR A 52 -2.63 -4.88 7.54
N GLY A 53 -2.17 -4.34 6.42
CA GLY A 53 -1.45 -3.08 6.46
C GLY A 53 -1.40 -2.39 5.12
N VAL A 54 -0.53 -1.39 5.01
CA VAL A 54 -0.37 -0.64 3.76
C VAL A 54 1.06 -0.18 3.59
N VAL A 55 1.37 0.38 2.42
CA VAL A 55 2.73 0.85 2.14
C VAL A 55 2.72 1.95 1.09
N GLU A 56 3.40 3.05 1.39
CA GLU A 56 3.50 4.18 0.47
C GLU A 56 4.94 4.39 0.02
N PHE A 57 5.16 4.30 -1.28
CA PHE A 57 6.50 4.49 -1.83
C PHE A 57 6.64 5.86 -2.49
N VAL A 58 7.80 6.48 -2.28
CA VAL A 58 8.07 7.80 -2.86
C VAL A 58 7.91 7.76 -4.37
N ARG A 59 8.20 6.60 -4.97
CA ARG A 59 8.08 6.43 -6.41
C ARG A 59 7.09 5.33 -6.73
N LYS A 60 6.11 5.65 -7.57
CA LYS A 60 5.08 4.68 -7.95
C LYS A 60 5.70 3.39 -8.51
N GLU A 61 6.93 3.51 -9.02
CA GLU A 61 7.63 2.36 -9.58
C GLU A 61 7.85 1.27 -8.53
N ASP A 62 8.17 1.69 -7.31
CA ASP A 62 8.40 0.76 -6.22
C ASP A 62 7.10 0.08 -5.81
N MET A 63 5.99 0.79 -5.96
CA MET A 63 4.68 0.26 -5.61
C MET A 63 4.35 -0.96 -6.47
N THR A 64 4.02 -0.70 -7.73
CA THR A 64 3.67 -1.76 -8.67
C THR A 64 4.67 -2.91 -8.59
N TYR A 65 5.96 -2.58 -8.55
CA TYR A 65 7.00 -3.58 -8.46
C TYR A 65 6.80 -4.46 -7.23
N ALA A 66 6.40 -3.84 -6.13
CA ALA A 66 6.18 -4.57 -4.90
C ALA A 66 5.06 -5.58 -5.03
N VAL A 67 3.98 -5.19 -5.70
CA VAL A 67 2.84 -6.08 -5.89
C VAL A 67 3.09 -7.08 -7.01
N ARG A 68 3.94 -6.68 -7.95
CA ARG A 68 4.28 -7.53 -9.07
C ARG A 68 5.34 -8.56 -8.69
N LYS A 69 6.30 -8.12 -7.89
CA LYS A 69 7.39 -8.99 -7.44
C LYS A 69 7.19 -9.43 -5.99
N LEU A 70 7.10 -8.46 -5.09
CA LEU A 70 6.92 -8.76 -3.67
C LEU A 70 5.47 -9.14 -3.37
N ASP A 71 5.03 -10.26 -3.94
CA ASP A 71 3.68 -10.73 -3.73
C ASP A 71 3.68 -12.20 -3.29
N ASN A 72 2.82 -12.52 -2.32
CA ASN A 72 2.72 -13.88 -1.81
C ASN A 72 4.05 -14.32 -1.21
N THR A 73 4.81 -13.36 -0.69
CA THR A 73 6.10 -13.65 -0.08
C THR A 73 5.98 -13.74 1.43
N LYS A 74 6.90 -14.47 2.05
CA LYS A 74 6.88 -14.64 3.50
C LYS A 74 7.51 -13.43 4.19
N PHE A 75 6.85 -12.95 5.24
CA PHE A 75 7.34 -11.81 6.01
C PHE A 75 8.12 -12.28 7.23
N ARG A 76 8.97 -11.40 7.74
CA ARG A 76 9.79 -11.73 8.92
C ARG A 76 9.75 -10.60 9.94
N SER A 77 9.37 -10.93 11.17
CA SER A 77 9.30 -9.95 12.24
C SER A 77 10.60 -9.91 13.03
N HIS A 78 10.92 -8.74 13.58
CA HIS A 78 12.14 -8.57 14.36
C HIS A 78 12.18 -9.56 15.53
N GLU A 79 11.01 -10.04 15.93
CA GLU A 79 10.92 -10.99 17.03
C GLU A 79 11.45 -12.36 16.61
N GLY A 80 11.44 -12.63 15.31
CA GLY A 80 11.92 -13.91 14.80
C GLY A 80 10.78 -14.81 14.35
N GLU A 81 9.67 -14.21 13.95
CA GLU A 81 8.52 -14.97 13.49
C GLU A 81 8.24 -14.69 12.01
N THR A 82 7.96 -15.76 11.26
CA THR A 82 7.68 -15.63 9.83
C THR A 82 6.22 -15.93 9.54
N ALA A 83 5.75 -15.47 8.38
CA ALA A 83 4.36 -15.69 7.97
C ALA A 83 4.17 -15.31 6.50
N TYR A 84 3.00 -15.64 5.97
CA TYR A 84 2.69 -15.34 4.57
C TYR A 84 1.86 -14.06 4.47
N ILE A 85 2.34 -13.11 3.65
CA ILE A 85 1.64 -11.85 3.47
C ILE A 85 1.20 -11.66 2.03
N ARG A 86 -0.03 -11.17 1.84
CA ARG A 86 -0.57 -10.95 0.52
C ARG A 86 -0.60 -9.46 0.19
N VAL A 87 0.07 -9.07 -0.90
CA VAL A 87 0.12 -7.68 -1.31
C VAL A 87 -0.79 -7.40 -2.50
N LYS A 88 -1.25 -6.16 -2.60
CA LYS A 88 -2.13 -5.75 -3.69
C LYS A 88 -2.19 -4.23 -3.81
N VAL A 89 -2.21 -3.74 -5.04
CA VAL A 89 -2.26 -2.30 -5.29
C VAL A 89 -3.59 -1.71 -4.83
N ASP A 90 -3.49 -0.78 -3.90
CA ASP A 90 -4.68 -0.11 -3.35
C ASP A 90 -5.14 1.01 -4.29
N GLY A 91 -6.46 1.09 -4.51
CA GLY A 91 -6.98 2.11 -5.38
C GLY A 91 -8.47 2.37 -5.17
N PRO A 92 -9.34 1.77 -6.01
CA PRO A 92 -10.79 1.95 -5.88
C PRO A 92 -11.31 1.63 -4.49
N ARG A 93 -11.26 0.36 -4.10
CA ARG A 93 -11.73 -0.06 -2.79
C ARG A 93 -10.79 -1.09 -2.15
N SER A 94 -9.64 -1.32 -2.79
CA SER A 94 -8.66 -2.27 -2.27
C SER A 94 -9.32 -3.61 -1.92
N PRO A 95 -9.98 -4.25 -2.90
CA PRO A 95 -10.65 -5.53 -2.70
C PRO A 95 -9.69 -6.71 -2.80
N SER A 96 -9.64 -7.52 -1.75
CA SER A 96 -8.76 -8.68 -1.72
C SER A 96 -9.10 -9.65 -2.86
N TYR A 97 -10.38 -9.94 -3.02
CA TYR A 97 -10.84 -10.84 -4.08
C TYR A 97 -10.39 -12.27 -3.80
N GLY A 98 -9.09 -12.52 -3.91
CA GLY A 98 -8.56 -13.85 -3.67
C GLY A 98 -7.12 -13.83 -3.18
N ARG A 99 -6.61 -15.00 -2.84
CA ARG A 99 -5.23 -15.11 -2.35
C ARG A 99 -4.44 -16.12 -3.18
N SER A 100 -4.76 -17.40 -3.01
CA SER A 100 -4.08 -18.46 -3.74
C SER A 100 -4.76 -19.81 -3.51
N ARG A 101 -4.53 -20.39 -2.33
CA ARG A 101 -5.12 -21.67 -1.99
C ARG A 101 -5.18 -21.85 -0.48
N SER A 102 -5.56 -20.78 0.22
CA SER A 102 -5.66 -20.82 1.68
C SER A 102 -7.08 -20.51 2.13
N ARG A 103 -7.65 -19.44 1.60
CA ARG A 103 -9.00 -19.03 1.95
C ARG A 103 -9.69 -18.35 0.77
N SER A 104 -10.63 -19.06 0.16
CA SER A 104 -11.36 -18.53 -0.99
C SER A 104 -12.67 -19.30 -1.19
N ARG A 105 -13.34 -19.63 -0.09
CA ARG A 105 -14.60 -20.35 -0.14
C ARG A 105 -15.74 -19.43 -0.57
N SER A 106 -15.62 -18.15 -0.21
CA SER A 106 -16.64 -17.16 -0.55
C SER A 106 -17.97 -17.51 0.11
N ARG A 107 -18.42 -16.64 1.01
CA ARG A 107 -19.68 -16.85 1.72
C ARG A 107 -20.46 -15.54 1.83
N SER A 108 -21.06 -15.12 0.72
CA SER A 108 -21.83 -13.88 0.70
C SER A 108 -22.51 -13.69 -0.65
N ARG A 109 -23.07 -12.50 -0.87
CA ARG A 109 -23.74 -12.18 -2.12
C ARG A 109 -22.87 -11.28 -2.98
N SER A 110 -22.05 -11.89 -3.83
CA SER A 110 -21.16 -11.14 -4.72
C SER A 110 -21.22 -11.68 -6.14
N LEU A 111 -22.21 -11.23 -6.90
CA LEU A 111 -22.38 -11.68 -8.28
C LEU A 111 -21.30 -11.07 -9.17
N GLU A 112 -21.05 -11.72 -10.31
CA GLU A 112 -20.04 -11.25 -11.25
C GLU A 112 -20.68 -10.41 -12.35
N HIS A 113 -21.62 -9.56 -11.98
CA HIS A 113 -22.30 -8.70 -12.94
C HIS A 113 -23.04 -9.54 -13.98
N MET A 1 -9.33 23.88 3.52
CA MET A 1 -10.74 23.80 3.08
C MET A 1 -11.01 22.53 2.28
N ALA A 2 -12.28 22.17 2.15
CA ALA A 2 -12.67 20.97 1.42
C ALA A 2 -13.96 21.20 0.64
N PRO A 3 -13.86 21.61 -0.64
CA PRO A 3 -15.02 21.86 -1.49
C PRO A 3 -15.79 20.59 -1.81
N ARG A 4 -17.09 20.59 -1.52
CA ARG A 4 -17.94 19.43 -1.77
C ARG A 4 -17.57 18.27 -0.85
N GLY A 5 -16.39 17.72 -1.04
CA GLY A 5 -15.94 16.60 -0.22
C GLY A 5 -14.42 16.51 -0.14
N ARG A 6 -13.77 16.57 -1.29
CA ARG A 6 -12.32 16.48 -1.35
C ARG A 6 -11.81 16.71 -2.76
N TYR A 7 -12.02 17.93 -3.27
CA TYR A 7 -11.58 18.27 -4.62
C TYR A 7 -10.53 19.38 -4.60
N GLY A 8 -10.57 20.21 -3.56
CA GLY A 8 -9.62 21.31 -3.44
C GLY A 8 -8.17 20.83 -3.49
N PRO A 9 -7.23 21.75 -3.76
CA PRO A 9 -5.80 21.42 -3.84
C PRO A 9 -5.26 20.74 -2.57
N PRO A 10 -5.77 21.08 -1.37
CA PRO A 10 -5.29 20.48 -0.11
C PRO A 10 -5.41 18.95 -0.12
N SER A 11 -5.52 18.37 1.08
CA SER A 11 -5.64 16.92 1.23
C SER A 11 -6.55 16.31 0.17
N ARG A 12 -5.95 15.80 -0.90
CA ARG A 12 -6.70 15.19 -1.98
C ARG A 12 -6.03 13.90 -2.45
N ARG A 13 -4.71 13.88 -2.47
CA ARG A 13 -3.95 12.72 -2.89
C ARG A 13 -3.58 11.84 -1.69
N SER A 14 -3.02 10.67 -1.98
CA SER A 14 -2.61 9.74 -0.92
C SER A 14 -1.20 9.21 -1.17
N GLU A 15 -0.50 9.80 -2.13
CA GLU A 15 0.86 9.39 -2.45
C GLU A 15 0.90 7.95 -2.94
N ASN A 16 -0.26 7.41 -3.33
CA ASN A 16 -0.34 6.04 -3.82
C ASN A 16 0.22 5.05 -2.79
N ARG A 17 -0.67 4.32 -2.13
CA ARG A 17 -0.26 3.35 -1.13
C ARG A 17 -0.63 1.93 -1.55
N VAL A 18 -0.13 0.95 -0.80
CA VAL A 18 -0.40 -0.45 -1.06
C VAL A 18 -0.99 -1.12 0.17
N VAL A 19 -1.57 -2.30 0.00
CA VAL A 19 -2.16 -3.02 1.11
C VAL A 19 -1.54 -4.41 1.26
N VAL A 20 -1.23 -4.79 2.50
CA VAL A 20 -0.63 -6.09 2.78
C VAL A 20 -1.52 -6.91 3.70
N SER A 21 -1.39 -8.23 3.61
CA SER A 21 -2.19 -9.14 4.43
C SER A 21 -1.35 -10.34 4.88
N GLY A 22 -1.45 -10.66 6.17
CA GLY A 22 -0.70 -11.79 6.70
C GLY A 22 0.40 -11.36 7.65
N LEU A 23 0.11 -10.36 8.49
CA LEU A 23 1.08 -9.85 9.45
C LEU A 23 1.00 -10.64 10.76
N PRO A 24 2.16 -10.95 11.37
CA PRO A 24 2.22 -11.68 12.64
C PRO A 24 1.83 -10.81 13.83
N PRO A 25 1.63 -11.43 15.02
CA PRO A 25 1.26 -10.70 16.23
C PRO A 25 2.39 -9.81 16.74
N SER A 26 3.63 -10.23 16.48
CA SER A 26 4.80 -9.48 16.91
C SER A 26 5.46 -8.78 15.74
N GLY A 27 4.81 -7.74 15.23
CA GLY A 27 5.34 -7.00 14.09
C GLY A 27 5.13 -5.51 14.23
N SER A 28 5.21 -4.80 13.10
CA SER A 28 5.02 -3.35 13.10
C SER A 28 5.09 -2.80 11.67
N TRP A 29 4.82 -1.52 11.53
CA TRP A 29 4.85 -0.87 10.22
C TRP A 29 6.27 -0.70 9.73
N GLN A 30 7.17 -0.31 10.65
CA GLN A 30 8.57 -0.11 10.30
C GLN A 30 9.24 -1.43 9.93
N ASP A 31 8.81 -2.51 10.59
CA ASP A 31 9.36 -3.84 10.32
C ASP A 31 8.83 -4.40 9.01
N LEU A 32 7.62 -4.00 8.65
CA LEU A 32 7.00 -4.45 7.41
C LEU A 32 7.65 -3.79 6.21
N LYS A 33 7.93 -2.50 6.34
CA LYS A 33 8.58 -1.74 5.28
C LYS A 33 9.98 -2.27 5.02
N ASP A 34 10.78 -2.34 6.08
CA ASP A 34 12.15 -2.85 5.98
C ASP A 34 12.19 -4.24 5.38
N HIS A 35 11.11 -4.98 5.55
CA HIS A 35 11.01 -6.34 5.03
C HIS A 35 10.53 -6.34 3.58
N MET A 36 9.84 -5.28 3.18
CA MET A 36 9.32 -5.19 1.82
C MET A 36 10.11 -4.17 0.99
N ARG A 37 11.22 -3.69 1.54
CA ARG A 37 12.08 -2.74 0.85
C ARG A 37 12.55 -3.27 -0.49
N GLU A 38 12.41 -4.58 -0.71
CA GLU A 38 12.83 -5.21 -1.95
C GLU A 38 12.29 -4.48 -3.18
N ALA A 39 11.21 -3.75 -3.01
CA ALA A 39 10.62 -3.00 -4.12
C ALA A 39 11.61 -1.96 -4.64
N GLY A 40 12.48 -1.51 -3.76
CA GLY A 40 13.48 -0.52 -4.14
C GLY A 40 13.70 0.52 -3.08
N ASP A 41 12.63 1.17 -2.66
CA ASP A 41 12.71 2.20 -1.62
C ASP A 41 11.32 2.53 -1.10
N VAL A 42 11.13 2.29 0.18
CA VAL A 42 9.86 2.55 0.83
C VAL A 42 9.91 3.85 1.63
N CYS A 43 8.89 4.69 1.45
CA CYS A 43 8.83 5.97 2.14
C CYS A 43 8.19 5.83 3.51
N TYR A 44 7.04 5.18 3.56
CA TYR A 44 6.33 4.98 4.82
C TYR A 44 5.42 3.76 4.77
N ALA A 45 5.05 3.25 5.94
CA ALA A 45 4.17 2.09 6.05
C ALA A 45 3.30 2.18 7.29
N ASP A 46 2.29 1.31 7.36
CA ASP A 46 1.39 1.30 8.51
C ASP A 46 0.60 -0.02 8.56
N VAL A 47 0.70 -0.71 9.69
CA VAL A 47 0.01 -1.97 9.87
C VAL A 47 -1.24 -1.80 10.73
N TYR A 48 -2.32 -2.47 10.34
CA TYR A 48 -3.58 -2.37 11.08
C TYR A 48 -3.79 -3.61 11.95
N ARG A 49 -4.58 -3.44 13.02
CA ARG A 49 -4.86 -4.54 13.94
C ARG A 49 -5.78 -5.58 13.28
N ASP A 50 -6.45 -5.19 12.20
CA ASP A 50 -7.35 -6.08 11.50
C ASP A 50 -6.60 -7.29 10.94
N GLY A 51 -5.30 -7.09 10.69
CA GLY A 51 -4.49 -8.16 10.16
C GLY A 51 -3.82 -7.79 8.84
N THR A 52 -3.98 -6.54 8.42
CA THR A 52 -3.38 -6.07 7.17
C THR A 52 -2.66 -4.75 7.40
N GLY A 53 -1.77 -4.40 6.46
CA GLY A 53 -1.02 -3.16 6.58
C GLY A 53 -0.96 -2.41 5.26
N VAL A 54 -0.12 -1.39 5.21
CA VAL A 54 0.04 -0.59 4.00
C VAL A 54 1.50 -0.21 3.78
N VAL A 55 1.79 0.30 2.58
CA VAL A 55 3.14 0.70 2.23
C VAL A 55 3.13 1.79 1.18
N GLU A 56 4.03 2.76 1.32
CA GLU A 56 4.13 3.86 0.37
C GLU A 56 5.56 4.08 -0.08
N PHE A 57 5.83 3.85 -1.36
CA PHE A 57 7.17 4.03 -1.91
C PHE A 57 7.36 5.45 -2.40
N VAL A 58 8.57 5.75 -2.86
CA VAL A 58 8.88 7.08 -3.37
C VAL A 58 8.00 7.42 -4.57
N ARG A 59 8.20 6.69 -5.66
CA ARG A 59 7.41 6.91 -6.87
C ARG A 59 6.25 5.93 -6.94
N LYS A 60 5.25 6.25 -7.76
CA LYS A 60 4.08 5.40 -7.92
C LYS A 60 4.44 4.12 -8.68
N GLU A 61 5.48 4.19 -9.50
CA GLU A 61 5.92 3.05 -10.29
C GLU A 61 6.38 1.91 -9.39
N ASP A 62 6.93 2.26 -8.23
CA ASP A 62 7.41 1.27 -7.28
C ASP A 62 6.24 0.47 -6.70
N MET A 63 5.10 1.13 -6.60
CA MET A 63 3.89 0.49 -6.07
C MET A 63 3.50 -0.71 -6.94
N THR A 64 3.19 -0.45 -8.20
CA THR A 64 2.80 -1.50 -9.12
C THR A 64 3.89 -2.58 -9.21
N TYR A 65 5.14 -2.16 -9.05
CA TYR A 65 6.26 -3.09 -9.10
C TYR A 65 6.14 -4.13 -8.01
N ALA A 66 5.92 -3.65 -6.79
CA ALA A 66 5.79 -4.52 -5.64
C ALA A 66 4.67 -5.54 -5.81
N VAL A 67 3.49 -5.06 -6.16
CA VAL A 67 2.33 -5.93 -6.33
C VAL A 67 2.60 -7.02 -7.36
N ARG A 68 3.55 -6.77 -8.25
CA ARG A 68 3.87 -7.72 -9.30
C ARG A 68 5.19 -8.43 -9.04
N LYS A 69 6.28 -7.71 -9.23
CA LYS A 69 7.63 -8.25 -9.06
C LYS A 69 7.93 -8.71 -7.63
N LEU A 70 7.39 -8.01 -6.63
CA LEU A 70 7.66 -8.38 -5.24
C LEU A 70 6.35 -8.59 -4.46
N ASP A 71 5.82 -9.81 -4.55
CA ASP A 71 4.59 -10.16 -3.86
C ASP A 71 4.65 -11.59 -3.35
N ASN A 72 3.91 -11.86 -2.27
CA ASN A 72 3.89 -13.20 -1.69
C ASN A 72 5.28 -13.60 -1.19
N THR A 73 5.73 -12.96 -0.12
CA THR A 73 7.04 -13.25 0.45
C THR A 73 6.92 -13.62 1.93
N LYS A 74 8.01 -14.10 2.50
CA LYS A 74 8.04 -14.49 3.90
C LYS A 74 8.43 -13.32 4.80
N PHE A 75 7.71 -13.17 5.90
CA PHE A 75 7.98 -12.08 6.85
C PHE A 75 8.49 -12.64 8.17
N ARG A 76 9.73 -12.32 8.51
CA ARG A 76 10.32 -12.79 9.75
C ARG A 76 10.65 -11.62 10.68
N SER A 77 9.83 -11.43 11.69
CA SER A 77 10.03 -10.35 12.65
C SER A 77 11.38 -10.46 13.32
N HIS A 78 11.76 -9.41 14.05
CA HIS A 78 13.03 -9.38 14.76
C HIS A 78 13.02 -10.37 15.93
N GLU A 79 11.86 -10.96 16.20
CA GLU A 79 11.73 -11.92 17.29
C GLU A 79 12.01 -13.34 16.82
N GLY A 80 11.86 -13.57 15.52
CA GLY A 80 12.10 -14.89 14.96
C GLY A 80 10.82 -15.60 14.58
N GLU A 81 9.81 -14.82 14.20
CA GLU A 81 8.53 -15.38 13.80
C GLU A 81 8.28 -15.17 12.30
N THR A 82 8.35 -16.25 11.53
CA THR A 82 8.14 -16.18 10.10
C THR A 82 6.65 -16.28 9.76
N ALA A 83 6.29 -15.75 8.59
CA ALA A 83 4.90 -15.78 8.14
C ALA A 83 4.79 -15.41 6.66
N TYR A 84 3.60 -15.60 6.10
CA TYR A 84 3.36 -15.29 4.69
C TYR A 84 2.57 -14.00 4.55
N ILE A 85 2.99 -13.16 3.62
CA ILE A 85 2.32 -11.87 3.39
C ILE A 85 2.16 -11.61 1.90
N ARG A 86 1.02 -11.01 1.53
CA ARG A 86 0.74 -10.68 0.14
C ARG A 86 0.61 -9.17 -0.04
N VAL A 87 0.94 -8.70 -1.25
CA VAL A 87 0.86 -7.27 -1.54
C VAL A 87 -0.19 -6.98 -2.61
N LYS A 88 -1.01 -5.97 -2.36
CA LYS A 88 -2.06 -5.59 -3.31
C LYS A 88 -2.20 -4.07 -3.36
N VAL A 89 -2.41 -3.55 -4.56
CA VAL A 89 -2.55 -2.12 -4.76
C VAL A 89 -3.85 -1.60 -4.14
N ASP A 90 -3.71 -0.77 -3.12
CA ASP A 90 -4.87 -0.21 -2.43
C ASP A 90 -5.18 1.19 -2.98
N GLY A 91 -6.42 1.37 -3.42
CA GLY A 91 -6.82 2.66 -3.97
C GLY A 91 -7.77 3.41 -3.06
N PRO A 92 -9.02 2.91 -2.90
CA PRO A 92 -10.02 3.55 -2.04
C PRO A 92 -9.46 3.93 -0.67
N ARG A 93 -9.13 5.21 -0.50
CA ARG A 93 -8.60 5.70 0.77
C ARG A 93 -9.49 6.80 1.34
N SER A 94 -9.48 6.92 2.66
CA SER A 94 -10.29 7.93 3.34
C SER A 94 -9.42 8.90 4.13
N PRO A 95 -10.02 9.94 4.73
CA PRO A 95 -9.30 10.94 5.52
C PRO A 95 -8.54 10.31 6.70
N SER A 96 -8.47 11.03 7.81
CA SER A 96 -7.78 10.53 9.00
C SER A 96 -8.58 9.45 9.72
N TYR A 97 -9.74 9.08 9.16
CA TYR A 97 -10.59 8.06 9.74
C TYR A 97 -11.16 8.51 11.08
N GLY A 98 -10.30 8.60 12.08
CA GLY A 98 -10.74 9.02 13.40
C GLY A 98 -10.77 7.87 14.40
N ARG A 99 -11.04 8.18 15.66
CA ARG A 99 -11.10 7.16 16.70
C ARG A 99 -9.76 6.44 16.81
N SER A 100 -9.76 5.28 17.46
CA SER A 100 -8.55 4.49 17.65
C SER A 100 -7.58 5.20 18.61
N ARG A 101 -6.29 5.19 18.29
CA ARG A 101 -5.29 5.83 19.15
C ARG A 101 -5.73 7.23 19.58
N SER A 102 -6.07 7.36 20.86
CA SER A 102 -6.52 8.64 21.40
C SER A 102 -5.80 8.94 22.72
N ARG A 103 -4.67 9.63 22.63
CA ARG A 103 -3.90 9.99 23.81
C ARG A 103 -4.74 10.83 24.78
N SER A 104 -5.33 10.17 25.77
CA SER A 104 -6.15 10.85 26.76
C SER A 104 -5.54 10.72 28.16
N ARG A 105 -6.32 11.12 29.17
CA ARG A 105 -5.87 11.05 30.55
C ARG A 105 -7.03 10.75 31.49
N SER A 106 -8.03 10.05 30.97
CA SER A 106 -9.21 9.71 31.77
C SER A 106 -9.50 8.21 31.67
N ARG A 107 -9.50 7.69 30.45
CA ARG A 107 -9.76 6.26 30.23
C ARG A 107 -8.46 5.49 30.06
N SER A 108 -7.41 5.94 30.74
CA SER A 108 -6.13 5.28 30.67
C SER A 108 -5.38 5.37 32.00
N ARG A 109 -5.42 4.29 32.77
CA ARG A 109 -4.76 4.25 34.07
C ARG A 109 -3.27 3.98 33.91
N SER A 110 -2.45 4.90 34.39
CA SER A 110 -1.00 4.77 34.31
C SER A 110 -0.35 5.00 35.66
N LEU A 111 -0.41 3.99 36.52
CA LEU A 111 0.17 4.09 37.86
C LEU A 111 1.10 2.92 38.14
N GLU A 112 2.36 3.21 38.44
CA GLU A 112 3.35 2.18 38.74
C GLU A 112 3.61 1.32 37.51
N HIS A 113 2.69 0.39 37.22
CA HIS A 113 2.82 -0.49 36.07
C HIS A 113 1.78 -0.18 35.02
N MET A 1 -31.29 0.37 -0.30
CA MET A 1 -31.75 1.25 -1.40
C MET A 1 -31.80 2.71 -0.97
N ALA A 2 -32.03 2.93 0.32
CA ALA A 2 -32.11 4.28 0.87
C ALA A 2 -30.84 4.62 1.66
N PRO A 3 -29.83 5.19 1.00
CA PRO A 3 -28.57 5.56 1.65
C PRO A 3 -28.74 6.72 2.64
N ARG A 4 -27.89 6.77 3.64
CA ARG A 4 -27.95 7.82 4.65
C ARG A 4 -27.80 9.19 4.01
N GLY A 5 -27.06 9.24 2.91
CA GLY A 5 -26.85 10.51 2.22
C GLY A 5 -25.57 10.52 1.41
N ARG A 6 -25.70 10.65 0.10
CA ARG A 6 -24.54 10.68 -0.80
C ARG A 6 -23.62 11.84 -0.45
N TYR A 7 -22.53 11.52 0.26
CA TYR A 7 -21.56 12.54 0.65
C TYR A 7 -20.15 11.97 0.68
N GLY A 8 -19.20 12.76 1.15
CA GLY A 8 -17.82 12.31 1.22
C GLY A 8 -16.92 13.05 0.24
N PRO A 9 -16.84 14.39 0.32
CA PRO A 9 -16.01 15.20 -0.57
C PRO A 9 -14.65 14.57 -0.84
N PRO A 10 -13.91 14.19 0.22
CA PRO A 10 -12.58 13.58 0.07
C PRO A 10 -12.56 12.47 -0.99
N SER A 11 -11.37 11.96 -1.27
CA SER A 11 -11.21 10.90 -2.25
C SER A 11 -10.25 9.82 -1.74
N ARG A 12 -10.42 9.44 -0.48
CA ARG A 12 -9.57 8.43 0.14
C ARG A 12 -8.17 8.98 0.40
N ARG A 13 -7.47 9.32 -0.68
CA ARG A 13 -6.11 9.86 -0.56
C ARG A 13 -5.16 8.79 -0.04
N SER A 14 -3.89 8.92 -0.41
CA SER A 14 -2.87 7.97 0.02
C SER A 14 -1.52 8.28 -0.62
N GLU A 15 -1.55 8.80 -1.85
CA GLU A 15 -0.34 9.15 -2.58
C GLU A 15 0.35 7.89 -3.10
N ASN A 16 -0.40 7.05 -3.78
CA ASN A 16 0.13 5.81 -4.34
C ASN A 16 0.62 4.88 -3.23
N ARG A 17 -0.28 4.04 -2.74
CA ARG A 17 0.05 3.09 -1.67
C ARG A 17 -0.58 1.73 -1.94
N VAL A 18 -0.18 0.74 -1.15
CA VAL A 18 -0.71 -0.61 -1.30
C VAL A 18 -1.25 -1.13 0.03
N VAL A 19 -2.03 -2.21 -0.04
CA VAL A 19 -2.60 -2.81 1.15
C VAL A 19 -2.02 -4.18 1.42
N VAL A 20 -1.71 -4.45 2.69
CA VAL A 20 -1.13 -5.73 3.08
C VAL A 20 -2.15 -6.60 3.78
N SER A 21 -1.97 -7.91 3.71
CA SER A 21 -2.88 -8.86 4.34
C SER A 21 -2.18 -10.17 4.67
N GLY A 22 -2.17 -10.54 5.94
CA GLY A 22 -1.53 -11.77 6.36
C GLY A 22 -0.26 -11.54 7.16
N LEU A 23 -0.19 -10.40 7.83
CA LEU A 23 0.99 -10.05 8.62
C LEU A 23 1.10 -10.97 9.85
N PRO A 24 2.32 -11.14 10.37
CA PRO A 24 2.56 -11.99 11.55
C PRO A 24 1.94 -11.42 12.82
N PRO A 25 1.73 -12.26 13.84
CA PRO A 25 1.15 -11.81 15.12
C PRO A 25 2.08 -10.89 15.90
N SER A 26 3.38 -11.07 15.69
CA SER A 26 4.37 -10.25 16.37
C SER A 26 5.21 -9.46 15.37
N GLY A 27 4.60 -8.46 14.76
CA GLY A 27 5.31 -7.64 13.79
C GLY A 27 4.74 -6.25 13.68
N SER A 28 5.61 -5.28 13.39
CA SER A 28 5.19 -3.89 13.26
C SER A 28 5.46 -3.36 11.86
N TRP A 29 5.04 -2.13 11.60
CA TRP A 29 5.24 -1.52 10.30
C TRP A 29 6.70 -1.11 10.10
N GLN A 30 7.36 -0.73 11.20
CA GLN A 30 8.75 -0.32 11.16
C GLN A 30 9.63 -1.43 10.60
N ASP A 31 9.39 -2.66 11.06
CA ASP A 31 10.17 -3.80 10.61
C ASP A 31 9.72 -4.24 9.22
N LEU A 32 8.44 -4.06 8.93
CA LEU A 32 7.89 -4.44 7.63
C LEU A 32 8.56 -3.65 6.51
N LYS A 33 8.67 -2.34 6.70
CA LYS A 33 9.28 -1.47 5.70
C LYS A 33 10.76 -1.83 5.50
N ASP A 34 11.47 -2.05 6.60
CA ASP A 34 12.89 -2.37 6.54
C ASP A 34 13.13 -3.70 5.82
N HIS A 35 12.14 -4.58 5.85
CA HIS A 35 12.26 -5.88 5.20
C HIS A 35 11.58 -5.91 3.84
N MET A 36 10.58 -5.06 3.66
CA MET A 36 9.85 -5.01 2.40
C MET A 36 10.36 -3.90 1.48
N ARG A 37 11.42 -3.22 1.91
CA ARG A 37 12.02 -2.14 1.11
C ARG A 37 12.65 -2.67 -0.16
N GLU A 38 12.77 -3.99 -0.29
CA GLU A 38 13.36 -4.60 -1.48
C GLU A 38 12.73 -4.04 -2.75
N ALA A 39 11.50 -3.58 -2.65
CA ALA A 39 10.79 -3.01 -3.80
C ALA A 39 11.42 -1.69 -4.20
N GLY A 40 12.02 -1.01 -3.24
CA GLY A 40 12.65 0.27 -3.50
C GLY A 40 12.52 1.23 -2.33
N ASP A 41 12.79 2.50 -2.59
CA ASP A 41 12.70 3.53 -1.54
C ASP A 41 11.29 3.60 -0.98
N VAL A 42 11.12 3.09 0.23
CA VAL A 42 9.82 3.09 0.89
C VAL A 42 9.47 4.49 1.38
N CYS A 43 8.17 4.77 1.48
CA CYS A 43 7.70 6.07 1.93
C CYS A 43 7.13 6.00 3.34
N TYR A 44 6.10 5.17 3.52
CA TYR A 44 5.46 5.01 4.82
C TYR A 44 4.66 3.71 4.89
N ALA A 45 4.88 2.95 5.95
CA ALA A 45 4.18 1.68 6.14
C ALA A 45 3.43 1.67 7.47
N ASP A 46 2.23 1.09 7.46
CA ASP A 46 1.41 1.02 8.66
C ASP A 46 0.70 -0.33 8.76
N VAL A 47 0.70 -0.90 9.96
CA VAL A 47 0.06 -2.20 10.19
C VAL A 47 -1.05 -2.07 11.23
N TYR A 48 -2.28 -2.37 10.82
CA TYR A 48 -3.43 -2.29 11.71
C TYR A 48 -3.70 -3.63 12.38
N ARG A 49 -3.67 -3.64 13.72
CA ARG A 49 -3.92 -4.85 14.49
C ARG A 49 -2.87 -5.92 14.20
N ASP A 50 -2.99 -6.58 13.06
CA ASP A 50 -2.05 -7.63 12.67
C ASP A 50 -2.54 -8.39 11.44
N GLY A 51 -3.87 -8.40 11.23
CA GLY A 51 -4.44 -9.09 10.10
C GLY A 51 -4.01 -8.50 8.77
N THR A 52 -4.14 -7.18 8.64
CA THR A 52 -3.77 -6.50 7.42
C THR A 52 -2.94 -5.25 7.72
N GLY A 53 -2.56 -4.53 6.66
CA GLY A 53 -1.77 -3.33 6.82
C GLY A 53 -1.74 -2.48 5.57
N VAL A 54 -0.74 -1.61 5.47
CA VAL A 54 -0.61 -0.74 4.31
C VAL A 54 0.84 -0.29 4.12
N VAL A 55 1.18 0.12 2.90
CA VAL A 55 2.53 0.57 2.60
C VAL A 55 2.53 1.60 1.46
N GLU A 56 3.39 2.60 1.57
CA GLU A 56 3.50 3.64 0.55
C GLU A 56 4.91 3.73 0.00
N PHE A 57 5.03 3.82 -1.32
CA PHE A 57 6.33 3.91 -1.98
C PHE A 57 6.56 5.31 -2.53
N VAL A 58 7.82 5.61 -2.84
CA VAL A 58 8.18 6.91 -3.39
C VAL A 58 7.89 6.96 -4.88
N ARG A 59 8.57 6.11 -5.65
CA ARG A 59 8.39 6.05 -7.09
C ARG A 59 7.28 5.09 -7.45
N LYS A 60 6.64 5.34 -8.60
CA LYS A 60 5.54 4.49 -9.05
C LYS A 60 6.06 3.11 -9.48
N GLU A 61 7.29 3.08 -9.97
CA GLU A 61 7.89 1.82 -10.41
C GLU A 61 8.04 0.85 -9.24
N ASP A 62 8.36 1.38 -8.07
CA ASP A 62 8.53 0.56 -6.88
C ASP A 62 7.19 0.00 -6.42
N MET A 63 6.12 0.75 -6.66
CA MET A 63 4.78 0.33 -6.28
C MET A 63 4.37 -0.92 -7.04
N THR A 64 4.24 -0.79 -8.36
CA THR A 64 3.85 -1.90 -9.21
C THR A 64 4.78 -3.10 -9.01
N TYR A 65 6.04 -2.82 -8.72
CA TYR A 65 7.02 -3.88 -8.52
C TYR A 65 6.73 -4.66 -7.23
N ALA A 66 6.28 -3.95 -6.21
CA ALA A 66 5.98 -4.56 -4.93
C ALA A 66 4.75 -5.49 -5.02
N VAL A 67 3.77 -5.05 -5.79
CA VAL A 67 2.54 -5.81 -5.95
C VAL A 67 2.71 -6.95 -6.96
N ARG A 68 3.70 -6.82 -7.84
CA ARG A 68 3.94 -7.81 -8.86
C ARG A 68 4.93 -8.88 -8.42
N LYS A 69 6.00 -8.47 -7.75
CA LYS A 69 7.01 -9.41 -7.31
C LYS A 69 7.01 -9.61 -5.80
N LEU A 70 6.64 -8.58 -5.04
CA LEU A 70 6.60 -8.68 -3.59
C LEU A 70 5.21 -9.04 -3.10
N ASP A 71 4.48 -9.82 -3.91
CA ASP A 71 3.13 -10.24 -3.56
C ASP A 71 3.12 -11.69 -3.09
N ASN A 72 2.42 -11.95 -1.99
CA ASN A 72 2.34 -13.30 -1.44
C ASN A 72 3.74 -13.80 -1.05
N THR A 73 4.58 -12.88 -0.58
CA THR A 73 5.93 -13.22 -0.17
C THR A 73 6.00 -13.44 1.33
N LYS A 74 6.98 -14.23 1.76
CA LYS A 74 7.19 -14.52 3.17
C LYS A 74 7.93 -13.38 3.87
N PHE A 75 7.25 -12.72 4.80
CA PHE A 75 7.85 -11.62 5.55
C PHE A 75 8.49 -12.13 6.84
N ARG A 76 9.50 -11.41 7.31
CA ARG A 76 10.20 -11.78 8.54
C ARG A 76 10.11 -10.67 9.57
N SER A 77 9.41 -10.93 10.67
CA SER A 77 9.25 -9.95 11.73
C SER A 77 10.57 -9.73 12.48
N HIS A 78 10.68 -8.59 13.15
CA HIS A 78 11.88 -8.26 13.90
C HIS A 78 12.06 -9.20 15.09
N GLU A 79 11.02 -9.95 15.42
CA GLU A 79 11.07 -10.88 16.55
C GLU A 79 11.45 -12.28 16.09
N GLY A 80 12.07 -12.37 14.91
CA GLY A 80 12.48 -13.66 14.40
C GLY A 80 11.30 -14.55 14.03
N GLU A 81 10.17 -13.92 13.72
CA GLU A 81 8.96 -14.66 13.35
C GLU A 81 8.59 -14.39 11.90
N THR A 82 8.44 -15.46 11.13
CA THR A 82 8.09 -15.34 9.72
C THR A 82 6.58 -15.45 9.52
N ALA A 83 6.09 -14.98 8.38
CA ALA A 83 4.67 -15.04 8.07
C ALA A 83 4.42 -14.77 6.59
N TYR A 84 3.26 -15.20 6.11
CA TYR A 84 2.89 -15.01 4.71
C TYR A 84 2.02 -13.76 4.55
N ILE A 85 2.56 -12.74 3.90
CA ILE A 85 1.84 -11.50 3.68
C ILE A 85 1.52 -11.28 2.21
N ARG A 86 0.40 -10.63 1.94
CA ARG A 86 -0.01 -10.34 0.57
C ARG A 86 0.03 -8.84 0.29
N VAL A 87 0.19 -8.48 -0.97
CA VAL A 87 0.24 -7.07 -1.36
C VAL A 87 -0.78 -6.75 -2.44
N LYS A 88 -1.35 -5.55 -2.38
CA LYS A 88 -2.34 -5.13 -3.35
C LYS A 88 -2.27 -3.62 -3.56
N VAL A 89 -2.58 -3.18 -4.77
CA VAL A 89 -2.55 -1.76 -5.10
C VAL A 89 -3.81 -1.08 -4.58
N ASP A 90 -3.62 0.14 -4.10
CA ASP A 90 -4.71 0.93 -3.55
C ASP A 90 -5.49 1.66 -4.66
N GLY A 91 -5.23 1.30 -5.92
CA GLY A 91 -5.92 1.92 -7.02
C GLY A 91 -6.86 0.97 -7.73
N PRO A 92 -8.14 0.91 -7.31
CA PRO A 92 -9.15 0.03 -7.92
C PRO A 92 -9.18 0.15 -9.43
N ARG A 93 -8.78 -0.92 -10.11
CA ARG A 93 -8.76 -0.94 -11.57
C ARG A 93 -9.19 -2.30 -12.10
N SER A 94 -9.02 -2.51 -13.40
CA SER A 94 -9.39 -3.77 -14.03
C SER A 94 -8.61 -3.99 -15.32
N PRO A 95 -7.57 -4.85 -15.29
CA PRO A 95 -6.74 -5.13 -16.47
C PRO A 95 -7.58 -5.51 -17.68
N SER A 96 -7.95 -4.51 -18.48
CA SER A 96 -8.74 -4.75 -19.68
C SER A 96 -8.07 -4.14 -20.90
N TYR A 97 -8.30 -2.83 -21.12
CA TYR A 97 -7.71 -2.13 -22.25
C TYR A 97 -8.11 -2.79 -23.58
N GLY A 98 -7.37 -3.84 -23.96
CA GLY A 98 -7.67 -4.52 -25.20
C GLY A 98 -7.70 -6.03 -25.04
N ARG A 99 -6.62 -6.70 -25.45
CA ARG A 99 -6.53 -8.15 -25.34
C ARG A 99 -5.14 -8.63 -25.76
N SER A 100 -4.68 -8.18 -26.92
CA SER A 100 -3.38 -8.57 -27.44
C SER A 100 -2.32 -7.52 -27.10
N ARG A 101 -1.30 -7.94 -26.36
CA ARG A 101 -0.23 -7.02 -25.97
C ARG A 101 1.13 -7.70 -26.12
N SER A 102 2.19 -6.89 -26.10
CA SER A 102 3.54 -7.41 -26.23
C SER A 102 4.30 -7.29 -24.91
N ARG A 103 5.17 -8.25 -24.64
CA ARG A 103 5.96 -8.24 -23.40
C ARG A 103 7.23 -7.43 -23.59
N SER A 104 7.08 -6.11 -23.69
CA SER A 104 8.23 -5.22 -23.87
C SER A 104 8.99 -5.56 -25.14
N ARG A 105 8.32 -5.42 -26.27
CA ARG A 105 8.93 -5.72 -27.57
C ARG A 105 8.25 -4.93 -28.68
N SER A 106 8.10 -3.63 -28.48
CA SER A 106 7.47 -2.76 -29.47
C SER A 106 6.12 -3.33 -29.92
N ARG A 107 5.49 -2.64 -30.86
CA ARG A 107 4.19 -3.08 -31.38
C ARG A 107 4.35 -3.74 -32.75
N SER A 108 5.45 -4.45 -32.92
CA SER A 108 5.73 -5.13 -34.19
C SER A 108 5.46 -6.63 -34.07
N ARG A 109 4.49 -6.99 -33.22
CA ARG A 109 4.13 -8.39 -33.03
C ARG A 109 3.50 -8.98 -34.29
N SER A 110 3.03 -8.11 -35.18
CA SER A 110 2.41 -8.54 -36.43
C SER A 110 1.12 -9.32 -36.15
N LEU A 111 0.11 -8.62 -35.67
CA LEU A 111 -1.18 -9.23 -35.36
C LEU A 111 -2.09 -9.22 -36.59
N GLU A 112 -1.91 -8.23 -37.45
CA GLU A 112 -2.72 -8.10 -38.66
C GLU A 112 -1.92 -8.55 -39.89
N HIS A 113 -2.56 -8.48 -41.05
CA HIS A 113 -1.91 -8.86 -42.30
C HIS A 113 -1.49 -7.64 -43.11
N MET A 1 3.42 26.30 4.47
CA MET A 1 2.63 25.20 5.08
C MET A 1 1.70 25.72 6.16
N ALA A 2 0.65 26.42 5.75
CA ALA A 2 -0.32 26.97 6.68
C ALA A 2 -1.65 26.22 6.61
N PRO A 3 -2.30 26.00 7.76
CA PRO A 3 -3.58 25.28 7.81
C PRO A 3 -4.74 26.14 7.33
N ARG A 4 -4.78 27.39 7.76
CA ARG A 4 -5.84 28.31 7.37
C ARG A 4 -5.39 29.21 6.21
N GLY A 5 -6.29 30.06 5.76
CA GLY A 5 -5.97 30.96 4.66
C GLY A 5 -6.66 30.57 3.37
N ARG A 6 -6.88 29.27 3.20
CA ARG A 6 -7.52 28.76 1.99
C ARG A 6 -8.15 27.39 2.25
N TYR A 7 -8.66 26.77 1.20
CA TYR A 7 -9.29 25.46 1.31
C TYR A 7 -8.34 24.37 0.83
N GLY A 8 -7.89 23.53 1.75
CA GLY A 8 -6.98 22.45 1.40
C GLY A 8 -7.42 21.12 1.97
N PRO A 9 -7.93 20.20 1.12
CA PRO A 9 -8.37 18.87 1.58
C PRO A 9 -7.21 17.99 2.03
N PRO A 10 -7.13 17.70 3.34
CA PRO A 10 -6.05 16.86 3.89
C PRO A 10 -5.92 15.53 3.15
N SER A 11 -4.69 15.05 3.03
CA SER A 11 -4.42 13.78 2.35
C SER A 11 -4.89 13.83 0.90
N ARG A 12 -4.81 12.71 0.21
CA ARG A 12 -5.23 12.62 -1.19
C ARG A 12 -4.35 13.49 -2.06
N ARG A 13 -3.32 12.89 -2.65
CA ARG A 13 -2.38 13.62 -3.50
C ARG A 13 -1.89 12.75 -4.64
N SER A 14 -1.05 11.76 -4.31
CA SER A 14 -0.50 10.85 -5.31
C SER A 14 0.45 9.84 -4.67
N GLU A 15 1.28 9.20 -5.50
CA GLU A 15 2.25 8.21 -5.03
C GLU A 15 1.60 6.84 -4.84
N ASN A 16 0.27 6.78 -4.94
CA ASN A 16 -0.45 5.52 -4.78
C ASN A 16 -0.19 4.91 -3.40
N ARG A 17 -1.07 4.00 -2.99
CA ARG A 17 -0.95 3.34 -1.70
C ARG A 17 -1.41 1.88 -1.79
N VAL A 18 -0.57 0.97 -1.33
CA VAL A 18 -0.91 -0.45 -1.35
C VAL A 18 -1.29 -0.95 0.04
N VAL A 19 -1.89 -2.13 0.09
CA VAL A 19 -2.32 -2.72 1.36
C VAL A 19 -1.62 -4.05 1.59
N VAL A 20 -1.48 -4.43 2.86
CA VAL A 20 -0.84 -5.69 3.21
C VAL A 20 -1.77 -6.58 4.04
N SER A 21 -1.70 -7.88 3.82
CA SER A 21 -2.54 -8.83 4.54
C SER A 21 -1.78 -10.13 4.81
N GLY A 22 -1.89 -10.62 6.04
CA GLY A 22 -1.21 -11.85 6.41
C GLY A 22 0.11 -11.61 7.10
N LEU A 23 0.13 -10.59 7.97
CA LEU A 23 1.34 -10.26 8.71
C LEU A 23 1.42 -11.03 10.02
N PRO A 24 2.63 -11.15 10.60
CA PRO A 24 2.83 -11.86 11.86
C PRO A 24 2.16 -11.17 13.04
N PRO A 25 1.92 -11.90 14.14
CA PRO A 25 1.29 -11.34 15.33
C PRO A 25 2.19 -10.35 16.06
N SER A 26 3.45 -10.72 16.23
CA SER A 26 4.42 -9.87 16.91
C SER A 26 5.26 -9.09 15.91
N GLY A 27 4.59 -8.25 15.12
CA GLY A 27 5.28 -7.45 14.12
C GLY A 27 4.73 -6.05 14.01
N SER A 28 5.58 -5.11 13.59
CA SER A 28 5.16 -3.72 13.44
C SER A 28 5.41 -3.22 12.02
N TRP A 29 5.05 -1.97 11.76
CA TRP A 29 5.25 -1.38 10.44
C TRP A 29 6.72 -1.06 10.20
N GLN A 30 7.44 -0.72 11.26
CA GLN A 30 8.85 -0.39 11.16
C GLN A 30 9.64 -1.57 10.59
N ASP A 31 9.31 -2.77 11.05
CA ASP A 31 10.00 -3.97 10.59
C ASP A 31 9.55 -4.34 9.17
N LEU A 32 8.32 -4.00 8.84
CA LEU A 32 7.78 -4.29 7.52
C LEU A 32 8.49 -3.49 6.44
N LYS A 33 8.72 -2.20 6.73
CA LYS A 33 9.41 -1.32 5.78
C LYS A 33 10.74 -1.92 5.32
N ASP A 34 11.35 -2.70 6.19
CA ASP A 34 12.63 -3.34 5.87
C ASP A 34 12.46 -4.39 4.77
N HIS A 35 11.26 -4.96 4.69
CA HIS A 35 10.97 -5.98 3.69
C HIS A 35 10.45 -5.35 2.40
N MET A 36 9.73 -4.25 2.52
CA MET A 36 9.18 -3.56 1.36
C MET A 36 10.27 -2.82 0.60
N ARG A 37 11.29 -2.37 1.32
CA ARG A 37 12.40 -1.65 0.69
C ARG A 37 12.98 -2.43 -0.48
N GLU A 38 12.90 -3.76 -0.41
CA GLU A 38 13.41 -4.62 -1.46
C GLU A 38 12.89 -4.17 -2.82
N ALA A 39 11.73 -3.52 -2.82
CA ALA A 39 11.12 -3.03 -4.05
C ALA A 39 11.87 -1.82 -4.58
N GLY A 40 12.48 -1.08 -3.66
CA GLY A 40 13.22 0.11 -4.04
C GLY A 40 13.34 1.12 -2.91
N ASP A 41 12.22 1.73 -2.56
CA ASP A 41 12.20 2.72 -1.49
C ASP A 41 10.78 2.93 -0.96
N VAL A 42 10.66 2.98 0.35
CA VAL A 42 9.37 3.18 1.00
C VAL A 42 9.26 4.58 1.59
N CYS A 43 8.02 5.09 1.67
CA CYS A 43 7.78 6.41 2.21
C CYS A 43 7.05 6.35 3.54
N TYR A 44 6.19 5.35 3.69
CA TYR A 44 5.42 5.17 4.92
C TYR A 44 4.84 3.76 5.02
N ALA A 45 4.70 3.27 6.24
CA ALA A 45 4.17 1.94 6.48
C ALA A 45 3.29 1.93 7.73
N ASP A 46 2.38 0.96 7.80
CA ASP A 46 1.49 0.84 8.95
C ASP A 46 0.92 -0.57 9.06
N VAL A 47 0.61 -0.98 10.28
CA VAL A 47 0.06 -2.31 10.52
C VAL A 47 -1.10 -2.24 11.53
N TYR A 48 -2.32 -2.16 11.01
CA TYR A 48 -3.51 -2.08 11.85
C TYR A 48 -4.48 -3.22 11.53
N ARG A 49 -5.32 -3.55 12.52
CA ARG A 49 -6.32 -4.62 12.38
C ARG A 49 -5.81 -5.94 12.97
N ASP A 50 -4.56 -5.95 13.44
CA ASP A 50 -3.98 -7.15 14.03
C ASP A 50 -3.82 -8.25 12.99
N GLY A 51 -3.47 -7.85 11.77
CA GLY A 51 -3.29 -8.82 10.70
C GLY A 51 -2.87 -8.17 9.40
N THR A 52 -3.63 -7.17 8.97
CA THR A 52 -3.32 -6.46 7.73
C THR A 52 -2.56 -5.17 8.01
N GLY A 53 -1.95 -4.61 6.98
CA GLY A 53 -1.21 -3.38 7.13
C GLY A 53 -1.32 -2.48 5.93
N VAL A 54 -0.28 -1.69 5.67
CA VAL A 54 -0.28 -0.77 4.53
C VAL A 54 1.11 -0.19 4.31
N VAL A 55 1.34 0.31 3.11
CA VAL A 55 2.63 0.89 2.75
C VAL A 55 2.47 1.96 1.67
N GLU A 56 3.35 2.95 1.68
CA GLU A 56 3.31 4.03 0.71
C GLU A 56 4.68 4.21 0.05
N PHE A 57 4.78 3.83 -1.22
CA PHE A 57 6.03 3.95 -1.96
C PHE A 57 6.18 5.35 -2.56
N VAL A 58 7.32 5.58 -3.20
CA VAL A 58 7.59 6.87 -3.82
C VAL A 58 7.10 6.91 -5.27
N ARG A 59 7.80 6.18 -6.14
CA ARG A 59 7.44 6.13 -7.55
C ARG A 59 6.54 4.94 -7.86
N LYS A 60 5.90 4.97 -9.02
CA LYS A 60 5.01 3.88 -9.43
C LYS A 60 5.81 2.64 -9.82
N GLU A 61 7.02 2.86 -10.34
CA GLU A 61 7.87 1.75 -10.76
C GLU A 61 8.19 0.83 -9.58
N ASP A 62 8.64 1.43 -8.47
CA ASP A 62 8.97 0.66 -7.28
C ASP A 62 7.71 0.12 -6.61
N MET A 63 6.61 0.84 -6.78
CA MET A 63 5.33 0.43 -6.20
C MET A 63 4.78 -0.79 -6.95
N THR A 64 4.48 -0.60 -8.23
CA THR A 64 3.95 -1.67 -9.06
C THR A 64 4.83 -2.92 -8.94
N TYR A 65 6.12 -2.71 -8.77
CA TYR A 65 7.06 -3.81 -8.63
C TYR A 65 6.79 -4.58 -7.35
N ALA A 66 6.58 -3.85 -6.26
CA ALA A 66 6.31 -4.46 -4.97
C ALA A 66 5.11 -5.40 -5.03
N VAL A 67 4.03 -4.94 -5.64
CA VAL A 67 2.82 -5.74 -5.76
C VAL A 67 3.06 -6.93 -6.68
N ARG A 68 4.06 -6.82 -7.54
CA ARG A 68 4.42 -7.88 -8.47
C ARG A 68 5.37 -8.86 -7.82
N LYS A 69 6.58 -8.39 -7.55
CA LYS A 69 7.62 -9.21 -6.94
C LYS A 69 7.35 -9.41 -5.44
N LEU A 70 7.16 -8.31 -4.72
CA LEU A 70 6.90 -8.37 -3.29
C LEU A 70 5.44 -8.73 -3.01
N ASP A 71 5.02 -9.90 -3.49
CA ASP A 71 3.65 -10.35 -3.29
C ASP A 71 3.62 -11.77 -2.74
N ASN A 72 2.68 -12.03 -1.83
CA ASN A 72 2.54 -13.35 -1.21
C ASN A 72 3.91 -13.92 -0.81
N THR A 73 4.82 -13.03 -0.43
CA THR A 73 6.16 -13.45 -0.02
C THR A 73 6.17 -13.88 1.44
N LYS A 74 7.35 -14.25 1.92
CA LYS A 74 7.50 -14.69 3.30
C LYS A 74 8.17 -13.61 4.14
N PHE A 75 7.36 -12.89 4.92
CA PHE A 75 7.87 -11.83 5.78
C PHE A 75 8.63 -12.40 6.97
N ARG A 76 9.70 -11.72 7.37
CA ARG A 76 10.51 -12.17 8.50
C ARG A 76 10.63 -11.07 9.55
N SER A 77 9.95 -11.26 10.68
CA SER A 77 9.98 -10.29 11.77
C SER A 77 11.26 -10.44 12.58
N HIS A 78 11.58 -9.39 13.34
CA HIS A 78 12.78 -9.40 14.18
C HIS A 78 12.59 -10.30 15.40
N GLU A 79 11.38 -10.80 15.59
CA GLU A 79 11.09 -11.68 16.72
C GLU A 79 11.19 -13.15 16.32
N GLY A 80 11.88 -13.42 15.21
CA GLY A 80 12.02 -14.78 14.74
C GLY A 80 10.71 -15.39 14.30
N GLU A 81 9.80 -14.54 13.83
CA GLU A 81 8.50 -15.00 13.36
C GLU A 81 8.32 -14.73 11.87
N THR A 82 7.94 -15.76 11.13
CA THR A 82 7.72 -15.62 9.69
C THR A 82 6.26 -15.78 9.34
N ALA A 83 5.88 -15.27 8.16
CA ALA A 83 4.49 -15.35 7.71
C ALA A 83 4.37 -14.94 6.24
N TYR A 84 3.19 -15.13 5.67
CA TYR A 84 2.94 -14.78 4.28
C TYR A 84 2.10 -13.51 4.19
N ILE A 85 2.64 -12.48 3.55
CA ILE A 85 1.94 -11.22 3.39
C ILE A 85 1.47 -11.02 1.95
N ARG A 86 0.32 -10.36 1.79
CA ARG A 86 -0.23 -10.12 0.46
C ARG A 86 -0.29 -8.62 0.17
N VAL A 87 0.41 -8.20 -0.87
CA VAL A 87 0.44 -6.79 -1.27
C VAL A 87 -0.53 -6.53 -2.41
N LYS A 88 -1.17 -5.36 -2.39
CA LYS A 88 -2.13 -4.99 -3.42
C LYS A 88 -2.16 -3.48 -3.63
N VAL A 89 -2.30 -3.06 -4.87
CA VAL A 89 -2.35 -1.64 -5.21
C VAL A 89 -3.68 -1.04 -4.80
N ASP A 90 -3.62 -0.06 -3.89
CA ASP A 90 -4.82 0.62 -3.41
C ASP A 90 -4.79 2.10 -3.78
N GLY A 91 -5.08 2.40 -5.04
CA GLY A 91 -5.08 3.79 -5.49
C GLY A 91 -6.38 4.18 -6.16
N PRO A 92 -7.29 4.84 -5.42
CA PRO A 92 -8.58 5.27 -5.97
C PRO A 92 -8.42 6.08 -7.25
N ARG A 93 -7.25 6.70 -7.41
CA ARG A 93 -6.97 7.51 -8.59
C ARG A 93 -7.89 8.73 -8.65
N SER A 94 -7.80 9.48 -9.74
CA SER A 94 -8.60 10.68 -9.92
C SER A 94 -8.33 11.69 -8.80
N PRO A 95 -7.10 12.22 -8.73
CA PRO A 95 -6.70 13.19 -7.71
C PRO A 95 -7.20 14.60 -8.02
N SER A 96 -8.51 14.73 -8.16
CA SER A 96 -9.12 16.03 -8.45
C SER A 96 -10.63 15.93 -8.53
N TYR A 97 -11.31 16.90 -7.93
CA TYR A 97 -12.77 16.94 -7.93
C TYR A 97 -13.28 18.38 -7.93
N GLY A 98 -12.98 19.11 -6.87
CA GLY A 98 -13.40 20.51 -6.77
C GLY A 98 -14.80 20.75 -7.28
N ARG A 99 -14.88 21.19 -8.53
CA ARG A 99 -16.18 21.47 -9.17
C ARG A 99 -16.87 22.68 -8.54
N SER A 100 -16.12 23.43 -7.74
CA SER A 100 -16.66 24.62 -7.08
C SER A 100 -18.00 24.33 -6.41
N ARG A 101 -18.65 25.38 -5.94
CA ARG A 101 -19.95 25.24 -5.27
C ARG A 101 -20.97 24.62 -6.21
N SER A 102 -21.08 23.30 -6.16
CA SER A 102 -22.03 22.58 -7.00
C SER A 102 -21.97 21.08 -6.74
N ARG A 103 -20.77 20.51 -6.83
CA ARG A 103 -20.57 19.09 -6.59
C ARG A 103 -21.32 18.24 -7.62
N SER A 104 -21.79 18.87 -8.70
CA SER A 104 -22.52 18.17 -9.75
C SER A 104 -23.57 17.22 -9.17
N ARG A 105 -23.17 15.97 -8.91
CA ARG A 105 -24.07 14.97 -8.37
C ARG A 105 -23.31 13.91 -7.60
N SER A 106 -24.01 13.17 -6.74
CA SER A 106 -23.39 12.13 -5.95
C SER A 106 -24.10 10.79 -6.14
N ARG A 107 -23.41 9.71 -5.83
CA ARG A 107 -23.98 8.37 -5.96
C ARG A 107 -24.69 7.94 -4.68
N SER A 108 -23.90 7.72 -3.63
CA SER A 108 -24.44 7.30 -2.34
C SER A 108 -24.06 8.30 -1.25
N ARG A 109 -24.23 7.89 0.01
CA ARG A 109 -23.88 8.75 1.14
C ARG A 109 -24.82 9.95 1.21
N SER A 110 -26.12 9.69 1.07
CA SER A 110 -27.12 10.75 1.12
C SER A 110 -28.53 10.17 1.15
N LEU A 111 -29.17 10.26 2.30
CA LEU A 111 -30.53 9.74 2.46
C LEU A 111 -31.27 10.49 3.57
N GLU A 112 -31.27 11.82 3.50
CA GLU A 112 -31.93 12.64 4.49
C GLU A 112 -33.03 13.49 3.86
N HIS A 113 -34.24 12.96 3.84
CA HIS A 113 -35.38 13.67 3.26
C HIS A 113 -35.16 13.93 1.78
N MET A 1 -11.40 22.98 -20.27
CA MET A 1 -10.30 22.49 -19.39
C MET A 1 -8.95 23.02 -19.85
N ALA A 2 -8.15 23.47 -18.89
CA ALA A 2 -6.83 24.01 -19.19
C ALA A 2 -5.78 23.46 -18.23
N PRO A 3 -4.63 23.00 -18.75
CA PRO A 3 -3.55 22.44 -17.92
C PRO A 3 -2.78 23.53 -17.17
N ARG A 4 -3.14 23.72 -15.91
CA ARG A 4 -2.49 24.72 -15.08
C ARG A 4 -1.51 24.08 -14.09
N GLY A 5 -0.24 24.05 -14.46
CA GLY A 5 0.77 23.45 -13.61
C GLY A 5 2.05 24.26 -13.56
N ARG A 6 2.00 25.49 -14.08
CA ARG A 6 3.17 26.36 -14.08
C ARG A 6 4.35 25.70 -14.78
N TYR A 7 4.07 24.73 -15.63
CA TYR A 7 5.11 24.01 -16.36
C TYR A 7 6.09 23.33 -15.40
N GLY A 8 6.83 22.37 -15.91
CA GLY A 8 7.80 21.66 -15.09
C GLY A 8 7.17 21.05 -13.85
N PRO A 9 7.99 20.60 -12.88
CA PRO A 9 7.48 19.99 -11.64
C PRO A 9 6.87 21.04 -10.71
N PRO A 10 5.53 21.01 -10.53
CA PRO A 10 4.84 21.96 -9.66
C PRO A 10 5.12 21.71 -8.18
N SER A 11 4.56 20.64 -7.63
CA SER A 11 4.75 20.28 -6.23
C SER A 11 3.72 19.24 -5.79
N ARG A 12 4.10 18.44 -4.80
CA ARG A 12 3.21 17.40 -4.28
C ARG A 12 3.14 16.22 -5.23
N ARG A 13 3.23 15.01 -4.69
CA ARG A 13 3.19 13.80 -5.49
C ARG A 13 3.03 12.57 -4.60
N SER A 14 1.98 11.80 -4.85
CA SER A 14 1.71 10.59 -4.07
C SER A 14 0.71 9.70 -4.79
N GLU A 15 -0.11 8.97 -4.02
CA GLU A 15 -1.11 8.06 -4.59
C GLU A 15 -0.46 6.78 -5.09
N ASN A 16 0.23 6.09 -4.19
CA ASN A 16 0.90 4.84 -4.54
C ASN A 16 0.97 3.90 -3.33
N ARG A 17 -0.13 3.84 -2.58
CA ARG A 17 -0.19 2.99 -1.39
C ARG A 17 -0.61 1.57 -1.74
N VAL A 18 -0.26 0.62 -0.88
CA VAL A 18 -0.60 -0.78 -1.10
C VAL A 18 -1.17 -1.39 0.18
N VAL A 19 -1.80 -2.55 0.05
CA VAL A 19 -2.39 -3.23 1.19
C VAL A 19 -1.72 -4.58 1.44
N VAL A 20 -1.65 -4.97 2.71
CA VAL A 20 -1.03 -6.24 3.08
C VAL A 20 -2.01 -7.11 3.86
N SER A 21 -1.96 -8.42 3.61
CA SER A 21 -2.84 -9.35 4.30
C SER A 21 -2.09 -10.64 4.65
N GLY A 22 -2.47 -11.24 5.78
CA GLY A 22 -1.83 -12.46 6.23
C GLY A 22 -0.52 -12.19 6.93
N LEU A 23 -0.34 -10.97 7.42
CA LEU A 23 0.88 -10.58 8.12
C LEU A 23 0.68 -10.66 9.63
N PRO A 24 1.75 -10.98 10.37
CA PRO A 24 1.69 -11.08 11.83
C PRO A 24 1.35 -9.74 12.50
N PRO A 25 0.32 -9.73 13.36
CA PRO A 25 -0.08 -8.50 14.06
C PRO A 25 0.96 -8.01 15.05
N SER A 26 1.82 -8.91 15.49
CA SER A 26 2.88 -8.58 16.44
C SER A 26 4.19 -8.27 15.71
N GLY A 27 4.09 -7.50 14.62
CA GLY A 27 5.27 -7.16 13.85
C GLY A 27 5.65 -5.70 14.03
N SER A 28 6.55 -5.22 13.17
CA SER A 28 7.00 -3.83 13.23
C SER A 28 6.86 -3.15 11.88
N TRP A 29 6.55 -1.86 11.90
CA TRP A 29 6.40 -1.10 10.66
C TRP A 29 7.76 -0.81 10.03
N GLN A 30 8.70 -0.36 10.84
CA GLN A 30 10.05 -0.05 10.36
C GLN A 30 10.71 -1.29 9.76
N ASP A 31 10.38 -2.46 10.31
CA ASP A 31 10.94 -3.71 9.82
C ASP A 31 10.26 -4.15 8.54
N LEU A 32 8.96 -3.89 8.43
CA LEU A 32 8.20 -4.26 7.25
C LEU A 32 8.74 -3.55 6.01
N LYS A 33 9.17 -2.30 6.18
CA LYS A 33 9.72 -1.54 5.06
C LYS A 33 11.03 -2.15 4.59
N ASP A 34 11.84 -2.60 5.54
CA ASP A 34 13.13 -3.21 5.24
C ASP A 34 12.95 -4.53 4.50
N HIS A 35 11.82 -5.17 4.72
CA HIS A 35 11.53 -6.46 4.09
C HIS A 35 10.88 -6.27 2.72
N MET A 36 10.29 -5.10 2.49
CA MET A 36 9.64 -4.82 1.22
C MET A 36 10.38 -3.74 0.42
N ARG A 37 11.44 -3.18 0.99
CA ARG A 37 12.20 -2.14 0.32
C ARG A 37 12.78 -2.65 -1.00
N GLU A 38 12.88 -3.96 -1.14
CA GLU A 38 13.41 -4.56 -2.36
C GLU A 38 12.72 -3.99 -3.60
N ALA A 39 11.50 -3.51 -3.42
CA ALA A 39 10.73 -2.93 -4.52
C ALA A 39 11.36 -1.62 -4.97
N GLY A 40 12.06 -0.96 -4.06
CA GLY A 40 12.70 0.30 -4.37
C GLY A 40 12.94 1.15 -3.13
N ASP A 41 12.30 2.32 -3.08
CA ASP A 41 12.44 3.22 -1.94
C ASP A 41 11.11 3.44 -1.26
N VAL A 42 10.99 2.93 -0.04
CA VAL A 42 9.78 3.06 0.74
C VAL A 42 9.74 4.42 1.45
N CYS A 43 8.53 4.92 1.70
CA CYS A 43 8.35 6.20 2.37
C CYS A 43 7.57 6.03 3.67
N TYR A 44 6.55 5.18 3.64
CA TYR A 44 5.72 4.93 4.81
C TYR A 44 5.25 3.48 4.85
N ALA A 45 5.07 2.96 6.07
CA ALA A 45 4.63 1.59 6.24
C ALA A 45 3.89 1.43 7.58
N ASP A 46 2.82 0.66 7.56
CA ASP A 46 2.03 0.42 8.76
C ASP A 46 1.51 -1.01 8.80
N VAL A 47 1.57 -1.63 9.98
CA VAL A 47 1.11 -3.00 10.14
C VAL A 47 -0.06 -3.07 11.12
N TYR A 48 -1.21 -3.52 10.63
CA TYR A 48 -2.40 -3.65 11.46
C TYR A 48 -2.24 -4.76 12.48
N ARG A 49 -2.98 -4.65 13.58
CA ARG A 49 -2.92 -5.64 14.65
C ARG A 49 -3.98 -6.74 14.45
N ASP A 50 -4.51 -6.83 13.23
CA ASP A 50 -5.52 -7.83 12.92
C ASP A 50 -4.97 -8.90 11.99
N GLY A 51 -4.01 -8.51 11.16
CA GLY A 51 -3.41 -9.46 10.23
C GLY A 51 -3.02 -8.80 8.92
N THR A 52 -3.56 -7.62 8.65
CA THR A 52 -3.25 -6.91 7.41
C THR A 52 -2.20 -5.83 7.64
N GLY A 53 -1.87 -5.11 6.58
CA GLY A 53 -0.88 -4.05 6.67
C GLY A 53 -1.02 -3.02 5.56
N VAL A 54 -0.10 -2.07 5.52
CA VAL A 54 -0.14 -1.02 4.50
C VAL A 54 1.26 -0.47 4.25
N VAL A 55 1.51 -0.02 3.02
CA VAL A 55 2.81 0.54 2.66
C VAL A 55 2.67 1.60 1.56
N GLU A 56 3.53 2.60 1.60
CA GLU A 56 3.51 3.68 0.62
C GLU A 56 4.91 3.93 0.06
N PHE A 57 5.01 3.99 -1.26
CA PHE A 57 6.29 4.23 -1.92
C PHE A 57 6.38 5.66 -2.44
N VAL A 58 7.57 6.05 -2.89
CA VAL A 58 7.80 7.39 -3.41
C VAL A 58 7.08 7.57 -4.75
N ARG A 59 7.59 6.91 -5.78
CA ARG A 59 7.01 7.01 -7.11
C ARG A 59 6.07 5.84 -7.38
N LYS A 60 5.12 6.04 -8.28
CA LYS A 60 4.15 4.99 -8.63
C LYS A 60 4.86 3.75 -9.15
N GLU A 61 6.03 3.95 -9.74
CA GLU A 61 6.82 2.84 -10.28
C GLU A 61 7.25 1.90 -9.16
N ASP A 62 7.48 2.45 -7.97
CA ASP A 62 7.90 1.66 -6.83
C ASP A 62 6.74 0.82 -6.29
N MET A 63 5.54 1.37 -6.36
CA MET A 63 4.35 0.67 -5.89
C MET A 63 4.03 -0.52 -6.78
N THR A 64 3.73 -0.24 -8.04
CA THR A 64 3.41 -1.30 -9.01
C THR A 64 4.51 -2.35 -9.04
N TYR A 65 5.75 -1.90 -8.91
CA TYR A 65 6.89 -2.81 -8.93
C TYR A 65 6.82 -3.80 -7.78
N ALA A 66 6.48 -3.30 -6.60
CA ALA A 66 6.38 -4.14 -5.41
C ALA A 66 5.33 -5.23 -5.58
N VAL A 67 4.18 -4.86 -6.12
CA VAL A 67 3.10 -5.82 -6.33
C VAL A 67 3.46 -6.78 -7.46
N ARG A 68 4.29 -6.31 -8.38
CA ARG A 68 4.72 -7.11 -9.51
C ARG A 68 5.80 -8.11 -9.09
N LYS A 69 6.84 -7.59 -8.47
CA LYS A 69 7.96 -8.42 -8.01
C LYS A 69 7.59 -9.19 -6.75
N LEU A 70 7.37 -8.47 -5.65
CA LEU A 70 7.03 -9.11 -4.38
C LEU A 70 5.68 -9.83 -4.49
N ASP A 71 4.69 -9.43 -3.70
CA ASP A 71 3.38 -10.07 -3.73
C ASP A 71 3.48 -11.53 -3.33
N ASN A 72 2.88 -11.87 -2.19
CA ASN A 72 2.90 -13.24 -1.68
C ASN A 72 4.32 -13.65 -1.32
N THR A 73 4.83 -13.11 -0.22
CA THR A 73 6.18 -13.43 0.23
C THR A 73 6.19 -13.76 1.73
N LYS A 74 7.39 -14.00 2.27
CA LYS A 74 7.52 -14.33 3.68
C LYS A 74 8.06 -13.13 4.47
N PHE A 75 7.52 -12.94 5.66
CA PHE A 75 7.93 -11.83 6.51
C PHE A 75 8.32 -12.33 7.90
N ARG A 76 9.08 -11.51 8.63
CA ARG A 76 9.53 -11.88 9.97
C ARG A 76 9.49 -10.68 10.91
N SER A 77 9.24 -10.94 12.19
CA SER A 77 9.17 -9.88 13.19
C SER A 77 10.38 -9.95 14.12
N HIS A 78 10.70 -8.82 14.76
CA HIS A 78 11.82 -8.75 15.69
C HIS A 78 11.67 -9.80 16.79
N GLU A 79 10.45 -10.27 17.00
CA GLU A 79 10.17 -11.27 18.02
C GLU A 79 10.56 -12.67 17.55
N GLY A 80 10.61 -12.85 16.23
CA GLY A 80 10.96 -14.15 15.69
C GLY A 80 9.76 -14.90 15.15
N GLU A 81 8.76 -14.16 14.69
CA GLU A 81 7.55 -14.76 14.15
C GLU A 81 7.49 -14.58 12.64
N THR A 82 7.40 -15.70 11.91
CA THR A 82 7.34 -15.66 10.46
C THR A 82 5.91 -15.88 9.96
N ALA A 83 5.62 -15.42 8.76
CA ALA A 83 4.28 -15.56 8.19
C ALA A 83 4.28 -15.23 6.70
N TYR A 84 3.16 -15.49 6.04
CA TYR A 84 3.02 -15.21 4.61
C TYR A 84 2.09 -14.02 4.40
N ILE A 85 2.61 -12.99 3.75
CA ILE A 85 1.83 -11.78 3.51
C ILE A 85 1.31 -11.72 2.07
N ARG A 86 0.41 -10.79 1.81
CA ARG A 86 -0.18 -10.61 0.50
C ARG A 86 -0.29 -9.13 0.15
N VAL A 87 0.54 -8.68 -0.78
CA VAL A 87 0.55 -7.28 -1.19
C VAL A 87 -0.48 -7.02 -2.28
N LYS A 88 -0.96 -5.78 -2.34
CA LYS A 88 -1.95 -5.38 -3.33
C LYS A 88 -1.97 -3.86 -3.49
N VAL A 89 -2.70 -3.39 -4.50
CA VAL A 89 -2.80 -1.97 -4.76
C VAL A 89 -3.94 -1.34 -3.95
N ASP A 90 -3.60 -0.34 -3.15
CA ASP A 90 -4.58 0.34 -2.32
C ASP A 90 -5.80 0.75 -3.14
N GLY A 91 -5.56 1.12 -4.39
CA GLY A 91 -6.65 1.54 -5.26
C GLY A 91 -6.87 0.58 -6.42
N PRO A 92 -7.58 -0.55 -6.19
CA PRO A 92 -7.85 -1.53 -7.23
C PRO A 92 -8.44 -0.89 -8.48
N ARG A 93 -9.52 -0.14 -8.32
CA ARG A 93 -10.17 0.53 -9.43
C ARG A 93 -9.62 1.94 -9.62
N SER A 94 -8.81 2.12 -10.66
CA SER A 94 -8.22 3.41 -10.95
C SER A 94 -7.38 3.35 -12.22
N PRO A 95 -6.38 2.46 -12.27
CA PRO A 95 -5.51 2.31 -13.45
C PRO A 95 -6.31 2.17 -14.74
N SER A 96 -5.71 2.59 -15.85
CA SER A 96 -6.36 2.52 -17.16
C SER A 96 -7.50 3.52 -17.25
N TYR A 97 -8.53 3.34 -16.41
CA TYR A 97 -9.68 4.23 -16.40
C TYR A 97 -9.26 5.68 -16.23
N GLY A 98 -10.23 6.59 -16.22
CA GLY A 98 -9.94 8.00 -16.07
C GLY A 98 -11.01 8.73 -15.27
N ARG A 99 -12.17 8.93 -15.90
CA ARG A 99 -13.28 9.62 -15.25
C ARG A 99 -14.52 9.64 -16.15
N SER A 100 -14.30 9.84 -17.44
CA SER A 100 -15.40 9.87 -18.40
C SER A 100 -14.96 9.33 -19.75
N ARG A 101 -15.31 8.07 -20.02
CA ARG A 101 -14.95 7.43 -21.28
C ARG A 101 -16.19 7.02 -22.06
N SER A 102 -17.27 7.79 -21.90
CA SER A 102 -18.52 7.51 -22.58
C SER A 102 -18.70 8.43 -23.79
N ARG A 103 -18.17 7.99 -24.93
CA ARG A 103 -18.26 8.78 -26.16
C ARG A 103 -19.43 8.31 -27.02
N SER A 104 -20.53 9.04 -26.96
CA SER A 104 -21.73 8.71 -27.74
C SER A 104 -22.31 7.38 -27.30
N ARG A 105 -21.66 6.29 -27.71
CA ARG A 105 -22.14 4.95 -27.36
C ARG A 105 -22.34 4.82 -25.85
N SER A 106 -21.25 4.60 -25.12
CA SER A 106 -21.32 4.46 -23.67
C SER A 106 -22.13 3.24 -23.27
N ARG A 107 -23.45 3.35 -23.33
CA ARG A 107 -24.33 2.25 -22.97
C ARG A 107 -25.78 2.61 -23.28
N SER A 108 -26.57 1.60 -23.67
CA SER A 108 -27.97 1.81 -24.00
C SER A 108 -28.69 2.56 -22.87
N ARG A 109 -28.83 3.86 -23.02
CA ARG A 109 -29.49 4.70 -22.03
C ARG A 109 -30.88 4.16 -21.70
N SER A 110 -31.25 4.22 -20.42
CA SER A 110 -32.56 3.75 -19.99
C SER A 110 -33.60 4.86 -20.04
N LEU A 111 -34.51 4.77 -21.01
CA LEU A 111 -35.55 5.77 -21.17
C LEU A 111 -36.93 5.15 -20.93
N GLU A 112 -37.97 5.94 -21.20
CA GLU A 112 -39.34 5.48 -21.01
C GLU A 112 -39.65 5.24 -19.53
N HIS A 113 -39.27 6.19 -18.69
CA HIS A 113 -39.50 6.08 -17.26
C HIS A 113 -39.12 7.38 -16.55
N MET A 1 -11.92 27.61 -3.67
CA MET A 1 -11.57 28.72 -4.61
C MET A 1 -10.05 28.89 -4.70
N ALA A 2 -9.32 27.81 -4.46
CA ALA A 2 -7.86 27.85 -4.52
C ALA A 2 -7.27 26.47 -4.26
N PRO A 3 -7.51 25.90 -3.06
CA PRO A 3 -7.00 24.57 -2.70
C PRO A 3 -7.63 23.46 -3.53
N ARG A 4 -8.87 23.66 -3.95
CA ARG A 4 -9.59 22.68 -4.74
C ARG A 4 -9.52 23.02 -6.22
N GLY A 5 -9.81 22.03 -7.07
CA GLY A 5 -9.78 22.25 -8.49
C GLY A 5 -11.14 22.56 -9.08
N ARG A 6 -12.19 22.11 -8.39
CA ARG A 6 -13.56 22.35 -8.84
C ARG A 6 -13.80 21.70 -10.20
N TYR A 7 -14.27 20.46 -10.19
CA TYR A 7 -14.53 19.73 -11.43
C TYR A 7 -15.06 18.33 -11.14
N GLY A 8 -14.16 17.45 -10.71
CA GLY A 8 -14.56 16.09 -10.40
C GLY A 8 -13.66 15.06 -11.05
N PRO A 9 -13.83 14.80 -12.36
CA PRO A 9 -13.03 13.83 -13.11
C PRO A 9 -11.56 13.82 -12.69
N PRO A 10 -10.91 15.00 -12.62
CA PRO A 10 -9.50 15.09 -12.22
C PRO A 10 -9.23 14.44 -10.87
N SER A 11 -8.93 13.14 -10.90
CA SER A 11 -8.66 12.40 -9.68
C SER A 11 -7.33 11.65 -9.79
N ARG A 12 -6.33 12.09 -9.03
CA ARG A 12 -5.02 11.46 -9.05
C ARG A 12 -4.39 11.47 -7.66
N ARG A 13 -5.23 11.45 -6.63
CA ARG A 13 -4.76 11.45 -5.25
C ARG A 13 -4.01 10.16 -4.93
N SER A 14 -3.22 10.19 -3.85
CA SER A 14 -2.45 9.03 -3.44
C SER A 14 -1.46 8.62 -4.54
N GLU A 15 -0.21 9.00 -4.36
CA GLU A 15 0.83 8.68 -5.33
C GLU A 15 0.92 7.17 -5.56
N ASN A 16 0.83 6.42 -4.47
CA ASN A 16 0.91 4.96 -4.54
C ASN A 16 0.65 4.33 -3.17
N ARG A 17 -0.60 3.95 -2.92
CA ARG A 17 -0.98 3.34 -1.66
C ARG A 17 -1.20 1.84 -1.84
N VAL A 18 -0.42 1.03 -1.12
CA VAL A 18 -0.53 -0.41 -1.20
C VAL A 18 -1.15 -0.99 0.06
N VAL A 19 -1.62 -2.22 -0.04
CA VAL A 19 -2.24 -2.90 1.10
C VAL A 19 -1.62 -4.27 1.32
N VAL A 20 -1.46 -4.65 2.59
CA VAL A 20 -0.88 -5.94 2.95
C VAL A 20 -1.86 -6.76 3.77
N SER A 21 -1.77 -8.08 3.63
CA SER A 21 -2.65 -8.99 4.37
C SER A 21 -1.89 -10.21 4.87
N GLY A 22 -1.94 -10.43 6.19
CA GLY A 22 -1.25 -11.56 6.78
C GLY A 22 -0.03 -11.15 7.57
N LEU A 23 -0.15 -10.05 8.31
CA LEU A 23 0.96 -9.56 9.12
C LEU A 23 1.05 -10.30 10.45
N PRO A 24 2.28 -10.56 10.93
CA PRO A 24 2.49 -11.28 12.19
C PRO A 24 2.23 -10.39 13.40
N PRO A 25 2.17 -10.99 14.61
CA PRO A 25 1.92 -10.25 15.85
C PRO A 25 3.12 -9.41 16.27
N SER A 26 4.30 -9.99 16.16
CA SER A 26 5.54 -9.29 16.52
C SER A 26 6.20 -8.68 15.30
N GLY A 27 5.69 -7.54 14.85
CA GLY A 27 6.24 -6.88 13.68
C GLY A 27 5.48 -5.62 13.32
N SER A 28 5.98 -4.48 13.76
CA SER A 28 5.34 -3.20 13.46
C SER A 28 5.53 -2.82 12.00
N TRP A 29 5.05 -1.63 11.63
CA TRP A 29 5.16 -1.16 10.26
C TRP A 29 6.63 -0.95 9.87
N GLN A 30 7.40 -0.39 10.80
CA GLN A 30 8.82 -0.14 10.56
C GLN A 30 9.56 -1.43 10.23
N ASP A 31 9.11 -2.53 10.83
CA ASP A 31 9.73 -3.83 10.61
C ASP A 31 9.31 -4.41 9.26
N LEU A 32 8.06 -4.19 8.88
CA LEU A 32 7.54 -4.69 7.61
C LEU A 32 8.10 -3.88 6.45
N LYS A 33 8.12 -2.57 6.58
CA LYS A 33 8.63 -1.68 5.54
C LYS A 33 10.10 -2.00 5.23
N ASP A 34 10.92 -2.07 6.28
CA ASP A 34 12.34 -2.35 6.14
C ASP A 34 12.57 -3.71 5.48
N HIS A 35 11.63 -4.62 5.65
CA HIS A 35 11.75 -5.97 5.09
C HIS A 35 11.04 -6.07 3.74
N MET A 36 10.06 -5.21 3.50
CA MET A 36 9.32 -5.24 2.24
C MET A 36 9.80 -4.14 1.29
N ARG A 37 10.86 -3.45 1.67
CA ARG A 37 11.42 -2.38 0.84
C ARG A 37 12.25 -2.94 -0.32
N GLU A 38 12.24 -4.27 -0.49
CA GLU A 38 12.99 -4.91 -1.57
C GLU A 38 12.68 -4.26 -2.92
N ALA A 39 11.49 -3.66 -3.02
CA ALA A 39 11.09 -3.00 -4.26
C ALA A 39 11.97 -1.79 -4.54
N GLY A 40 12.50 -1.21 -3.48
CA GLY A 40 13.36 -0.05 -3.61
C GLY A 40 13.46 0.75 -2.33
N ASP A 41 12.62 1.78 -2.22
CA ASP A 41 12.61 2.62 -1.03
C ASP A 41 11.19 2.82 -0.51
N VAL A 42 11.06 2.86 0.81
CA VAL A 42 9.77 3.03 1.44
C VAL A 42 9.73 4.33 2.26
N CYS A 43 8.72 5.14 2.04
CA CYS A 43 8.58 6.41 2.74
C CYS A 43 7.52 6.32 3.85
N TYR A 44 6.56 5.42 3.68
CA TYR A 44 5.50 5.25 4.67
C TYR A 44 5.10 3.79 4.83
N ALA A 45 4.60 3.44 6.01
CA ALA A 45 4.18 2.08 6.30
C ALA A 45 3.27 2.04 7.53
N ASP A 46 2.26 1.17 7.49
CA ASP A 46 1.33 1.03 8.60
C ASP A 46 0.81 -0.41 8.69
N VAL A 47 0.54 -0.86 9.92
CA VAL A 47 0.06 -2.21 10.14
C VAL A 47 -1.14 -2.20 11.09
N TYR A 48 -2.19 -2.94 10.72
CA TYR A 48 -3.39 -3.03 11.55
C TYR A 48 -3.45 -4.35 12.28
N ARG A 49 -4.03 -4.34 13.47
CA ARG A 49 -4.16 -5.54 14.28
C ARG A 49 -5.16 -6.53 13.67
N ASP A 50 -5.99 -6.03 12.76
CA ASP A 50 -7.00 -6.87 12.11
C ASP A 50 -6.32 -7.97 11.29
N GLY A 51 -5.14 -7.68 10.77
CA GLY A 51 -4.42 -8.65 9.98
C GLY A 51 -3.84 -8.07 8.70
N THR A 52 -4.35 -6.91 8.29
CA THR A 52 -3.88 -6.25 7.07
C THR A 52 -3.07 -5.00 7.41
N GLY A 53 -2.41 -4.45 6.40
CA GLY A 53 -1.61 -3.25 6.60
C GLY A 53 -1.60 -2.34 5.39
N VAL A 54 -0.70 -1.37 5.39
CA VAL A 54 -0.60 -0.44 4.27
C VAL A 54 0.81 0.15 4.17
N VAL A 55 1.19 0.58 2.97
CA VAL A 55 2.51 1.17 2.76
C VAL A 55 2.50 2.13 1.58
N GLU A 56 3.25 3.22 1.71
CA GLU A 56 3.33 4.22 0.66
C GLU A 56 4.77 4.41 0.20
N PHE A 57 5.05 4.02 -1.04
CA PHE A 57 6.38 4.14 -1.60
C PHE A 57 6.65 5.56 -2.10
N VAL A 58 7.92 5.93 -2.16
CA VAL A 58 8.30 7.25 -2.62
C VAL A 58 8.16 7.36 -4.13
N ARG A 59 8.26 6.22 -4.81
CA ARG A 59 8.13 6.17 -6.28
C ARG A 59 7.03 5.20 -6.68
N LYS A 60 6.37 5.49 -7.80
CA LYS A 60 5.31 4.63 -8.30
C LYS A 60 5.86 3.29 -8.79
N GLU A 61 7.04 3.34 -9.39
CA GLU A 61 7.68 2.12 -9.92
C GLU A 61 7.92 1.12 -8.80
N ASP A 62 8.19 1.62 -7.60
CA ASP A 62 8.44 0.76 -6.45
C ASP A 62 7.16 0.08 -5.98
N MET A 63 6.04 0.77 -6.16
CA MET A 63 4.74 0.25 -5.74
C MET A 63 4.32 -0.95 -6.60
N THR A 64 4.08 -0.68 -7.88
CA THR A 64 3.67 -1.73 -8.81
C THR A 64 4.69 -2.87 -8.84
N TYR A 65 5.95 -2.52 -8.68
CA TYR A 65 7.03 -3.50 -8.69
C TYR A 65 6.82 -4.52 -7.58
N ALA A 66 6.59 -4.03 -6.38
CA ALA A 66 6.39 -4.86 -5.21
C ALA A 66 5.19 -5.80 -5.37
N VAL A 67 4.04 -5.24 -5.75
CA VAL A 67 2.83 -6.02 -5.93
C VAL A 67 3.03 -7.14 -6.95
N ARG A 68 4.01 -6.95 -7.82
CA ARG A 68 4.33 -7.90 -8.86
C ARG A 68 5.45 -8.83 -8.43
N LYS A 69 6.41 -8.27 -7.71
CA LYS A 69 7.57 -9.04 -7.26
C LYS A 69 7.33 -9.77 -5.95
N LEU A 70 7.21 -9.02 -4.85
CA LEU A 70 7.01 -9.63 -3.53
C LEU A 70 5.55 -9.90 -3.21
N ASP A 71 4.83 -10.45 -4.18
CA ASP A 71 3.41 -10.77 -3.99
C ASP A 71 3.24 -12.12 -3.29
N ASN A 72 2.47 -12.12 -2.21
CA ASN A 72 2.23 -13.35 -1.44
C ASN A 72 3.53 -14.10 -1.17
N THR A 73 4.45 -13.44 -0.47
CA THR A 73 5.73 -14.05 -0.14
C THR A 73 5.88 -14.24 1.37
N LYS A 74 6.95 -14.90 1.78
CA LYS A 74 7.20 -15.15 3.19
C LYS A 74 8.11 -14.08 3.78
N PHE A 75 7.55 -13.22 4.62
CA PHE A 75 8.31 -12.14 5.25
C PHE A 75 8.57 -12.47 6.72
N ARG A 76 9.59 -11.85 7.29
CA ARG A 76 9.94 -12.09 8.69
C ARG A 76 10.17 -10.77 9.41
N SER A 77 9.68 -10.69 10.64
CA SER A 77 9.83 -9.48 11.44
C SER A 77 11.19 -9.44 12.11
N HIS A 78 11.51 -8.29 12.71
CA HIS A 78 12.79 -8.13 13.40
C HIS A 78 12.98 -9.22 14.44
N GLU A 79 11.89 -9.88 14.82
CA GLU A 79 11.96 -10.95 15.80
C GLU A 79 12.35 -12.27 15.15
N GLY A 80 12.14 -12.38 13.85
CA GLY A 80 12.49 -13.60 13.13
C GLY A 80 11.28 -14.42 12.73
N GLU A 81 10.13 -14.11 13.33
CA GLU A 81 8.90 -14.82 13.02
C GLU A 81 8.47 -14.58 11.58
N THR A 82 8.31 -15.67 10.83
CA THR A 82 7.90 -15.58 9.44
C THR A 82 6.39 -15.73 9.30
N ALA A 83 5.86 -15.24 8.17
CA ALA A 83 4.43 -15.31 7.91
C ALA A 83 4.12 -15.02 6.45
N TYR A 84 2.98 -15.51 5.99
CA TYR A 84 2.57 -15.30 4.60
C TYR A 84 1.81 -13.99 4.45
N ILE A 85 2.40 -13.05 3.73
CA ILE A 85 1.78 -11.74 3.51
C ILE A 85 1.56 -11.48 2.03
N ARG A 86 0.39 -10.93 1.70
CA ARG A 86 0.05 -10.63 0.32
C ARG A 86 0.12 -9.13 0.05
N VAL A 87 0.38 -8.76 -1.19
CA VAL A 87 0.48 -7.35 -1.57
C VAL A 87 -0.42 -7.03 -2.76
N LYS A 88 -1.11 -5.90 -2.69
CA LYS A 88 -1.99 -5.47 -3.76
C LYS A 88 -2.17 -3.97 -3.75
N VAL A 89 -2.31 -3.38 -4.94
CA VAL A 89 -2.48 -1.93 -5.05
C VAL A 89 -3.84 -1.50 -4.50
N ASP A 90 -3.82 -0.81 -3.36
CA ASP A 90 -5.04 -0.34 -2.73
C ASP A 90 -5.41 1.04 -3.25
N GLY A 91 -6.26 1.07 -4.28
CA GLY A 91 -6.69 2.33 -4.86
C GLY A 91 -7.31 3.27 -3.84
N PRO A 92 -7.34 4.57 -4.11
CA PRO A 92 -7.91 5.57 -3.20
C PRO A 92 -9.36 5.25 -2.85
N ARG A 93 -10.05 6.22 -2.24
CA ARG A 93 -11.44 6.04 -1.84
C ARG A 93 -12.31 5.72 -3.06
N SER A 94 -13.14 4.69 -2.93
CA SER A 94 -14.03 4.28 -4.01
C SER A 94 -14.99 5.41 -4.39
N PRO A 95 -15.67 6.01 -3.41
CA PRO A 95 -16.61 7.11 -3.66
C PRO A 95 -16.02 8.19 -4.57
N SER A 96 -16.67 8.39 -5.72
CA SER A 96 -16.21 9.39 -6.68
C SER A 96 -16.34 10.80 -6.11
N TYR A 97 -17.57 11.25 -5.93
CA TYR A 97 -17.83 12.58 -5.39
C TYR A 97 -19.00 12.56 -4.41
N GLY A 98 -20.21 12.48 -4.95
CA GLY A 98 -21.40 12.45 -4.11
C GLY A 98 -22.33 13.62 -4.38
N ARG A 99 -23.55 13.32 -4.80
CA ARG A 99 -24.53 14.36 -5.09
C ARG A 99 -24.92 15.10 -3.82
N SER A 100 -25.89 16.01 -3.94
CA SER A 100 -26.36 16.78 -2.81
C SER A 100 -25.23 17.64 -2.23
N ARG A 101 -25.20 18.91 -2.60
CA ARG A 101 -24.17 19.83 -2.12
C ARG A 101 -24.37 20.14 -0.64
N SER A 102 -23.71 19.37 0.22
CA SER A 102 -23.82 19.55 1.66
C SER A 102 -23.04 20.80 2.11
N ARG A 103 -21.73 20.66 2.24
CA ARG A 103 -20.88 21.78 2.66
C ARG A 103 -19.43 21.32 2.81
N SER A 104 -18.57 22.25 3.22
CA SER A 104 -17.15 21.96 3.40
C SER A 104 -16.67 22.42 4.77
N ARG A 105 -16.42 21.46 5.66
CA ARG A 105 -15.96 21.78 7.01
C ARG A 105 -14.44 21.65 7.10
N SER A 106 -13.93 20.50 6.70
CA SER A 106 -12.48 20.25 6.74
C SER A 106 -11.81 20.76 5.46
N ARG A 107 -10.48 20.81 5.49
CA ARG A 107 -9.72 21.27 4.34
C ARG A 107 -10.09 22.71 3.99
N SER A 108 -10.45 23.49 5.00
CA SER A 108 -10.83 24.88 4.80
C SER A 108 -9.82 25.81 5.46
N ARG A 109 -8.84 26.28 4.69
CA ARG A 109 -7.81 27.18 5.21
C ARG A 109 -7.00 26.49 6.30
N SER A 110 -5.72 26.83 6.36
CA SER A 110 -4.82 26.25 7.36
C SER A 110 -5.16 26.77 8.76
N LEU A 111 -6.31 26.35 9.27
CA LEU A 111 -6.75 26.78 10.60
C LEU A 111 -6.99 25.57 11.50
N GLU A 112 -6.22 24.51 11.29
CA GLU A 112 -6.35 23.30 12.08
C GLU A 112 -7.72 22.65 11.89
N HIS A 113 -8.72 23.20 12.58
CA HIS A 113 -10.08 22.67 12.49
C HIS A 113 -10.95 23.59 11.63
N MET A 1 -29.19 1.91 -10.90
CA MET A 1 -29.16 2.58 -9.57
C MET A 1 -28.45 1.71 -8.54
N ALA A 2 -27.44 2.28 -7.89
CA ALA A 2 -26.68 1.56 -6.87
C ALA A 2 -25.61 2.44 -6.25
N PRO A 3 -24.65 2.93 -7.06
CA PRO A 3 -23.57 3.78 -6.58
C PRO A 3 -24.05 5.21 -6.29
N ARG A 4 -24.98 5.33 -5.35
CA ARG A 4 -25.52 6.64 -4.98
C ARG A 4 -26.00 7.40 -6.21
N GLY A 5 -26.62 6.68 -7.14
CA GLY A 5 -27.12 7.30 -8.36
C GLY A 5 -25.99 7.66 -9.32
N ARG A 6 -25.26 8.72 -9.01
CA ARG A 6 -24.16 9.16 -9.86
C ARG A 6 -22.92 9.48 -9.03
N TYR A 7 -22.10 8.46 -8.80
CA TYR A 7 -20.88 8.63 -8.01
C TYR A 7 -19.69 8.93 -8.91
N GLY A 8 -19.72 8.39 -10.13
CA GLY A 8 -18.63 8.61 -11.07
C GLY A 8 -17.33 8.00 -10.59
N PRO A 9 -16.19 8.38 -11.20
CA PRO A 9 -14.87 7.86 -10.82
C PRO A 9 -14.42 8.37 -9.47
N PRO A 10 -13.49 7.65 -8.80
CA PRO A 10 -12.98 8.04 -7.48
C PRO A 10 -12.31 9.41 -7.52
N SER A 11 -11.16 9.48 -8.19
CA SER A 11 -10.41 10.73 -8.30
C SER A 11 -10.34 11.46 -6.95
N ARG A 12 -9.81 10.78 -5.94
CA ARG A 12 -9.69 11.37 -4.62
C ARG A 12 -8.25 11.29 -4.10
N ARG A 13 -7.59 10.17 -4.39
CA ARG A 13 -6.22 9.97 -3.94
C ARG A 13 -5.37 9.38 -5.07
N SER A 14 -4.11 9.79 -5.12
CA SER A 14 -3.20 9.30 -6.15
C SER A 14 -1.74 9.53 -5.74
N GLU A 15 -1.37 8.99 -4.59
CA GLU A 15 -0.01 9.12 -4.09
C GLU A 15 0.62 7.74 -3.87
N ASN A 16 0.20 6.78 -4.68
CA ASN A 16 0.73 5.42 -4.57
C ASN A 16 0.44 4.84 -3.19
N ARG A 17 -0.53 3.93 -3.13
CA ARG A 17 -0.90 3.29 -1.88
C ARG A 17 -1.28 1.83 -2.11
N VAL A 18 -0.66 0.94 -1.35
CA VAL A 18 -0.94 -0.49 -1.47
C VAL A 18 -1.35 -1.09 -0.12
N VAL A 19 -2.03 -2.22 -0.17
CA VAL A 19 -2.47 -2.89 1.04
C VAL A 19 -1.68 -4.18 1.28
N VAL A 20 -1.44 -4.50 2.56
CA VAL A 20 -0.70 -5.69 2.92
C VAL A 20 -1.50 -6.55 3.89
N SER A 21 -1.40 -7.86 3.73
CA SER A 21 -2.11 -8.80 4.59
C SER A 21 -1.20 -9.94 5.03
N GLY A 22 -1.74 -10.86 5.81
CA GLY A 22 -0.95 -11.98 6.29
C GLY A 22 0.12 -11.56 7.28
N LEU A 23 -0.17 -10.53 8.07
CA LEU A 23 0.77 -10.04 9.06
C LEU A 23 0.73 -10.89 10.32
N PRO A 24 1.88 -11.06 10.99
CA PRO A 24 1.96 -11.85 12.23
C PRO A 24 1.32 -11.15 13.41
N PRO A 25 1.14 -11.86 14.54
CA PRO A 25 0.54 -11.30 15.75
C PRO A 25 1.43 -10.24 16.40
N SER A 26 2.73 -10.37 16.19
CA SER A 26 3.69 -9.41 16.75
C SER A 26 4.59 -8.84 15.67
N GLY A 27 4.50 -7.53 15.47
CA GLY A 27 5.31 -6.88 14.46
C GLY A 27 5.18 -5.38 14.49
N SER A 28 5.96 -4.69 13.66
CA SER A 28 5.93 -3.23 13.60
C SER A 28 5.99 -2.74 12.15
N TRP A 29 5.96 -1.43 11.98
CA TRP A 29 6.02 -0.83 10.64
C TRP A 29 7.41 -0.95 10.06
N GLN A 30 8.42 -0.75 10.91
CA GLN A 30 9.81 -0.83 10.47
C GLN A 30 10.15 -2.23 9.98
N ASP A 31 9.49 -3.24 10.55
CA ASP A 31 9.71 -4.63 10.16
C ASP A 31 9.26 -4.87 8.73
N LEU A 32 8.09 -4.36 8.39
CA LEU A 32 7.54 -4.53 7.05
C LEU A 32 8.30 -3.68 6.04
N LYS A 33 8.52 -2.41 6.39
CA LYS A 33 9.23 -1.49 5.52
C LYS A 33 10.61 -2.03 5.14
N ASP A 34 11.35 -2.50 6.14
CA ASP A 34 12.69 -3.04 5.91
C ASP A 34 12.64 -4.35 5.13
N HIS A 35 11.54 -5.06 5.24
CA HIS A 35 11.37 -6.33 4.54
C HIS A 35 10.81 -6.13 3.14
N MET A 36 10.01 -5.07 2.97
CA MET A 36 9.41 -4.77 1.67
C MET A 36 10.22 -3.74 0.89
N ARG A 37 11.19 -3.11 1.56
CA ARG A 37 12.03 -2.10 0.92
C ARG A 37 12.69 -2.66 -0.34
N GLU A 38 12.80 -3.98 -0.42
CA GLU A 38 13.42 -4.63 -1.58
C GLU A 38 12.84 -4.10 -2.88
N ALA A 39 11.62 -3.58 -2.82
CA ALA A 39 10.95 -3.03 -4.00
C ALA A 39 11.65 -1.77 -4.47
N GLY A 40 12.30 -1.08 -3.54
CA GLY A 40 13.00 0.13 -3.88
C GLY A 40 13.05 1.12 -2.71
N ASP A 41 12.33 2.22 -2.85
CA ASP A 41 12.29 3.24 -1.80
C ASP A 41 10.89 3.35 -1.20
N VAL A 42 10.82 3.21 0.12
CA VAL A 42 9.55 3.30 0.83
C VAL A 42 9.35 4.69 1.42
N CYS A 43 8.10 5.13 1.46
CA CYS A 43 7.77 6.45 2.00
C CYS A 43 7.10 6.33 3.36
N TYR A 44 5.89 5.79 3.38
CA TYR A 44 5.15 5.63 4.62
C TYR A 44 4.66 4.19 4.79
N ALA A 45 4.87 3.64 5.98
CA ALA A 45 4.46 2.26 6.27
C ALA A 45 3.63 2.20 7.55
N ASP A 46 2.53 1.45 7.51
CA ASP A 46 1.65 1.30 8.66
C ASP A 46 1.17 -0.13 8.81
N VAL A 47 1.38 -0.71 9.98
CA VAL A 47 0.96 -2.08 10.25
C VAL A 47 -0.10 -2.13 11.35
N TYR A 48 -1.06 -3.04 11.20
CA TYR A 48 -2.13 -3.17 12.17
C TYR A 48 -2.10 -4.54 12.82
N ARG A 49 -2.63 -4.63 14.05
CA ARG A 49 -2.66 -5.88 14.78
C ARG A 49 -3.71 -6.84 14.21
N ASP A 50 -4.62 -6.30 13.41
CA ASP A 50 -5.68 -7.11 12.80
C ASP A 50 -5.08 -8.17 11.87
N GLY A 51 -3.89 -7.89 11.35
CA GLY A 51 -3.22 -8.84 10.47
C GLY A 51 -2.99 -8.27 9.07
N THR A 52 -3.18 -6.95 8.93
CA THR A 52 -2.98 -6.29 7.65
C THR A 52 -2.38 -4.91 7.83
N GLY A 53 -1.89 -4.32 6.75
CA GLY A 53 -1.31 -3.00 6.82
C GLY A 53 -1.31 -2.28 5.47
N VAL A 54 -0.47 -1.26 5.35
CA VAL A 54 -0.38 -0.50 4.11
C VAL A 54 0.98 0.20 4.00
N VAL A 55 1.38 0.50 2.78
CA VAL A 55 2.66 1.17 2.55
C VAL A 55 2.61 2.02 1.27
N GLU A 56 3.26 3.17 1.33
CA GLU A 56 3.31 4.08 0.19
C GLU A 56 4.76 4.37 -0.20
N PHE A 57 5.08 4.16 -1.47
CA PHE A 57 6.43 4.40 -1.96
C PHE A 57 6.54 5.77 -2.62
N VAL A 58 7.75 6.12 -3.05
CA VAL A 58 7.98 7.41 -3.70
C VAL A 58 7.47 7.41 -5.13
N ARG A 59 8.13 6.64 -6.00
CA ARG A 59 7.75 6.57 -7.40
C ARG A 59 6.64 5.54 -7.61
N LYS A 60 5.86 5.74 -8.68
CA LYS A 60 4.76 4.83 -8.99
C LYS A 60 5.30 3.49 -9.51
N GLU A 61 6.40 3.55 -10.25
CA GLU A 61 7.01 2.35 -10.81
C GLU A 61 7.31 1.33 -9.71
N ASP A 62 7.68 1.82 -8.54
CA ASP A 62 7.98 0.96 -7.40
C ASP A 62 6.72 0.29 -6.88
N MET A 63 5.60 0.99 -7.00
CA MET A 63 4.32 0.46 -6.54
C MET A 63 3.99 -0.84 -7.27
N THR A 64 3.82 -0.77 -8.58
CA THR A 64 3.51 -1.94 -9.38
C THR A 64 4.56 -3.03 -9.19
N TYR A 65 5.80 -2.61 -9.02
CA TYR A 65 6.91 -3.55 -8.84
C TYR A 65 6.70 -4.39 -7.58
N ALA A 66 6.31 -3.73 -6.49
CA ALA A 66 6.09 -4.39 -5.23
C ALA A 66 4.90 -5.35 -5.27
N VAL A 67 3.79 -4.88 -5.84
CA VAL A 67 2.58 -5.71 -5.93
C VAL A 67 2.75 -6.83 -6.95
N ARG A 68 3.69 -6.64 -7.88
CA ARG A 68 3.94 -7.62 -8.91
C ARG A 68 5.02 -8.63 -8.48
N LYS A 69 6.14 -8.10 -8.01
CA LYS A 69 7.27 -8.94 -7.59
C LYS A 69 7.18 -9.35 -6.12
N LEU A 70 7.01 -8.39 -5.21
CA LEU A 70 6.95 -8.69 -3.79
C LEU A 70 5.67 -9.44 -3.40
N ASP A 71 4.76 -9.64 -4.36
CA ASP A 71 3.52 -10.35 -4.09
C ASP A 71 3.78 -11.72 -3.47
N ASN A 72 3.21 -11.96 -2.30
CA ASN A 72 3.39 -13.23 -1.60
C ASN A 72 4.86 -13.46 -1.26
N THR A 73 5.34 -12.77 -0.24
CA THR A 73 6.73 -12.90 0.18
C THR A 73 6.82 -13.45 1.60
N LYS A 74 8.00 -13.97 1.95
CA LYS A 74 8.22 -14.53 3.27
C LYS A 74 8.61 -13.44 4.27
N PHE A 75 7.62 -12.91 4.98
CA PHE A 75 7.87 -11.86 5.96
C PHE A 75 8.51 -12.42 7.22
N ARG A 76 9.24 -11.58 7.95
CA ARG A 76 9.91 -12.00 9.17
C ARG A 76 9.72 -10.96 10.28
N SER A 77 9.27 -11.41 11.43
CA SER A 77 9.04 -10.53 12.58
C SER A 77 10.23 -10.54 13.52
N HIS A 78 10.31 -9.53 14.39
CA HIS A 78 11.40 -9.41 15.35
C HIS A 78 11.24 -10.43 16.48
N GLU A 79 10.11 -11.14 16.49
CA GLU A 79 9.85 -12.14 17.52
C GLU A 79 10.32 -13.53 17.09
N GLY A 80 11.19 -13.58 16.08
CA GLY A 80 11.69 -14.85 15.59
C GLY A 80 10.62 -15.68 14.93
N GLU A 81 9.60 -15.02 14.36
CA GLU A 81 8.51 -15.71 13.69
C GLU A 81 8.45 -15.32 12.21
N THR A 82 7.87 -16.20 11.41
CA THR A 82 7.75 -15.96 9.97
C THR A 82 6.29 -15.98 9.54
N ALA A 83 6.02 -15.41 8.38
CA ALA A 83 4.66 -15.35 7.86
C ALA A 83 4.65 -14.93 6.39
N TYR A 84 3.58 -15.28 5.68
CA TYR A 84 3.45 -14.94 4.27
C TYR A 84 2.49 -13.78 4.08
N ILE A 85 3.02 -12.64 3.62
CA ILE A 85 2.20 -11.46 3.40
C ILE A 85 1.87 -11.28 1.93
N ARG A 86 0.81 -10.53 1.65
CA ARG A 86 0.39 -10.28 0.28
C ARG A 86 0.20 -8.79 0.02
N VAL A 87 0.85 -8.29 -1.04
CA VAL A 87 0.75 -6.88 -1.39
C VAL A 87 -0.19 -6.69 -2.58
N LYS A 88 -0.90 -5.57 -2.59
CA LYS A 88 -1.84 -5.27 -3.68
C LYS A 88 -2.11 -3.78 -3.79
N VAL A 89 -2.39 -3.33 -5.00
CA VAL A 89 -2.67 -1.92 -5.25
C VAL A 89 -4.02 -1.53 -4.67
N ASP A 90 -4.00 -0.60 -3.71
CA ASP A 90 -5.21 -0.12 -3.07
C ASP A 90 -6.23 0.38 -4.08
N GLY A 91 -7.12 -0.51 -4.51
CA GLY A 91 -8.14 -0.14 -5.48
C GLY A 91 -7.54 0.40 -6.77
N PRO A 92 -7.14 -0.48 -7.70
CA PRO A 92 -6.56 -0.05 -8.98
C PRO A 92 -7.52 0.83 -9.79
N ARG A 93 -7.32 0.87 -11.09
CA ARG A 93 -8.15 1.66 -11.97
C ARG A 93 -9.48 0.95 -12.25
N SER A 94 -10.57 1.54 -11.76
CA SER A 94 -11.89 0.96 -11.94
C SER A 94 -12.25 0.89 -13.43
N PRO A 95 -12.15 2.02 -14.15
CA PRO A 95 -12.47 2.07 -15.58
C PRO A 95 -11.90 0.88 -16.36
N SER A 96 -10.79 0.34 -15.88
CA SER A 96 -10.16 -0.80 -16.52
C SER A 96 -10.50 -2.10 -15.80
N TYR A 97 -11.21 -2.99 -16.50
CA TYR A 97 -11.60 -4.26 -15.92
C TYR A 97 -10.38 -5.08 -15.52
N GLY A 98 -10.61 -6.15 -14.77
CA GLY A 98 -9.51 -6.99 -14.34
C GLY A 98 -9.91 -8.45 -14.22
N ARG A 99 -9.52 -9.25 -15.21
CA ARG A 99 -9.84 -10.68 -15.22
C ARG A 99 -8.63 -11.50 -14.79
N SER A 100 -7.81 -10.93 -13.92
CA SER A 100 -6.62 -11.60 -13.43
C SER A 100 -6.30 -11.18 -11.99
N ARG A 101 -5.07 -11.43 -11.56
CA ARG A 101 -4.64 -11.08 -10.21
C ARG A 101 -5.27 -12.02 -9.18
N SER A 102 -4.77 -13.25 -9.12
CA SER A 102 -5.28 -14.24 -8.19
C SER A 102 -4.51 -15.56 -8.32
N ARG A 103 -3.20 -15.45 -8.49
CA ARG A 103 -2.36 -16.63 -8.63
C ARG A 103 -1.68 -16.98 -7.31
N SER A 104 -1.44 -18.27 -7.09
CA SER A 104 -0.79 -18.74 -5.87
C SER A 104 -0.57 -20.25 -5.91
N ARG A 105 -0.21 -20.75 -7.09
CA ARG A 105 0.04 -22.18 -7.28
C ARG A 105 1.52 -22.45 -7.49
N SER A 106 1.85 -23.61 -8.06
CA SER A 106 3.24 -23.99 -8.31
C SER A 106 3.92 -24.45 -7.03
N ARG A 107 4.87 -25.37 -7.17
CA ARG A 107 5.59 -25.91 -6.03
C ARG A 107 7.04 -25.44 -6.03
N SER A 108 7.40 -24.65 -5.02
CA SER A 108 8.76 -24.13 -4.90
C SER A 108 9.13 -23.29 -6.12
N ARG A 109 9.31 -21.99 -5.89
CA ARG A 109 9.67 -21.07 -6.97
C ARG A 109 10.06 -19.71 -6.41
N SER A 110 10.94 -19.02 -7.13
CA SER A 110 11.40 -17.70 -6.70
C SER A 110 12.10 -17.78 -5.35
N LEU A 111 12.74 -18.91 -5.09
CA LEU A 111 13.45 -19.12 -3.83
C LEU A 111 14.95 -18.94 -4.02
N GLU A 112 15.74 -19.47 -3.08
CA GLU A 112 17.20 -19.36 -3.14
C GLU A 112 17.65 -17.95 -2.77
N HIS A 113 17.33 -16.99 -3.63
CA HIS A 113 17.71 -15.60 -3.40
C HIS A 113 16.78 -14.65 -4.14
N MET A 1 -18.84 30.06 -5.16
CA MET A 1 -19.80 30.03 -4.02
C MET A 1 -19.14 29.43 -2.77
N ALA A 2 -17.87 29.05 -2.88
CA ALA A 2 -17.15 28.47 -1.76
C ALA A 2 -17.07 29.46 -0.59
N PRO A 3 -17.19 28.95 0.66
CA PRO A 3 -17.12 29.79 1.86
C PRO A 3 -15.71 30.25 2.18
N ARG A 4 -15.53 30.81 3.37
CA ARG A 4 -14.23 31.29 3.81
C ARG A 4 -13.55 30.28 4.71
N GLY A 5 -12.25 30.06 4.49
CA GLY A 5 -11.51 29.11 5.28
C GLY A 5 -10.66 28.18 4.44
N ARG A 6 -10.59 26.90 4.84
CA ARG A 6 -9.80 25.92 4.12
C ARG A 6 -10.68 24.76 3.66
N TYR A 7 -11.95 25.04 3.41
CA TYR A 7 -12.89 24.02 2.96
C TYR A 7 -12.84 23.85 1.45
N GLY A 8 -11.82 23.13 0.98
CA GLY A 8 -11.67 22.91 -0.44
C GLY A 8 -12.22 21.56 -0.89
N PRO A 9 -12.11 21.23 -2.19
CA PRO A 9 -12.62 19.97 -2.72
C PRO A 9 -11.87 18.76 -2.15
N PRO A 10 -12.32 17.54 -2.49
CA PRO A 10 -11.70 16.30 -2.01
C PRO A 10 -10.18 16.31 -2.19
N SER A 11 -9.49 15.63 -1.29
CA SER A 11 -8.03 15.55 -1.35
C SER A 11 -7.57 14.69 -2.52
N ARG A 12 -6.28 14.37 -2.55
CA ARG A 12 -5.71 13.55 -3.60
C ARG A 12 -4.67 12.59 -3.06
N ARG A 13 -3.80 13.10 -2.18
CA ARG A 13 -2.74 12.29 -1.58
C ARG A 13 -1.68 11.94 -2.61
N SER A 14 -2.06 11.17 -3.62
CA SER A 14 -1.14 10.77 -4.68
C SER A 14 -0.05 9.85 -4.13
N GLU A 15 0.99 9.62 -4.94
CA GLU A 15 2.11 8.77 -4.56
C GLU A 15 1.72 7.29 -4.56
N ASN A 16 0.46 6.99 -4.86
CA ASN A 16 -0.01 5.61 -4.90
C ASN A 16 0.18 4.93 -3.54
N ARG A 17 -0.75 4.03 -3.21
CA ARG A 17 -0.70 3.30 -1.95
C ARG A 17 -1.19 1.87 -2.13
N VAL A 18 -0.63 0.95 -1.35
CA VAL A 18 -1.02 -0.46 -1.41
C VAL A 18 -1.25 -1.03 -0.02
N VAL A 19 -1.90 -2.19 0.04
CA VAL A 19 -2.19 -2.82 1.33
C VAL A 19 -1.55 -4.20 1.41
N VAL A 20 -1.21 -4.63 2.62
CA VAL A 20 -0.59 -5.92 2.84
C VAL A 20 -1.26 -6.67 3.99
N SER A 21 -1.79 -7.86 3.68
CA SER A 21 -2.46 -8.67 4.69
C SER A 21 -1.70 -9.96 4.95
N GLY A 22 -1.94 -10.56 6.11
CA GLY A 22 -1.27 -11.80 6.45
C GLY A 22 0.03 -11.56 7.20
N LEU A 23 -0.02 -10.69 8.20
CA LEU A 23 1.16 -10.37 9.00
C LEU A 23 1.42 -11.44 10.05
N PRO A 24 2.60 -11.42 10.68
CA PRO A 24 2.97 -12.39 11.71
C PRO A 24 2.32 -12.09 13.06
N PRO A 25 2.42 -13.01 14.03
CA PRO A 25 1.84 -12.82 15.36
C PRO A 25 2.53 -11.72 16.14
N SER A 26 3.79 -11.45 15.80
CA SER A 26 4.56 -10.42 16.48
C SER A 26 5.32 -9.57 15.47
N GLY A 27 4.63 -8.59 14.89
CA GLY A 27 5.26 -7.72 13.91
C GLY A 27 4.82 -6.28 14.06
N SER A 28 5.10 -5.46 13.04
CA SER A 28 4.72 -4.05 13.05
C SER A 28 4.97 -3.41 11.69
N TRP A 29 4.61 -2.14 11.58
CA TRP A 29 4.79 -1.40 10.32
C TRP A 29 6.27 -1.08 10.10
N GLN A 30 6.98 -0.82 11.20
CA GLN A 30 8.40 -0.49 11.13
C GLN A 30 9.18 -1.62 10.47
N ASP A 31 8.86 -2.85 10.84
CA ASP A 31 9.53 -4.02 10.29
C ASP A 31 9.02 -4.32 8.87
N LEU A 32 7.74 -4.04 8.65
CA LEU A 32 7.12 -4.27 7.35
C LEU A 32 7.84 -3.48 6.26
N LYS A 33 8.25 -2.26 6.59
CA LYS A 33 8.95 -1.40 5.65
C LYS A 33 10.37 -1.89 5.41
N ASP A 34 11.05 -2.28 6.49
CA ASP A 34 12.42 -2.77 6.41
C ASP A 34 12.49 -4.07 5.63
N HIS A 35 11.41 -4.82 5.63
CA HIS A 35 11.36 -6.10 4.92
C HIS A 35 10.91 -5.91 3.48
N MET A 36 9.95 -5.04 3.27
CA MET A 36 9.43 -4.78 1.93
C MET A 36 10.35 -3.83 1.16
N ARG A 37 11.36 -3.31 1.83
CA ARG A 37 12.31 -2.39 1.21
C ARG A 37 12.90 -2.98 -0.07
N GLU A 38 12.86 -4.30 -0.18
CA GLU A 38 13.40 -4.99 -1.36
C GLU A 38 12.85 -4.38 -2.64
N ALA A 39 11.63 -3.86 -2.57
CA ALA A 39 10.99 -3.25 -3.73
C ALA A 39 11.69 -1.95 -4.10
N GLY A 40 12.29 -1.30 -3.09
CA GLY A 40 12.99 -0.05 -3.32
C GLY A 40 12.74 0.96 -2.22
N ASP A 41 12.96 2.23 -2.52
CA ASP A 41 12.75 3.29 -1.54
C ASP A 41 11.31 3.30 -1.07
N VAL A 42 11.14 3.06 0.23
CA VAL A 42 9.81 3.02 0.83
C VAL A 42 9.52 4.31 1.60
N CYS A 43 8.40 4.96 1.27
CA CYS A 43 8.01 6.19 1.93
C CYS A 43 7.66 5.94 3.39
N TYR A 44 6.61 5.15 3.62
CA TYR A 44 6.18 4.82 4.97
C TYR A 44 5.09 3.75 4.96
N ALA A 45 5.05 2.95 6.01
CA ALA A 45 4.06 1.88 6.13
C ALA A 45 3.19 2.06 7.36
N ASP A 46 2.22 1.16 7.53
CA ASP A 46 1.32 1.22 8.68
C ASP A 46 0.60 -0.12 8.87
N VAL A 47 0.20 -0.41 10.10
CA VAL A 47 -0.50 -1.65 10.40
C VAL A 47 -1.77 -1.38 11.20
N TYR A 48 -2.91 -1.81 10.68
CA TYR A 48 -4.18 -1.62 11.36
C TYR A 48 -4.85 -2.96 11.64
N ARG A 49 -5.45 -3.07 12.83
CA ARG A 49 -6.15 -4.29 13.24
C ARG A 49 -5.15 -5.39 13.65
N ASP A 50 -3.86 -5.08 13.59
CA ASP A 50 -2.81 -6.03 13.96
C ASP A 50 -2.76 -7.20 12.96
N GLY A 51 -3.44 -7.04 11.83
CA GLY A 51 -3.44 -8.08 10.82
C GLY A 51 -3.04 -7.56 9.45
N THR A 52 -3.73 -6.51 9.00
CA THR A 52 -3.44 -5.92 7.70
C THR A 52 -2.57 -4.68 7.84
N GLY A 53 -1.91 -4.29 6.76
CA GLY A 53 -1.05 -3.13 6.79
C GLY A 53 -1.07 -2.36 5.49
N VAL A 54 -0.31 -1.27 5.45
CA VAL A 54 -0.24 -0.43 4.25
C VAL A 54 1.20 -0.01 3.96
N VAL A 55 1.48 0.28 2.70
CA VAL A 55 2.82 0.70 2.30
C VAL A 55 2.76 1.76 1.22
N GLU A 56 3.43 2.89 1.46
CA GLU A 56 3.46 3.99 0.51
C GLU A 56 4.85 4.16 -0.08
N PHE A 57 4.92 4.23 -1.41
CA PHE A 57 6.19 4.39 -2.10
C PHE A 57 6.31 5.79 -2.70
N VAL A 58 7.49 6.38 -2.57
CA VAL A 58 7.74 7.71 -3.11
C VAL A 58 7.60 7.71 -4.63
N ARG A 59 7.88 6.57 -5.25
CA ARG A 59 7.78 6.45 -6.70
C ARG A 59 6.95 5.24 -7.09
N LYS A 60 6.15 5.37 -8.14
CA LYS A 60 5.30 4.28 -8.62
C LYS A 60 6.13 3.06 -8.98
N GLU A 61 7.38 3.29 -9.38
CA GLU A 61 8.27 2.20 -9.76
C GLU A 61 8.38 1.16 -8.65
N ASP A 62 8.57 1.63 -7.42
CA ASP A 62 8.68 0.73 -6.27
C ASP A 62 7.34 0.11 -5.94
N MET A 63 6.26 0.85 -6.18
CA MET A 63 4.91 0.37 -5.90
C MET A 63 4.60 -0.87 -6.74
N THR A 64 4.52 -0.68 -8.05
CA THR A 64 4.23 -1.79 -8.96
C THR A 64 5.22 -2.93 -8.76
N TYR A 65 6.47 -2.59 -8.48
CA TYR A 65 7.50 -3.59 -8.26
C TYR A 65 7.16 -4.48 -7.08
N ALA A 66 6.77 -3.86 -5.97
CA ALA A 66 6.42 -4.58 -4.77
C ALA A 66 5.28 -5.56 -5.02
N VAL A 67 4.21 -5.09 -5.65
CA VAL A 67 3.06 -5.91 -5.96
C VAL A 67 3.44 -7.00 -6.98
N ARG A 68 4.50 -6.75 -7.73
CA ARG A 68 4.96 -7.70 -8.74
C ARG A 68 5.80 -8.79 -8.07
N LYS A 69 7.01 -8.42 -7.66
CA LYS A 69 7.92 -9.36 -7.01
C LYS A 69 7.42 -9.73 -5.62
N LEU A 70 7.17 -8.73 -4.79
CA LEU A 70 6.69 -8.95 -3.44
C LEU A 70 5.19 -9.24 -3.43
N ASP A 71 4.82 -10.45 -3.83
CA ASP A 71 3.41 -10.84 -3.88
C ASP A 71 3.23 -12.28 -3.42
N ASN A 72 2.23 -12.51 -2.57
CA ASN A 72 1.95 -13.84 -2.06
C ASN A 72 3.18 -14.45 -1.39
N THR A 73 4.07 -13.60 -0.90
CA THR A 73 5.29 -14.05 -0.24
C THR A 73 5.13 -14.00 1.27
N LYS A 74 6.22 -14.29 1.98
CA LYS A 74 6.20 -14.28 3.45
C LYS A 74 7.00 -13.11 3.99
N PHE A 75 6.54 -12.55 5.11
CA PHE A 75 7.22 -11.42 5.74
C PHE A 75 8.19 -11.91 6.81
N ARG A 76 9.16 -11.06 7.14
CA ARG A 76 10.16 -11.40 8.15
C ARG A 76 10.22 -10.31 9.22
N SER A 77 9.71 -10.65 10.40
CA SER A 77 9.69 -9.71 11.52
C SER A 77 11.08 -9.59 12.14
N HIS A 78 11.37 -8.42 12.71
CA HIS A 78 12.67 -8.18 13.34
C HIS A 78 12.97 -9.24 14.40
N GLU A 79 11.92 -9.88 14.92
CA GLU A 79 12.07 -10.91 15.92
C GLU A 79 12.65 -12.18 15.32
N GLY A 80 12.55 -12.32 14.00
CA GLY A 80 13.06 -13.50 13.33
C GLY A 80 11.96 -14.43 12.86
N GLU A 81 10.71 -14.13 13.22
CA GLU A 81 9.59 -14.95 12.82
C GLU A 81 9.13 -14.61 11.40
N THR A 82 8.42 -15.53 10.77
CA THR A 82 7.93 -15.32 9.42
C THR A 82 6.42 -15.55 9.33
N ALA A 83 5.81 -15.02 8.28
CA ALA A 83 4.37 -15.16 8.09
C ALA A 83 3.99 -14.92 6.63
N TYR A 84 2.95 -15.60 6.17
CA TYR A 84 2.48 -15.46 4.80
C TYR A 84 1.71 -14.15 4.61
N ILE A 85 2.25 -13.26 3.79
CA ILE A 85 1.61 -11.98 3.54
C ILE A 85 1.16 -11.86 2.08
N ARG A 86 0.25 -10.92 1.83
CA ARG A 86 -0.26 -10.71 0.48
C ARG A 86 -0.41 -9.22 0.18
N VAL A 87 0.40 -8.73 -0.75
CA VAL A 87 0.37 -7.32 -1.14
C VAL A 87 -0.60 -7.10 -2.29
N LYS A 88 -1.05 -5.85 -2.45
CA LYS A 88 -1.97 -5.51 -3.53
C LYS A 88 -2.26 -4.02 -3.54
N VAL A 89 -2.43 -3.47 -4.75
CA VAL A 89 -2.71 -2.06 -4.92
C VAL A 89 -3.99 -1.68 -4.22
N ASP A 90 -3.94 -0.57 -3.51
CA ASP A 90 -5.10 -0.05 -2.77
C ASP A 90 -6.36 -0.07 -3.64
N GLY A 91 -7.52 -0.04 -2.98
CA GLY A 91 -8.77 -0.06 -3.70
C GLY A 91 -8.96 1.16 -4.59
N PRO A 92 -9.76 2.14 -4.17
CA PRO A 92 -10.01 3.36 -4.96
C PRO A 92 -8.73 4.05 -5.37
N ARG A 93 -8.85 5.04 -6.25
CA ARG A 93 -7.69 5.78 -6.75
C ARG A 93 -7.67 7.19 -6.16
N SER A 94 -6.58 7.91 -6.39
CA SER A 94 -6.43 9.27 -5.88
C SER A 94 -6.91 10.28 -6.93
N PRO A 95 -6.38 10.21 -8.16
CA PRO A 95 -6.77 11.13 -9.24
C PRO A 95 -8.25 11.03 -9.58
N SER A 96 -9.07 11.87 -8.95
CA SER A 96 -10.50 11.87 -9.19
C SER A 96 -10.95 13.19 -9.79
N TYR A 97 -12.18 13.21 -10.32
CA TYR A 97 -12.73 14.42 -10.92
C TYR A 97 -12.01 14.78 -12.21
N GLY A 98 -10.73 15.13 -12.09
CA GLY A 98 -9.94 15.49 -13.25
C GLY A 98 -10.01 14.46 -14.35
N ARG A 99 -9.07 13.52 -14.36
CA ARG A 99 -9.04 12.47 -15.38
C ARG A 99 -9.83 11.25 -14.93
N SER A 100 -10.89 10.94 -15.68
CA SER A 100 -11.73 9.80 -15.36
C SER A 100 -12.11 9.03 -16.62
N ARG A 101 -13.08 9.56 -17.37
CA ARG A 101 -13.53 8.91 -18.60
C ARG A 101 -14.57 9.78 -19.30
N SER A 102 -15.49 10.34 -18.53
CA SER A 102 -16.55 11.18 -19.08
C SER A 102 -16.41 12.61 -18.59
N ARG A 103 -17.43 13.43 -18.85
CA ARG A 103 -17.42 14.82 -18.44
C ARG A 103 -18.72 15.18 -17.72
N SER A 104 -19.84 14.80 -18.33
CA SER A 104 -21.16 15.07 -17.75
C SER A 104 -22.16 14.01 -18.17
N ARG A 105 -23.37 14.10 -17.62
CA ARG A 105 -24.42 13.14 -17.93
C ARG A 105 -25.18 13.53 -19.19
N SER A 106 -24.82 14.68 -19.77
CA SER A 106 -25.48 15.16 -20.99
C SER A 106 -26.97 15.36 -20.76
N ARG A 107 -27.39 16.63 -20.72
CA ARG A 107 -28.80 16.96 -20.51
C ARG A 107 -29.59 16.80 -21.81
N SER A 108 -29.88 15.56 -22.17
CA SER A 108 -30.64 15.27 -23.38
C SER A 108 -31.91 14.49 -23.05
N ARG A 109 -32.58 13.99 -24.09
CA ARG A 109 -33.80 13.23 -23.93
C ARG A 109 -33.55 11.74 -24.10
N SER A 110 -33.88 10.96 -23.07
CA SER A 110 -33.68 9.52 -23.11
C SER A 110 -32.21 9.18 -23.29
N LEU A 111 -31.89 7.89 -23.21
CA LEU A 111 -30.51 7.43 -23.37
C LEU A 111 -30.36 6.61 -24.65
N GLU A 112 -30.77 7.20 -25.76
CA GLU A 112 -30.67 6.53 -27.06
C GLU A 112 -29.30 6.74 -27.69
N HIS A 113 -28.53 5.66 -27.77
CA HIS A 113 -27.18 5.71 -28.35
C HIS A 113 -26.41 6.94 -27.86
N MET A 1 4.54 45.89 -11.13
CA MET A 1 4.15 44.47 -10.93
C MET A 1 4.62 43.96 -9.56
N ALA A 2 4.26 42.72 -9.25
CA ALA A 2 4.65 42.11 -7.98
C ALA A 2 5.24 40.72 -8.20
N PRO A 3 6.25 40.60 -9.08
CA PRO A 3 6.89 39.33 -9.37
C PRO A 3 7.85 38.90 -8.27
N ARG A 4 8.36 37.67 -8.37
CA ARG A 4 9.29 37.14 -7.37
C ARG A 4 8.64 37.10 -5.99
N GLY A 5 9.16 36.22 -5.14
CA GLY A 5 8.62 36.09 -3.79
C GLY A 5 7.16 35.66 -3.79
N ARG A 6 6.92 34.42 -4.18
CA ARG A 6 5.56 33.88 -4.22
C ARG A 6 5.48 32.55 -3.46
N TYR A 7 4.26 32.03 -3.31
CA TYR A 7 4.05 30.78 -2.61
C TYR A 7 3.61 29.68 -3.58
N GLY A 8 3.54 28.45 -3.08
CA GLY A 8 3.13 27.33 -3.92
C GLY A 8 2.07 26.47 -3.25
N PRO A 9 1.19 25.83 -4.05
CA PRO A 9 0.13 24.96 -3.52
C PRO A 9 0.67 23.64 -2.97
N PRO A 10 0.62 23.45 -1.64
CA PRO A 10 1.11 22.22 -1.01
C PRO A 10 0.32 20.99 -1.46
N SER A 11 0.62 19.86 -0.84
CA SER A 11 -0.08 18.61 -1.18
C SER A 11 -1.54 18.68 -0.79
N ARG A 12 -2.21 17.54 -0.80
CA ARG A 12 -3.62 17.47 -0.44
C ARG A 12 -3.99 16.06 -0.04
N ARG A 13 -3.41 15.07 -0.73
CA ARG A 13 -3.68 13.68 -0.44
C ARG A 13 -2.93 12.77 -1.42
N SER A 14 -2.52 11.60 -0.94
CA SER A 14 -1.80 10.63 -1.75
C SER A 14 -2.70 9.46 -2.12
N GLU A 15 -2.44 8.85 -3.27
CA GLU A 15 -3.24 7.72 -3.72
C GLU A 15 -2.37 6.69 -4.45
N ASN A 16 -1.19 6.44 -3.93
CA ASN A 16 -0.26 5.48 -4.52
C ASN A 16 0.26 4.50 -3.47
N ARG A 17 -0.65 4.01 -2.63
CA ARG A 17 -0.29 3.07 -1.58
C ARG A 17 -0.81 1.67 -1.89
N VAL A 18 -0.35 0.69 -1.12
CA VAL A 18 -0.77 -0.69 -1.30
C VAL A 18 -1.19 -1.31 0.03
N VAL A 19 -1.97 -2.38 -0.04
CA VAL A 19 -2.45 -3.07 1.16
C VAL A 19 -1.70 -4.38 1.37
N VAL A 20 -1.49 -4.73 2.64
CA VAL A 20 -0.82 -5.96 3.00
C VAL A 20 -1.70 -6.84 3.86
N SER A 21 -1.51 -8.16 3.77
CA SER A 21 -2.29 -9.10 4.55
C SER A 21 -1.41 -10.21 5.13
N GLY A 22 -1.98 -11.02 6.01
CA GLY A 22 -1.22 -12.10 6.61
C GLY A 22 -0.07 -11.59 7.47
N LEU A 23 -0.35 -10.57 8.27
CA LEU A 23 0.67 -10.00 9.15
C LEU A 23 0.80 -10.79 10.44
N PRO A 24 2.03 -10.99 10.94
CA PRO A 24 2.26 -11.72 12.18
C PRO A 24 1.90 -10.91 13.42
N PRO A 25 1.88 -11.57 14.60
CA PRO A 25 1.55 -10.89 15.86
C PRO A 25 2.55 -9.81 16.22
N SER A 26 3.78 -9.96 15.75
CA SER A 26 4.83 -8.99 16.02
C SER A 26 5.17 -8.18 14.77
N GLY A 27 4.16 -7.91 13.97
CA GLY A 27 4.36 -7.15 12.74
C GLY A 27 4.22 -5.66 12.96
N SER A 28 5.33 -4.94 12.84
CA SER A 28 5.32 -3.49 13.03
C SER A 28 5.48 -2.77 11.69
N TRP A 29 5.48 -1.44 11.73
CA TRP A 29 5.62 -0.64 10.52
C TRP A 29 7.02 -0.78 9.94
N GLN A 30 8.02 -0.78 10.81
CA GLN A 30 9.41 -0.90 10.38
C GLN A 30 9.70 -2.32 9.88
N ASP A 31 9.08 -3.30 10.52
CA ASP A 31 9.27 -4.70 10.13
C ASP A 31 8.84 -4.92 8.69
N LEU A 32 7.58 -4.61 8.40
CA LEU A 32 7.05 -4.78 7.05
C LEU A 32 7.82 -3.93 6.04
N LYS A 33 8.04 -2.66 6.39
CA LYS A 33 8.76 -1.74 5.54
C LYS A 33 10.17 -2.25 5.25
N ASP A 34 10.84 -2.75 6.28
CA ASP A 34 12.19 -3.26 6.14
C ASP A 34 12.23 -4.55 5.32
N HIS A 35 11.12 -5.28 5.32
CA HIS A 35 11.03 -6.53 4.59
C HIS A 35 10.58 -6.31 3.16
N MET A 36 9.93 -5.18 2.89
CA MET A 36 9.44 -4.88 1.55
C MET A 36 10.19 -3.70 0.92
N ARG A 37 11.17 -3.16 1.64
CA ARG A 37 11.95 -2.03 1.12
C ARG A 37 12.70 -2.42 -0.15
N GLU A 38 12.84 -3.72 -0.39
CA GLU A 38 13.54 -4.23 -1.56
C GLU A 38 12.97 -3.61 -2.85
N ALA A 39 11.73 -3.13 -2.77
CA ALA A 39 11.09 -2.51 -3.92
C ALA A 39 11.82 -1.23 -4.32
N GLY A 40 12.48 -0.61 -3.34
CA GLY A 40 13.21 0.62 -3.60
C GLY A 40 13.35 1.46 -2.35
N ASP A 41 12.56 2.54 -2.29
CA ASP A 41 12.60 3.44 -1.14
C ASP A 41 11.20 3.66 -0.58
N VAL A 42 10.95 3.07 0.57
CA VAL A 42 9.65 3.19 1.23
C VAL A 42 9.53 4.52 1.96
N CYS A 43 8.48 5.27 1.64
CA CYS A 43 8.25 6.57 2.26
C CYS A 43 7.54 6.42 3.61
N TYR A 44 6.43 5.69 3.61
CA TYR A 44 5.67 5.46 4.83
C TYR A 44 5.13 4.04 4.89
N ALA A 45 4.80 3.61 6.11
CA ALA A 45 4.27 2.26 6.32
C ALA A 45 3.50 2.17 7.64
N ASP A 46 2.33 1.54 7.59
CA ASP A 46 1.50 1.39 8.78
C ASP A 46 0.74 0.07 8.75
N VAL A 47 1.07 -0.81 9.68
CA VAL A 47 0.41 -2.11 9.77
C VAL A 47 -0.66 -2.12 10.84
N TYR A 48 -1.92 -2.23 10.41
CA TYR A 48 -3.04 -2.25 11.33
C TYR A 48 -3.06 -3.55 12.14
N ARG A 49 -3.67 -3.50 13.32
CA ARG A 49 -3.76 -4.67 14.18
C ARG A 49 -5.04 -5.44 13.93
N ASP A 50 -5.45 -5.52 12.67
CA ASP A 50 -6.66 -6.24 12.30
C ASP A 50 -6.34 -7.45 11.42
N GLY A 51 -5.25 -7.35 10.66
CA GLY A 51 -4.85 -8.44 9.79
C GLY A 51 -4.16 -7.95 8.54
N THR A 52 -4.39 -6.69 8.18
CA THR A 52 -3.79 -6.11 6.99
C THR A 52 -3.11 -4.78 7.32
N GLY A 53 -2.30 -4.28 6.37
CA GLY A 53 -1.60 -3.02 6.60
C GLY A 53 -1.53 -2.18 5.34
N VAL A 54 -0.62 -1.23 5.32
CA VAL A 54 -0.45 -0.36 4.16
C VAL A 54 0.94 0.27 4.14
N VAL A 55 1.49 0.42 2.94
CA VAL A 55 2.81 1.03 2.78
C VAL A 55 2.85 1.93 1.54
N GLU A 56 3.67 2.97 1.60
CA GLU A 56 3.80 3.91 0.50
C GLU A 56 5.26 4.11 0.10
N PHE A 57 5.51 4.08 -1.20
CA PHE A 57 6.86 4.26 -1.73
C PHE A 57 6.90 5.45 -2.67
N VAL A 58 7.89 6.33 -2.50
CA VAL A 58 8.02 7.50 -3.35
C VAL A 58 8.43 7.12 -4.76
N ARG A 59 7.56 6.40 -5.45
CA ARG A 59 7.81 5.98 -6.81
C ARG A 59 6.72 5.02 -7.28
N LYS A 60 6.12 5.31 -8.42
CA LYS A 60 5.06 4.46 -8.96
C LYS A 60 5.61 3.08 -9.30
N GLU A 61 6.81 3.06 -9.88
CA GLU A 61 7.45 1.81 -10.25
C GLU A 61 7.64 0.90 -9.04
N ASP A 62 7.95 1.51 -7.90
CA ASP A 62 8.15 0.76 -6.66
C ASP A 62 6.82 0.20 -6.16
N MET A 63 5.76 0.97 -6.35
CA MET A 63 4.43 0.55 -5.92
C MET A 63 4.02 -0.74 -6.60
N THR A 64 3.89 -0.69 -7.92
CA THR A 64 3.50 -1.86 -8.71
C THR A 64 4.53 -2.98 -8.56
N TYR A 65 5.79 -2.61 -8.41
CA TYR A 65 6.87 -3.58 -8.27
C TYR A 65 6.69 -4.39 -6.99
N ALA A 66 6.45 -3.68 -5.89
CA ALA A 66 6.26 -4.33 -4.60
C ALA A 66 5.11 -5.31 -4.63
N VAL A 67 3.96 -4.89 -5.16
CA VAL A 67 2.80 -5.74 -5.25
C VAL A 67 3.05 -6.95 -6.14
N ARG A 68 4.02 -6.82 -7.04
CA ARG A 68 4.37 -7.90 -7.95
C ARG A 68 5.49 -8.75 -7.40
N LYS A 69 6.71 -8.22 -7.44
CA LYS A 69 7.88 -8.93 -6.94
C LYS A 69 7.69 -9.32 -5.47
N LEU A 70 7.29 -8.36 -4.65
CA LEU A 70 7.09 -8.60 -3.23
C LEU A 70 5.63 -8.98 -2.95
N ASP A 71 5.18 -10.05 -3.60
CA ASP A 71 3.80 -10.52 -3.43
C ASP A 71 3.78 -11.96 -2.94
N ASN A 72 2.93 -12.24 -1.97
CA ASN A 72 2.81 -13.59 -1.41
C ASN A 72 4.16 -14.11 -0.96
N THR A 73 5.04 -13.20 -0.55
CA THR A 73 6.37 -13.58 -0.09
C THR A 73 6.34 -14.01 1.37
N LYS A 74 7.50 -14.44 1.87
CA LYS A 74 7.61 -14.88 3.26
C LYS A 74 8.12 -13.76 4.15
N PHE A 75 7.21 -13.16 4.91
CA PHE A 75 7.57 -12.07 5.81
C PHE A 75 8.42 -12.59 6.97
N ARG A 76 9.65 -12.11 7.06
CA ARG A 76 10.57 -12.52 8.12
C ARG A 76 10.87 -11.37 9.06
N SER A 77 10.29 -11.41 10.25
CA SER A 77 10.49 -10.37 11.25
C SER A 77 11.76 -10.63 12.05
N HIS A 78 12.46 -9.55 12.40
CA HIS A 78 13.70 -9.66 13.16
C HIS A 78 13.44 -10.27 14.55
N GLU A 79 12.18 -10.28 14.96
CA GLU A 79 11.81 -10.83 16.26
C GLU A 79 11.99 -12.35 16.29
N GLY A 80 11.99 -12.97 15.11
CA GLY A 80 12.16 -14.40 15.02
C GLY A 80 10.87 -15.12 14.65
N GLU A 81 10.03 -14.45 13.87
CA GLU A 81 8.76 -15.03 13.45
C GLU A 81 8.53 -14.80 11.96
N THR A 82 8.11 -15.85 11.26
CA THR A 82 7.85 -15.76 9.83
C THR A 82 6.37 -15.91 9.52
N ALA A 83 5.95 -15.38 8.37
CA ALA A 83 4.55 -15.45 7.96
C ALA A 83 4.39 -15.00 6.51
N TYR A 84 3.47 -15.64 5.79
CA TYR A 84 3.22 -15.31 4.39
C TYR A 84 2.25 -14.13 4.28
N ILE A 85 2.71 -13.05 3.66
CA ILE A 85 1.88 -11.86 3.49
C ILE A 85 1.53 -11.64 2.03
N ARG A 86 0.42 -10.94 1.79
CA ARG A 86 -0.02 -10.65 0.43
C ARG A 86 -0.15 -9.14 0.21
N VAL A 87 0.45 -8.66 -0.87
CA VAL A 87 0.40 -7.24 -1.21
C VAL A 87 -0.59 -6.98 -2.33
N LYS A 88 -1.27 -5.84 -2.26
CA LYS A 88 -2.26 -5.47 -3.28
C LYS A 88 -2.29 -3.96 -3.47
N VAL A 89 -2.53 -3.53 -4.71
CA VAL A 89 -2.59 -2.12 -5.02
C VAL A 89 -3.88 -1.50 -4.49
N ASP A 90 -3.74 -0.46 -3.68
CA ASP A 90 -4.88 0.23 -3.09
C ASP A 90 -6.02 0.42 -4.09
N GLY A 91 -5.86 1.38 -4.99
CA GLY A 91 -6.89 1.63 -5.99
C GLY A 91 -8.20 2.10 -5.37
N PRO A 92 -8.71 3.28 -5.76
CA PRO A 92 -9.96 3.82 -5.22
C PRO A 92 -11.19 3.08 -5.71
N ARG A 93 -11.27 2.87 -7.03
CA ARG A 93 -12.39 2.18 -7.63
C ARG A 93 -12.37 0.69 -7.27
N SER A 94 -13.55 0.15 -6.95
CA SER A 94 -13.68 -1.26 -6.59
C SER A 94 -15.14 -1.69 -6.59
N PRO A 95 -15.41 -2.96 -6.95
CA PRO A 95 -16.78 -3.50 -6.98
C PRO A 95 -17.51 -3.29 -5.67
N SER A 96 -18.73 -3.83 -5.58
CA SER A 96 -19.54 -3.71 -4.37
C SER A 96 -19.78 -2.23 -4.03
N TYR A 97 -20.51 -2.00 -2.94
CA TYR A 97 -20.81 -0.64 -2.50
C TYR A 97 -21.61 0.10 -3.57
N GLY A 98 -22.91 -0.16 -3.62
CA GLY A 98 -23.76 0.50 -4.60
C GLY A 98 -25.00 -0.31 -4.92
N ARG A 99 -24.85 -1.35 -5.73
CA ARG A 99 -25.97 -2.19 -6.11
C ARG A 99 -27.02 -1.40 -6.88
N SER A 100 -27.70 -2.07 -7.80
CA SER A 100 -28.73 -1.43 -8.61
C SER A 100 -30.00 -2.28 -8.64
N ARG A 101 -30.06 -3.23 -9.58
CA ARG A 101 -31.22 -4.11 -9.71
C ARG A 101 -32.52 -3.31 -9.66
N SER A 102 -32.70 -2.42 -10.62
CA SER A 102 -33.90 -1.59 -10.69
C SER A 102 -34.81 -2.04 -11.82
N ARG A 103 -35.82 -1.23 -12.12
CA ARG A 103 -36.77 -1.55 -13.19
C ARG A 103 -36.66 -0.54 -14.33
N SER A 104 -37.12 -0.94 -15.52
CA SER A 104 -37.08 -0.07 -16.69
C SER A 104 -38.46 0.04 -17.33
N ARG A 105 -38.49 0.49 -18.58
CA ARG A 105 -39.75 0.65 -19.31
C ARG A 105 -40.61 -0.61 -19.20
N SER A 106 -41.55 -0.60 -18.27
CA SER A 106 -42.44 -1.74 -18.07
C SER A 106 -43.55 -1.39 -17.09
N ARG A 107 -44.67 -0.93 -17.63
CA ARG A 107 -45.82 -0.55 -16.81
C ARG A 107 -45.45 0.57 -15.84
N SER A 108 -45.26 1.77 -16.38
CA SER A 108 -44.91 2.93 -15.57
C SER A 108 -45.98 3.21 -14.51
N ARG A 109 -47.20 3.43 -14.96
CA ARG A 109 -48.31 3.72 -14.06
C ARG A 109 -49.65 3.52 -14.76
N SER A 110 -49.98 2.27 -15.06
CA SER A 110 -51.23 1.94 -15.73
C SER A 110 -51.82 0.65 -15.18
N LEU A 111 -52.95 0.79 -14.46
CA LEU A 111 -53.61 -0.37 -13.87
C LEU A 111 -55.12 -0.12 -13.74
N GLU A 112 -55.83 -1.10 -13.20
CA GLU A 112 -57.27 -0.98 -13.01
C GLU A 112 -57.61 -0.61 -11.57
N HIS A 113 -56.85 -1.17 -10.64
CA HIS A 113 -57.07 -0.91 -9.22
C HIS A 113 -55.75 -0.93 -8.45
N MET A 1 12.65 24.57 -5.49
CA MET A 1 13.39 25.44 -4.52
C MET A 1 12.59 25.65 -3.24
N ALA A 2 11.80 24.65 -2.87
CA ALA A 2 10.99 24.72 -1.66
C ALA A 2 11.56 23.82 -0.56
N PRO A 3 11.90 24.39 0.60
CA PRO A 3 12.46 23.62 1.72
C PRO A 3 11.45 22.61 2.27
N ARG A 4 10.28 23.09 2.64
CA ARG A 4 9.23 22.21 3.19
C ARG A 4 9.74 21.45 4.40
N GLY A 5 8.83 20.79 5.10
CA GLY A 5 9.20 20.03 6.29
C GLY A 5 9.15 18.53 6.05
N ARG A 6 9.01 17.77 7.13
CA ARG A 6 8.96 16.32 7.04
C ARG A 6 10.24 15.75 6.41
N TYR A 7 10.13 15.18 5.21
CA TYR A 7 11.30 14.62 4.52
C TYR A 7 10.92 14.01 3.18
N GLY A 8 10.31 14.81 2.31
CA GLY A 8 9.89 14.34 1.02
C GLY A 8 9.25 15.41 0.15
N PRO A 9 9.90 16.58 0.03
CA PRO A 9 9.38 17.70 -0.77
C PRO A 9 8.76 17.25 -2.09
N PRO A 10 9.49 16.43 -2.88
CA PRO A 10 9.00 15.93 -4.17
C PRO A 10 7.58 15.38 -4.07
N SER A 11 7.40 14.37 -3.23
CA SER A 11 6.09 13.74 -3.04
C SER A 11 5.04 14.78 -2.66
N ARG A 12 3.96 14.84 -3.43
CA ARG A 12 2.89 15.78 -3.17
C ARG A 12 1.59 15.34 -3.86
N ARG A 13 1.40 14.03 -3.95
CA ARG A 13 0.21 13.48 -4.58
C ARG A 13 -0.48 12.47 -3.66
N SER A 14 0.28 11.48 -3.21
CA SER A 14 -0.25 10.45 -2.33
C SER A 14 -1.38 9.68 -3.01
N GLU A 15 -1.29 9.56 -4.33
CA GLU A 15 -2.30 8.84 -5.10
C GLU A 15 -1.82 7.44 -5.45
N ASN A 16 -0.98 6.86 -4.61
CA ASN A 16 -0.44 5.53 -4.83
C ASN A 16 -0.11 4.85 -3.52
N ARG A 17 -1.00 4.00 -3.04
CA ARG A 17 -0.80 3.28 -1.79
C ARG A 17 -0.89 1.77 -2.01
N VAL A 18 -0.36 1.01 -1.05
CA VAL A 18 -0.37 -0.44 -1.13
C VAL A 18 -1.05 -1.06 0.10
N VAL A 19 -1.68 -2.20 -0.09
CA VAL A 19 -2.36 -2.89 1.00
C VAL A 19 -1.73 -4.25 1.27
N VAL A 20 -1.70 -4.64 2.55
CA VAL A 20 -1.12 -5.92 2.94
C VAL A 20 -2.13 -6.74 3.74
N SER A 21 -2.06 -8.06 3.58
CA SER A 21 -2.95 -8.96 4.30
C SER A 21 -2.28 -10.30 4.57
N GLY A 22 -2.11 -10.62 5.85
CA GLY A 22 -1.48 -11.88 6.22
C GLY A 22 -0.24 -11.67 7.07
N LEU A 23 -0.30 -10.71 7.97
CA LEU A 23 0.83 -10.41 8.85
C LEU A 23 0.65 -11.06 10.22
N PRO A 24 1.76 -11.31 10.93
CA PRO A 24 1.71 -11.94 12.26
C PRO A 24 1.20 -10.99 13.33
N PRO A 25 0.85 -11.53 14.52
CA PRO A 25 0.34 -10.72 15.63
C PRO A 25 1.41 -9.78 16.20
N SER A 26 2.66 -10.19 16.08
CA SER A 26 3.78 -9.40 16.59
C SER A 26 4.60 -8.81 15.44
N GLY A 27 3.90 -8.42 14.37
CA GLY A 27 4.59 -7.84 13.22
C GLY A 27 4.64 -6.33 13.29
N SER A 28 5.85 -5.79 13.23
CA SER A 28 6.04 -4.34 13.27
C SER A 28 6.11 -3.76 11.87
N TRP A 29 5.70 -2.50 11.74
CA TRP A 29 5.72 -1.83 10.44
C TRP A 29 7.14 -1.45 10.05
N GLN A 30 7.93 -0.99 11.02
CA GLN A 30 9.31 -0.59 10.78
C GLN A 30 10.09 -1.74 10.14
N ASP A 31 9.85 -2.96 10.62
CA ASP A 31 10.54 -4.13 10.09
C ASP A 31 9.94 -4.55 8.75
N LEU A 32 8.63 -4.33 8.60
CA LEU A 32 7.93 -4.68 7.37
C LEU A 32 8.50 -3.90 6.19
N LYS A 33 8.76 -2.61 6.41
CA LYS A 33 9.31 -1.76 5.38
C LYS A 33 10.74 -2.18 5.04
N ASP A 34 11.55 -2.38 6.08
CA ASP A 34 12.94 -2.78 5.89
C ASP A 34 13.02 -4.13 5.17
N HIS A 35 11.99 -4.93 5.31
CA HIS A 35 11.94 -6.24 4.68
C HIS A 35 11.40 -6.14 3.26
N MET A 36 10.51 -5.17 3.04
CA MET A 36 9.92 -4.97 1.72
C MET A 36 10.71 -3.93 0.91
N ARG A 37 11.81 -3.45 1.47
CA ARG A 37 12.64 -2.46 0.81
C ARG A 37 13.09 -2.94 -0.57
N GLU A 38 13.06 -4.25 -0.78
CA GLU A 38 13.47 -4.83 -2.06
C GLU A 38 12.78 -4.12 -3.22
N ALA A 39 11.56 -3.66 -2.99
CA ALA A 39 10.80 -2.96 -4.01
C ALA A 39 11.40 -1.58 -4.28
N GLY A 40 12.02 -1.00 -3.25
CA GLY A 40 12.62 0.31 -3.38
C GLY A 40 12.52 1.11 -2.11
N ASP A 41 12.92 2.39 -2.18
CA ASP A 41 12.87 3.27 -1.02
C ASP A 41 11.45 3.37 -0.48
N VAL A 42 11.21 2.73 0.66
CA VAL A 42 9.90 2.75 1.29
C VAL A 42 9.62 4.09 1.95
N CYS A 43 8.50 4.70 1.59
CA CYS A 43 8.11 6.00 2.14
C CYS A 43 7.56 5.84 3.55
N TYR A 44 6.53 5.01 3.68
CA TYR A 44 5.89 4.78 4.98
C TYR A 44 5.23 3.41 5.01
N ALA A 45 5.20 2.80 6.20
CA ALA A 45 4.60 1.48 6.37
C ALA A 45 3.90 1.37 7.72
N ASP A 46 2.74 0.71 7.73
CA ASP A 46 1.98 0.52 8.96
C ASP A 46 1.31 -0.84 8.99
N VAL A 47 1.28 -1.46 10.16
CA VAL A 47 0.68 -2.78 10.32
C VAL A 47 -0.33 -2.80 11.46
N TYR A 48 -1.60 -3.02 11.11
CA TYR A 48 -2.67 -3.07 12.10
C TYR A 48 -2.77 -4.45 12.73
N ARG A 49 -3.31 -4.51 13.94
CA ARG A 49 -3.46 -5.78 14.66
C ARG A 49 -4.80 -6.44 14.32
N ASP A 50 -5.24 -6.30 13.08
CA ASP A 50 -6.50 -6.88 12.64
C ASP A 50 -6.27 -7.95 11.57
N GLY A 51 -5.13 -7.87 10.89
CA GLY A 51 -4.81 -8.85 9.86
C GLY A 51 -4.57 -8.21 8.51
N THR A 52 -4.05 -6.98 8.52
CA THR A 52 -3.76 -6.26 7.28
C THR A 52 -2.77 -5.12 7.53
N GLY A 53 -2.29 -4.52 6.45
CA GLY A 53 -1.34 -3.44 6.59
C GLY A 53 -1.36 -2.48 5.40
N VAL A 54 -0.59 -1.41 5.49
CA VAL A 54 -0.52 -0.42 4.41
C VAL A 54 0.88 0.12 4.25
N VAL A 55 1.29 0.35 3.00
CA VAL A 55 2.62 0.86 2.71
C VAL A 55 2.56 1.99 1.68
N GLU A 56 3.59 2.83 1.67
CA GLU A 56 3.65 3.95 0.74
C GLU A 56 5.01 4.00 0.04
N PHE A 57 4.98 4.07 -1.29
CA PHE A 57 6.21 4.12 -2.08
C PHE A 57 6.41 5.50 -2.68
N VAL A 58 7.66 5.86 -2.95
CA VAL A 58 7.98 7.15 -3.53
C VAL A 58 7.53 7.22 -4.99
N ARG A 59 8.18 6.45 -5.85
CA ARG A 59 7.83 6.42 -7.27
C ARG A 59 6.75 5.38 -7.54
N LYS A 60 6.10 5.51 -8.69
CA LYS A 60 5.04 4.59 -9.07
C LYS A 60 5.61 3.22 -9.44
N GLU A 61 6.61 3.22 -10.31
CA GLU A 61 7.24 1.98 -10.75
C GLU A 61 7.70 1.14 -9.56
N ASP A 62 8.09 1.80 -8.47
CA ASP A 62 8.54 1.10 -7.28
C ASP A 62 7.36 0.41 -6.59
N MET A 63 6.20 1.07 -6.64
CA MET A 63 5.00 0.53 -6.02
C MET A 63 4.54 -0.71 -6.78
N THR A 64 4.25 -0.54 -8.06
CA THR A 64 3.80 -1.64 -8.91
C THR A 64 4.74 -2.84 -8.79
N TYR A 65 6.02 -2.56 -8.62
CA TYR A 65 7.02 -3.61 -8.48
C TYR A 65 6.77 -4.43 -7.21
N ALA A 66 6.55 -3.73 -6.10
CA ALA A 66 6.32 -4.39 -4.83
C ALA A 66 5.14 -5.35 -4.90
N VAL A 67 4.05 -4.93 -5.55
CA VAL A 67 2.87 -5.75 -5.68
C VAL A 67 3.00 -6.79 -6.77
N ARG A 68 3.70 -6.45 -7.84
CA ARG A 68 3.88 -7.37 -8.96
C ARG A 68 4.97 -8.39 -8.68
N LYS A 69 5.96 -8.00 -7.88
CA LYS A 69 7.07 -8.90 -7.54
C LYS A 69 6.96 -9.38 -6.10
N LEU A 70 6.92 -8.45 -5.16
CA LEU A 70 6.82 -8.80 -3.74
C LEU A 70 5.37 -9.10 -3.35
N ASP A 71 4.85 -10.19 -3.90
CA ASP A 71 3.47 -10.60 -3.62
C ASP A 71 3.44 -11.95 -2.92
N ASN A 72 2.68 -12.03 -1.82
CA ASN A 72 2.57 -13.27 -1.06
C ASN A 72 3.95 -13.74 -0.59
N THR A 73 4.85 -12.79 -0.36
CA THR A 73 6.20 -13.11 0.09
C THR A 73 6.21 -13.55 1.54
N LYS A 74 7.39 -13.80 2.07
CA LYS A 74 7.55 -14.24 3.46
C LYS A 74 8.10 -13.11 4.32
N PHE A 75 7.21 -12.37 4.97
CA PHE A 75 7.61 -11.28 5.84
C PHE A 75 8.31 -11.80 7.09
N ARG A 76 9.43 -11.16 7.44
CA ARG A 76 10.19 -11.55 8.62
C ARG A 76 10.21 -10.44 9.66
N SER A 77 9.37 -10.59 10.67
CA SER A 77 9.27 -9.60 11.74
C SER A 77 10.61 -9.45 12.47
N HIS A 78 10.77 -8.33 13.18
CA HIS A 78 12.00 -8.06 13.93
C HIS A 78 12.11 -8.98 15.15
N GLU A 79 11.03 -9.71 15.45
CA GLU A 79 11.03 -10.62 16.58
C GLU A 79 11.41 -12.04 16.16
N GLY A 80 12.08 -12.16 15.03
CA GLY A 80 12.49 -13.47 14.55
C GLY A 80 11.32 -14.34 14.14
N GLU A 81 10.22 -13.69 13.74
CA GLU A 81 9.02 -14.40 13.32
C GLU A 81 8.73 -14.15 11.84
N THR A 82 8.42 -15.23 11.11
CA THR A 82 8.12 -15.13 9.69
C THR A 82 6.63 -15.32 9.44
N ALA A 83 6.15 -14.79 8.32
CA ALA A 83 4.75 -14.91 7.96
C ALA A 83 4.53 -14.62 6.47
N TYR A 84 3.40 -15.07 5.95
CA TYR A 84 3.08 -14.86 4.54
C TYR A 84 2.14 -13.67 4.39
N ILE A 85 2.65 -12.59 3.80
CA ILE A 85 1.85 -11.38 3.59
C ILE A 85 1.47 -11.21 2.13
N ARG A 86 0.21 -10.84 1.89
CA ARG A 86 -0.28 -10.64 0.53
C ARG A 86 -0.32 -9.15 0.19
N VAL A 87 0.57 -8.73 -0.70
CA VAL A 87 0.64 -7.34 -1.10
C VAL A 87 -0.31 -7.05 -2.26
N LYS A 88 -0.94 -5.88 -2.24
CA LYS A 88 -1.87 -5.48 -3.28
C LYS A 88 -1.89 -3.96 -3.45
N VAL A 89 -2.32 -3.51 -4.62
CA VAL A 89 -2.38 -2.09 -4.91
C VAL A 89 -3.59 -1.45 -4.25
N ASP A 90 -3.34 -0.56 -3.30
CA ASP A 90 -4.43 0.13 -2.57
C ASP A 90 -5.47 0.67 -3.54
N GLY A 91 -5.07 1.64 -4.36
CA GLY A 91 -5.99 2.23 -5.32
C GLY A 91 -6.85 3.31 -4.70
N PRO A 92 -8.17 3.03 -4.49
CA PRO A 92 -9.09 4.00 -3.89
C PRO A 92 -8.64 4.45 -2.50
N ARG A 93 -9.60 4.81 -1.65
CA ARG A 93 -9.31 5.27 -0.28
C ARG A 93 -8.88 6.75 -0.28
N SER A 94 -7.72 7.04 0.33
CA SER A 94 -7.21 8.41 0.42
C SER A 94 -7.57 9.24 -0.81
N PRO A 95 -7.22 8.75 -2.02
CA PRO A 95 -7.52 9.47 -3.26
C PRO A 95 -8.99 9.85 -3.38
N SER A 96 -9.85 8.84 -3.33
CA SER A 96 -11.30 9.06 -3.42
C SER A 96 -11.67 9.70 -4.75
N TYR A 97 -12.49 8.99 -5.53
CA TYR A 97 -12.93 9.48 -6.82
C TYR A 97 -14.45 9.41 -6.96
N GLY A 98 -15.13 9.49 -5.83
CA GLY A 98 -16.58 9.43 -5.83
C GLY A 98 -17.23 10.75 -5.44
N ARG A 99 -18.54 10.73 -5.25
CA ARG A 99 -19.27 11.92 -4.86
C ARG A 99 -20.68 11.57 -4.41
N SER A 100 -21.34 10.68 -5.14
CA SER A 100 -22.69 10.25 -4.81
C SER A 100 -22.75 9.66 -3.40
N ARG A 101 -21.90 8.68 -3.14
CA ARG A 101 -21.85 8.04 -1.83
C ARG A 101 -20.41 7.76 -1.41
N SER A 102 -19.65 8.83 -1.18
CA SER A 102 -18.26 8.69 -0.78
C SER A 102 -17.91 9.68 0.33
N ARG A 103 -18.45 9.44 1.52
CA ARG A 103 -18.21 10.30 2.69
C ARG A 103 -18.28 11.78 2.31
N SER A 104 -19.46 12.22 1.91
CA SER A 104 -19.67 13.62 1.53
C SER A 104 -19.30 14.56 2.67
N ARG A 105 -18.79 15.74 2.32
CA ARG A 105 -18.41 16.73 3.32
C ARG A 105 -18.55 18.14 2.77
N SER A 106 -19.75 18.47 2.31
CA SER A 106 -20.02 19.80 1.76
C SER A 106 -19.10 20.09 0.57
N ARG A 107 -19.11 21.34 0.13
CA ARG A 107 -18.28 21.76 -1.00
C ARG A 107 -17.18 22.71 -0.53
N SER A 108 -16.53 23.37 -1.50
CA SER A 108 -15.46 24.31 -1.19
C SER A 108 -14.29 23.59 -0.50
N ARG A 109 -13.90 24.06 0.69
CA ARG A 109 -12.81 23.44 1.42
C ARG A 109 -12.93 23.70 2.93
N SER A 110 -14.17 23.91 3.38
CA SER A 110 -14.42 24.17 4.79
C SER A 110 -13.53 25.29 5.31
N LEU A 111 -13.57 25.53 6.62
CA LEU A 111 -12.77 26.57 7.25
C LEU A 111 -11.31 26.12 7.37
N GLU A 112 -10.40 26.94 6.84
CA GLU A 112 -8.98 26.63 6.89
C GLU A 112 -8.19 27.76 7.57
N HIS A 113 -6.87 27.71 7.43
CA HIS A 113 -5.99 28.72 8.03
C HIS A 113 -6.40 29.04 9.46
#